data_8BGW
#
_entry.id   8BGW
#
_cell.length_a   1.00
_cell.length_b   1.00
_cell.length_c   1.00
_cell.angle_alpha   90.00
_cell.angle_beta   90.00
_cell.angle_gamma   90.00
#
_symmetry.space_group_name_H-M   'P 1'
#
loop_
_entity.id
_entity.type
_entity.pdbx_description
1 polymer 'Nitric oxide reductase subunit B'
2 non-polymer 'PROTOPORPHYRIN IX CONTAINING FE'
3 non-polymer 'FE (III) ION'
4 non-polymer 'CALCIUM ION'
5 non-polymer 'decyl 4-O-alpha-D-glucopyranosyl-1-thio-beta-D-glucopyranoside'
6 non-polymer UBIQUINONE-1
7 non-polymer '(1R)-2-{[(R)-(2-AMINOETHOXY)(HYDROXY)PHOSPHORYL]OXY}-1-[(DODECANOYLOXY)METHYL]ETHYL (9Z)-OCTADEC-9-ENOATE'
8 water water
#
_entity_poly.entity_id   1
_entity_poly.type   'polypeptide(L)'
_entity_poly.pdbx_seq_one_letter_code
;MGPYRRLWFTLIAVLAVTFALLGFYGGEVYRQAPPIPEEVASADGTRLFGRDDILDGQTAWQSIGGMQLGSIWGHGAYQA
PDWTADWLHRELMAWLDLAARDAHGRDYGQLDAPAQAALREQLKAEYRANRADAAGGKLTLSPRRAQAVAQTEAYYDQLF
SDAPALHRSRENYAMKENTLPDANRRRQMTHFFFWTAWAAATEREGTSVTYTNNWPHEPLIGNHPSSENVMWSIISVVVL
LAGIGLLIWAWAFLRGKEEDEPPAPARDPLTTFALTPSQRALGKYLFLVVALFGFQVLLGGFTAHYTVEGQKFYGIDLSQ
WFPYSLVRTWHIQSALFWIATGFLAAGLFLAPLINGGRDPKYQKAGVDILFWALVLVVVGSFAGNYLAIAQIMPPDLNFW
LGHQGYEYVDLGRLWQIGKFAGICFWLVLMLRGIVPALRTPGGDKNLLALLTASVGAIGLFYGAGFFYGERTHLTVMEYW
RWWIVHLWVEGFFEVFATTALAFIFSTLGLVSRRMATTASLASASLFMLGGIPGTFHHLYFAGTTTPVMAVGASFSALEV
VPLIVLGHEAWENWRLKTRAPWMENLKWPLMCFVAVAFWNMLGAGVFGFMINPPVSLYYIQGLNTTPVHAHAALFGVYGF
LALGFTLLVLRYIRPQYALSPGLMKLAFWGLNLGLALMIFTSLLPIGLIQFHASVSEGMWYARSEAFMQQDILKTLRWGR
TFGDVVFLLGALAMVVQVILGLLSGKPAAAEPVLRAEPARR
;
_entity_poly.pdbx_strand_id   A,B
#
loop_
_chem_comp.id
_chem_comp.type
_chem_comp.name
_chem_comp.formula
10M D-saccharide 'decyl 4-O-alpha-D-glucopyranosyl-1-thio-beta-D-glucopyranoside' 'C22 H42 O10 S'
CA non-polymer 'CALCIUM ION' 'Ca 2'
FE non-polymer 'FE (III) ION' 'Fe 3'
HEM non-polymer 'PROTOPORPHYRIN IX CONTAINING FE' 'C34 H32 Fe N4 O4'
LOP non-polymer '(1R)-2-{[(R)-(2-AMINOETHOXY)(HYDROXY)PHOSPHORYL]OXY}-1-[(DODECANOYLOXY)METHYL]ETHYL (9Z)-OCTADEC-9-ENOATE' 'C35 H68 N O8 P'
UQ1 non-polymer UBIQUINONE-1 'C14 H18 O4'
#
# COMPACT_ATOMS: atom_id res chain seq x y z
N MET A 1 3.13 -29.31 27.42
CA MET A 1 3.07 -27.84 27.11
C MET A 1 3.83 -27.08 28.21
N GLY A 2 3.31 -25.97 28.75
CA GLY A 2 3.85 -25.28 29.93
C GLY A 2 3.92 -23.77 29.75
N PRO A 3 5.11 -23.18 29.55
CA PRO A 3 5.23 -21.73 29.44
C PRO A 3 4.82 -21.17 28.07
N TYR A 4 4.37 -22.05 27.15
CA TYR A 4 3.99 -21.70 25.76
C TYR A 4 2.53 -22.08 25.46
N ARG A 5 1.69 -22.25 26.47
CA ARG A 5 0.24 -22.55 26.31
C ARG A 5 -0.43 -21.47 25.46
N ARG A 6 -0.16 -20.20 25.78
CA ARG A 6 -0.73 -18.99 25.14
C ARG A 6 -0.35 -18.96 23.67
N LEU A 7 0.95 -19.15 23.38
CA LEU A 7 1.53 -19.16 22.01
C LEU A 7 1.00 -20.36 21.25
N TRP A 8 0.78 -21.48 21.93
CA TRP A 8 0.16 -22.68 21.32
C TRP A 8 -1.29 -22.40 20.96
N PHE A 9 -2.07 -22.03 21.96
CA PHE A 9 -3.53 -21.75 21.83
C PHE A 9 -3.72 -20.65 20.79
N THR A 10 -2.79 -19.71 20.71
CA THR A 10 -2.78 -18.67 19.65
C THR A 10 -2.55 -19.32 18.28
N LEU A 11 -1.62 -20.28 18.18
CA LEU A 11 -1.32 -20.95 16.90
C LEU A 11 -2.53 -21.75 16.46
N ILE A 12 -3.03 -22.62 17.32
CA ILE A 12 -4.26 -23.43 17.14
C ILE A 12 -5.42 -22.48 16.74
N ALA A 13 -5.60 -21.38 17.48
CA ALA A 13 -6.65 -20.37 17.24
C ALA A 13 -6.48 -19.83 15.82
N VAL A 14 -5.27 -19.33 15.51
CA VAL A 14 -4.91 -18.85 14.14
C VAL A 14 -5.25 -19.95 13.13
N LEU A 15 -4.79 -21.18 13.36
CA LEU A 15 -5.05 -22.30 12.41
C LEU A 15 -6.55 -22.50 12.27
N ALA A 16 -7.25 -22.72 13.37
CA ALA A 16 -8.72 -22.88 13.45
C ALA A 16 -9.40 -21.80 12.59
N VAL A 17 -9.21 -20.53 12.98
CA VAL A 17 -9.87 -19.36 12.34
C VAL A 17 -9.48 -19.32 10.86
N THR A 18 -8.19 -19.51 10.54
CA THR A 18 -7.68 -19.35 9.17
C THR A 18 -8.24 -20.47 8.29
N PHE A 19 -8.19 -21.73 8.72
CA PHE A 19 -8.68 -22.86 7.91
C PHE A 19 -10.20 -22.85 7.84
N ALA A 20 -10.86 -22.22 8.80
CA ALA A 20 -12.28 -21.81 8.71
C ALA A 20 -12.43 -20.93 7.46
N LEU A 21 -11.77 -19.77 7.43
CA LEU A 21 -11.86 -18.83 6.28
C LEU A 21 -11.53 -19.57 4.98
N LEU A 22 -10.44 -20.35 4.97
CA LEU A 22 -9.98 -21.04 3.75
C LEU A 22 -11.02 -22.07 3.35
N GLY A 23 -11.44 -22.92 4.28
CA GLY A 23 -12.40 -24.00 4.04
C GLY A 23 -13.81 -23.49 3.75
N PHE A 24 -14.24 -22.40 4.38
CA PHE A 24 -15.60 -21.83 4.21
C PHE A 24 -15.68 -21.18 2.83
N TYR A 25 -14.76 -20.25 2.60
CA TYR A 25 -14.66 -19.51 1.32
C TYR A 25 -14.27 -20.49 0.21
N GLY A 26 -13.77 -21.67 0.57
CA GLY A 26 -13.67 -22.85 -0.31
C GLY A 26 -15.00 -23.39 -0.76
N GLY A 27 -16.00 -23.48 0.11
CA GLY A 27 -17.38 -23.78 -0.31
C GLY A 27 -17.91 -22.69 -1.26
N GLU A 28 -17.64 -21.42 -0.97
CA GLU A 28 -18.09 -20.30 -1.84
C GLU A 28 -17.28 -20.31 -3.16
N VAL A 29 -16.07 -20.83 -3.16
CA VAL A 29 -15.25 -20.89 -4.41
C VAL A 29 -15.91 -21.95 -5.31
N TYR A 30 -16.31 -23.08 -4.76
CA TYR A 30 -16.94 -24.18 -5.51
C TYR A 30 -18.28 -23.74 -6.08
N ARG A 31 -19.06 -23.01 -5.28
CA ARG A 31 -20.48 -22.65 -5.55
C ARG A 31 -20.55 -21.55 -6.62
N GLN A 32 -19.72 -20.52 -6.47
CA GLN A 32 -19.66 -19.32 -7.34
C GLN A 32 -18.71 -19.53 -8.52
N ALA A 33 -18.22 -20.74 -8.77
CA ALA A 33 -17.37 -21.04 -9.95
C ALA A 33 -18.16 -20.80 -11.23
N PRO A 34 -17.65 -20.01 -12.20
CA PRO A 34 -18.37 -19.77 -13.45
C PRO A 34 -18.92 -21.07 -13.98
N PRO A 35 -20.20 -21.11 -14.40
CA PRO A 35 -20.76 -22.34 -14.93
C PRO A 35 -19.94 -22.67 -16.15
N ILE A 36 -19.86 -23.94 -16.47
CA ILE A 36 -19.43 -24.42 -17.79
C ILE A 36 -20.75 -24.83 -18.42
N PRO A 37 -21.30 -23.99 -19.31
CA PRO A 37 -22.66 -24.20 -19.81
C PRO A 37 -22.66 -25.57 -20.47
N GLU A 38 -23.61 -26.43 -20.10
CA GLU A 38 -23.70 -27.80 -20.68
C GLU A 38 -23.60 -27.67 -22.18
N GLU A 39 -24.27 -26.66 -22.74
CA GLU A 39 -24.37 -26.40 -24.20
C GLU A 39 -24.07 -24.92 -24.43
N VAL A 40 -23.20 -24.64 -25.39
CA VAL A 40 -23.04 -23.33 -26.02
C VAL A 40 -23.69 -23.41 -27.39
N ALA A 41 -24.74 -22.62 -27.60
CA ALA A 41 -25.49 -22.61 -28.87
C ALA A 41 -25.55 -21.18 -29.40
N SER A 42 -25.54 -20.99 -30.71
CA SER A 42 -25.90 -19.71 -31.36
C SER A 42 -27.40 -19.49 -31.11
N ALA A 43 -27.82 -18.24 -30.97
CA ALA A 43 -29.25 -17.83 -30.86
C ALA A 43 -30.06 -18.49 -31.98
N ASP A 44 -29.52 -18.51 -33.21
CA ASP A 44 -30.14 -19.19 -34.39
C ASP A 44 -30.46 -20.65 -34.05
N GLY A 45 -29.80 -21.22 -33.02
CA GLY A 45 -30.16 -22.49 -32.37
C GLY A 45 -29.09 -23.56 -32.54
N THR A 46 -28.12 -23.35 -33.44
CA THR A 46 -27.02 -24.31 -33.70
C THR A 46 -26.18 -24.49 -32.42
N ARG A 47 -25.99 -25.74 -32.02
CA ARG A 47 -25.04 -26.15 -30.97
C ARG A 47 -23.62 -25.86 -31.44
N LEU A 48 -22.92 -24.95 -30.76
CA LEU A 48 -21.53 -24.58 -31.06
C LEU A 48 -20.60 -25.62 -30.42
N PHE A 49 -20.78 -25.84 -29.12
CA PHE A 49 -19.99 -26.79 -28.30
C PHE A 49 -20.68 -26.89 -26.96
N GLY A 50 -20.18 -27.71 -26.05
CA GLY A 50 -20.70 -27.79 -24.68
C GLY A 50 -19.62 -27.92 -23.65
N ARG A 51 -20.04 -28.21 -22.41
CA ARG A 51 -19.19 -28.54 -21.24
C ARG A 51 -18.05 -29.43 -21.70
N ASP A 52 -18.42 -30.60 -22.22
CA ASP A 52 -17.46 -31.68 -22.53
C ASP A 52 -16.39 -31.13 -23.47
N ASP A 53 -16.76 -30.27 -24.40
CA ASP A 53 -15.83 -29.65 -25.38
C ASP A 53 -14.96 -28.61 -24.66
N ILE A 54 -15.54 -27.83 -23.78
CA ILE A 54 -14.77 -26.86 -22.96
C ILE A 54 -13.76 -27.65 -22.12
N LEU A 55 -14.20 -28.73 -21.47
CA LEU A 55 -13.33 -29.55 -20.59
C LEU A 55 -12.28 -30.27 -21.44
N ASP A 56 -12.67 -30.89 -22.55
CA ASP A 56 -11.73 -31.46 -23.56
C ASP A 56 -10.70 -30.41 -23.97
N GLY A 57 -11.12 -29.17 -24.06
CA GLY A 57 -10.23 -28.08 -24.40
C GLY A 57 -9.32 -27.74 -23.27
N GLN A 58 -9.80 -27.91 -22.04
CA GLN A 58 -9.00 -27.76 -20.81
C GLN A 58 -7.87 -28.78 -20.88
N THR A 59 -8.21 -30.02 -21.20
CA THR A 59 -7.20 -31.10 -21.31
C THR A 59 -6.20 -30.87 -22.44
N ALA A 60 -6.65 -30.39 -23.58
CA ALA A 60 -5.76 -30.06 -24.71
C ALA A 60 -4.82 -28.97 -24.27
N TRP A 61 -5.36 -27.93 -23.66
CA TRP A 61 -4.55 -26.83 -23.11
C TRP A 61 -3.54 -27.38 -22.09
N GLN A 62 -3.98 -28.29 -21.23
CA GLN A 62 -3.11 -28.90 -20.23
C GLN A 62 -1.95 -29.55 -20.95
N SER A 63 -2.27 -30.28 -22.00
CA SER A 63 -1.35 -31.19 -22.72
C SER A 63 -0.20 -30.38 -23.32
N ILE A 64 -0.43 -29.10 -23.56
CA ILE A 64 0.56 -28.24 -24.24
C ILE A 64 1.33 -27.48 -23.20
N GLY A 65 1.15 -27.78 -21.91
CA GLY A 65 1.89 -27.06 -20.86
C GLY A 65 0.96 -26.17 -20.05
N GLY A 66 -0.29 -26.04 -20.48
CA GLY A 66 -1.33 -25.28 -19.80
C GLY A 66 -0.76 -23.95 -19.42
N MET A 67 -0.61 -23.73 -18.13
CA MET A 67 -0.15 -22.45 -17.57
C MET A 67 1.35 -22.29 -17.81
N GLN A 68 2.02 -23.24 -18.43
CA GLN A 68 3.44 -23.05 -18.77
C GLN A 68 3.55 -22.42 -20.13
N LEU A 69 2.41 -22.21 -20.78
CA LEU A 69 2.33 -21.51 -22.07
C LEU A 69 1.28 -20.43 -21.94
N GLY A 70 1.72 -19.20 -21.82
CA GLY A 70 0.84 -18.10 -21.42
C GLY A 70 -0.07 -18.49 -20.30
N SER A 71 -1.16 -17.75 -20.18
CA SER A 71 -1.95 -17.65 -18.94
C SER A 71 -3.39 -17.87 -19.27
N ILE A 72 -4.08 -18.35 -18.25
CA ILE A 72 -5.56 -18.38 -18.17
C ILE A 72 -5.96 -17.67 -16.90
N TRP A 73 -6.78 -16.65 -17.05
CA TRP A 73 -7.27 -15.87 -15.92
C TRP A 73 -6.06 -15.30 -15.20
N GLY A 74 -5.07 -14.93 -15.99
CA GLY A 74 -3.84 -14.34 -15.49
C GLY A 74 -2.95 -15.29 -14.72
N HIS A 75 -3.20 -16.58 -14.77
CA HIS A 75 -2.30 -17.59 -14.17
C HIS A 75 -1.49 -18.25 -15.26
N GLY A 76 -0.18 -18.21 -15.14
CA GLY A 76 0.67 -19.12 -15.94
C GLY A 76 1.89 -18.41 -16.36
N ALA A 77 2.20 -18.51 -17.62
CA ALA A 77 3.49 -18.06 -18.11
C ALA A 77 3.22 -16.72 -18.73
N TYR A 78 4.26 -15.96 -19.01
CA TYR A 78 4.11 -14.56 -19.37
C TYR A 78 4.62 -14.27 -20.76
N GLN A 79 5.18 -15.20 -21.49
CA GLN A 79 5.73 -14.82 -22.80
C GLN A 79 4.60 -14.88 -23.83
N ALA A 80 3.81 -15.94 -23.81
CA ALA A 80 2.57 -16.03 -24.58
C ALA A 80 1.57 -15.09 -23.95
N PRO A 81 0.42 -14.81 -24.59
CA PRO A 81 -0.58 -13.93 -23.98
C PRO A 81 -1.26 -14.62 -22.82
N ASP A 82 -1.96 -13.84 -22.03
CA ASP A 82 -3.10 -14.43 -21.33
C ASP A 82 -4.14 -14.80 -22.37
N TRP A 83 -4.40 -16.08 -22.54
CA TRP A 83 -5.33 -16.56 -23.56
C TRP A 83 -6.72 -16.01 -23.31
N THR A 84 -7.11 -15.90 -22.06
CA THR A 84 -8.43 -15.38 -21.72
C THR A 84 -8.49 -13.96 -22.25
N ALA A 85 -7.49 -13.17 -21.97
CA ALA A 85 -7.51 -11.72 -22.22
C ALA A 85 -7.38 -11.50 -23.74
N ASP A 86 -6.49 -12.26 -24.33
CA ASP A 86 -6.21 -12.27 -25.78
C ASP A 86 -7.46 -12.74 -26.52
N TRP A 87 -8.08 -13.79 -26.06
CA TRP A 87 -9.29 -14.29 -26.68
C TRP A 87 -10.39 -13.23 -26.57
N LEU A 88 -10.68 -12.83 -25.36
CA LEU A 88 -11.68 -11.79 -25.05
C LEU A 88 -11.45 -10.64 -25.99
N HIS A 89 -10.24 -10.13 -26.03
CA HIS A 89 -9.99 -8.94 -26.84
C HIS A 89 -10.26 -9.22 -28.32
N ARG A 90 -9.99 -10.41 -28.78
CA ARG A 90 -10.02 -10.74 -30.21
C ARG A 90 -11.46 -10.99 -30.62
N GLU A 91 -12.17 -11.66 -29.74
CA GLU A 91 -13.61 -11.89 -29.89
C GLU A 91 -14.35 -10.57 -29.79
N LEU A 92 -14.10 -9.75 -28.79
CA LEU A 92 -14.84 -8.47 -28.66
C LEU A 92 -14.53 -7.62 -29.89
N MET A 93 -13.27 -7.57 -30.30
CA MET A 93 -12.88 -6.80 -31.48
C MET A 93 -13.53 -7.37 -32.72
N ALA A 94 -13.74 -8.67 -32.79
CA ALA A 94 -14.31 -9.34 -33.96
C ALA A 94 -15.75 -8.90 -34.02
N TRP A 95 -16.42 -9.06 -32.89
CA TRP A 95 -17.80 -8.61 -32.65
C TRP A 95 -17.96 -7.16 -33.09
N LEU A 96 -17.07 -6.30 -32.63
CA LEU A 96 -17.09 -4.85 -32.95
C LEU A 96 -16.89 -4.64 -34.45
N ASP A 97 -16.07 -5.45 -35.10
CA ASP A 97 -15.88 -5.38 -36.56
C ASP A 97 -17.16 -5.83 -37.26
N LEU A 98 -17.88 -6.81 -36.72
CA LEU A 98 -19.16 -7.31 -37.26
C LEU A 98 -20.26 -6.27 -37.00
N ALA A 99 -20.36 -5.82 -35.76
CA ALA A 99 -21.22 -4.70 -35.34
C ALA A 99 -21.02 -3.52 -36.29
N ALA A 100 -19.77 -3.11 -36.48
CA ALA A 100 -19.44 -1.87 -37.20
C ALA A 100 -19.84 -2.01 -38.67
N ARG A 101 -19.59 -3.17 -39.26
CA ARG A 101 -19.95 -3.53 -40.65
C ARG A 101 -21.46 -3.55 -40.82
N ASP A 102 -22.18 -4.25 -39.94
CA ASP A 102 -23.66 -4.32 -39.94
C ASP A 102 -24.23 -2.89 -40.01
N ALA A 103 -23.77 -2.01 -39.12
CA ALA A 103 -24.37 -0.70 -38.81
C ALA A 103 -23.78 0.42 -39.68
N HIS A 104 -22.51 0.31 -40.11
CA HIS A 104 -21.77 1.38 -40.83
C HIS A 104 -20.97 0.84 -42.02
N GLY A 105 -21.02 -0.46 -42.33
CA GLY A 105 -20.23 -1.07 -43.41
C GLY A 105 -18.76 -0.65 -43.42
N ARG A 106 -18.29 -0.08 -42.32
CA ARG A 106 -16.86 0.19 -42.04
C ARG A 106 -16.50 -0.71 -40.86
N ASP A 107 -15.22 -0.97 -40.66
CA ASP A 107 -14.75 -1.72 -39.47
C ASP A 107 -14.75 -0.76 -38.28
N TYR A 108 -14.78 -1.31 -37.08
CA TYR A 108 -14.75 -0.54 -35.81
C TYR A 108 -13.64 0.51 -35.80
N GLY A 109 -12.45 0.12 -36.24
CA GLY A 109 -11.27 1.01 -36.30
C GLY A 109 -11.51 2.19 -37.22
N GLN A 110 -12.35 2.00 -38.24
CA GLN A 110 -12.64 3.02 -39.27
C GLN A 110 -13.68 4.03 -38.76
N LEU A 111 -14.48 3.65 -37.77
CA LEU A 111 -15.55 4.49 -37.19
C LEU A 111 -14.98 5.62 -36.33
N ASP A 112 -15.71 6.73 -36.28
CA ASP A 112 -15.55 7.85 -35.33
C ASP A 112 -15.74 7.33 -33.90
N ALA A 113 -15.15 8.01 -32.92
CA ALA A 113 -15.22 7.66 -31.49
C ALA A 113 -16.68 7.49 -31.05
N PRO A 114 -17.62 8.38 -31.42
CA PRO A 114 -19.01 8.22 -31.00
C PRO A 114 -19.63 6.91 -31.48
N ALA A 115 -19.47 6.56 -32.76
CA ALA A 115 -19.97 5.27 -33.31
C ALA A 115 -19.32 4.14 -32.52
N GLN A 116 -18.00 4.23 -32.38
CA GLN A 116 -17.19 3.28 -31.60
C GLN A 116 -17.74 3.17 -30.18
N ALA A 117 -18.08 4.30 -29.55
CA ALA A 117 -18.55 4.31 -28.16
C ALA A 117 -19.88 3.56 -28.08
N ALA A 118 -20.73 3.74 -29.08
CA ALA A 118 -22.08 3.16 -29.16
C ALA A 118 -21.95 1.66 -29.40
N LEU A 119 -21.13 1.29 -30.37
CA LEU A 119 -20.75 -0.11 -30.57
C LEU A 119 -20.22 -0.70 -29.27
N ARG A 120 -19.20 -0.08 -28.66
CA ARG A 120 -18.67 -0.58 -27.38
C ARG A 120 -19.81 -0.74 -26.39
N GLU A 121 -20.79 0.16 -26.40
CA GLU A 121 -21.90 0.07 -25.40
C GLU A 121 -22.75 -1.15 -25.72
N GLN A 122 -23.00 -1.43 -27.00
CA GLN A 122 -23.76 -2.62 -27.45
C GLN A 122 -22.97 -3.89 -27.18
N LEU A 123 -21.67 -3.85 -27.44
CA LEU A 123 -20.76 -4.98 -27.09
C LEU A 123 -20.92 -5.23 -25.60
N LYS A 124 -20.70 -4.20 -24.79
CA LYS A 124 -20.72 -4.34 -23.33
C LYS A 124 -22.07 -4.92 -22.92
N ALA A 125 -23.17 -4.35 -23.43
CA ALA A 125 -24.53 -4.80 -23.08
C ALA A 125 -24.60 -6.29 -23.33
N GLU A 126 -24.12 -6.73 -24.49
CA GLU A 126 -24.28 -8.13 -24.91
C GLU A 126 -23.40 -9.04 -24.06
N TYR A 127 -22.11 -8.76 -24.01
CA TYR A 127 -21.11 -9.64 -23.37
C TYR A 127 -21.39 -9.75 -21.87
N ARG A 128 -21.61 -8.62 -21.21
CA ARG A 128 -21.77 -8.64 -19.75
C ARG A 128 -23.05 -9.35 -19.37
N ALA A 129 -24.05 -9.40 -20.24
CA ALA A 129 -25.40 -9.93 -19.90
C ALA A 129 -25.50 -11.38 -20.33
N ASN A 130 -24.43 -11.94 -20.88
CA ASN A 130 -24.48 -13.20 -21.66
C ASN A 130 -24.36 -14.39 -20.70
N ARG A 131 -25.12 -14.38 -19.62
CA ARG A 131 -25.17 -15.52 -18.68
C ARG A 131 -25.74 -16.74 -19.39
N ALA A 132 -25.33 -17.91 -18.93
CA ALA A 132 -25.93 -19.20 -19.31
C ALA A 132 -27.32 -19.22 -18.67
N ASP A 133 -28.11 -20.23 -19.00
CA ASP A 133 -29.42 -20.50 -18.35
C ASP A 133 -29.17 -20.74 -16.86
N ALA A 134 -30.23 -20.70 -16.05
CA ALA A 134 -30.25 -21.23 -14.66
C ALA A 134 -29.85 -22.72 -14.71
N ALA A 135 -28.96 -23.13 -13.81
CA ALA A 135 -28.33 -24.47 -13.74
C ALA A 135 -27.08 -24.54 -14.63
N GLY A 136 -26.60 -23.39 -15.13
CA GLY A 136 -25.54 -23.30 -16.17
C GLY A 136 -25.81 -24.28 -17.29
N GLY A 137 -27.05 -24.29 -17.79
CA GLY A 137 -27.60 -25.35 -18.66
C GLY A 137 -27.25 -25.11 -20.10
N LYS A 138 -27.49 -23.89 -20.58
CA LYS A 138 -27.27 -23.50 -21.99
C LYS A 138 -26.80 -22.06 -22.03
N LEU A 139 -25.71 -21.82 -22.75
CA LEU A 139 -25.22 -20.48 -23.08
C LEU A 139 -25.61 -20.27 -24.53
N THR A 140 -26.44 -19.27 -24.79
CA THR A 140 -26.80 -18.90 -26.17
C THR A 140 -25.90 -17.74 -26.52
N LEU A 141 -25.19 -17.86 -27.63
CA LEU A 141 -24.45 -16.70 -28.16
C LEU A 141 -25.32 -16.06 -29.23
N SER A 142 -25.39 -14.74 -29.22
CA SER A 142 -25.91 -13.95 -30.34
C SER A 142 -25.15 -14.38 -31.58
N PRO A 143 -25.75 -14.39 -32.79
CA PRO A 143 -25.05 -14.88 -33.96
C PRO A 143 -23.77 -14.11 -34.27
N ARG A 144 -23.75 -12.84 -33.89
CA ARG A 144 -22.56 -11.97 -34.03
C ARG A 144 -21.48 -12.54 -33.11
N ARG A 145 -21.84 -12.82 -31.87
CA ARG A 145 -20.88 -13.43 -30.93
C ARG A 145 -20.51 -14.81 -31.46
N ALA A 146 -21.48 -15.64 -31.83
CA ALA A 146 -21.19 -16.95 -32.43
C ALA A 146 -20.17 -16.75 -33.55
N GLN A 147 -20.32 -15.72 -34.36
CA GLN A 147 -19.39 -15.41 -35.47
C GLN A 147 -18.02 -14.94 -34.94
N ALA A 148 -18.00 -13.94 -34.07
CA ALA A 148 -16.80 -13.43 -33.37
C ALA A 148 -16.00 -14.61 -32.84
N VAL A 149 -16.70 -15.50 -32.17
CA VAL A 149 -16.14 -16.72 -31.57
C VAL A 149 -15.54 -17.55 -32.68
N ALA A 150 -16.31 -17.84 -33.72
CA ALA A 150 -15.86 -18.66 -34.86
C ALA A 150 -14.56 -18.07 -35.41
N GLN A 151 -14.47 -16.76 -35.58
CA GLN A 151 -13.25 -16.20 -36.21
C GLN A 151 -12.13 -16.04 -35.17
N THR A 152 -12.44 -16.02 -33.87
CA THR A 152 -11.42 -16.10 -32.80
C THR A 152 -10.92 -17.55 -32.71
N GLU A 153 -11.81 -18.54 -32.77
CA GLU A 153 -11.39 -19.95 -32.88
C GLU A 153 -10.40 -20.12 -34.02
N ALA A 154 -10.69 -19.55 -35.18
CA ALA A 154 -9.85 -19.68 -36.40
C ALA A 154 -8.44 -19.19 -36.09
N TYR A 155 -8.36 -18.02 -35.47
CA TYR A 155 -7.08 -17.38 -35.15
C TYR A 155 -6.21 -18.30 -34.32
N TYR A 156 -6.78 -18.86 -33.24
CA TYR A 156 -6.06 -19.72 -32.27
C TYR A 156 -5.77 -21.06 -32.93
N ASP A 157 -6.65 -21.53 -33.79
CA ASP A 157 -6.41 -22.79 -34.56
C ASP A 157 -5.10 -22.64 -35.35
N GLN A 158 -4.84 -21.44 -35.83
CA GLN A 158 -3.65 -21.11 -36.65
C GLN A 158 -2.47 -20.90 -35.74
N LEU A 159 -2.68 -20.17 -34.64
CA LEU A 159 -1.55 -19.84 -33.73
C LEU A 159 -0.96 -21.14 -33.20
N PHE A 160 -1.81 -22.09 -32.82
CA PHE A 160 -1.37 -23.28 -32.09
C PHE A 160 -1.00 -24.39 -33.05
N SER A 161 -0.98 -24.08 -34.35
CA SER A 161 -0.60 -25.01 -35.43
C SER A 161 0.75 -24.55 -35.98
N ASP A 162 1.10 -24.98 -37.19
CA ASP A 162 2.36 -24.63 -37.90
C ASP A 162 2.07 -23.51 -38.91
N ALA A 163 0.88 -22.91 -38.85
CA ALA A 163 0.37 -21.92 -39.84
C ALA A 163 1.36 -20.79 -39.99
N PRO A 164 2.06 -20.66 -41.15
CA PRO A 164 3.17 -19.71 -41.28
C PRO A 164 2.79 -18.25 -41.04
N ALA A 165 1.53 -17.92 -41.28
CA ALA A 165 0.94 -16.58 -41.03
C ALA A 165 1.25 -16.13 -39.60
N LEU A 166 1.14 -17.06 -38.63
CA LEU A 166 1.32 -16.77 -37.19
C LEU A 166 2.66 -17.31 -36.65
N HIS A 167 3.65 -17.47 -37.51
CA HIS A 167 5.01 -17.91 -37.12
C HIS A 167 5.65 -16.86 -36.22
N ARG A 168 5.74 -15.63 -36.69
CA ARG A 168 6.29 -14.48 -35.94
C ARG A 168 5.67 -14.44 -34.55
N SER A 169 4.37 -14.71 -34.46
CA SER A 169 3.59 -14.68 -33.21
C SER A 169 4.06 -15.80 -32.29
N ARG A 170 4.14 -17.00 -32.82
CA ARG A 170 4.65 -18.13 -32.06
C ARG A 170 6.06 -17.83 -31.57
N GLU A 171 6.92 -17.31 -32.42
CA GLU A 171 8.27 -16.91 -32.00
C GLU A 171 8.14 -15.91 -30.86
N ASN A 172 7.29 -14.92 -31.02
CA ASN A 172 7.21 -13.85 -30.02
C ASN A 172 6.62 -14.44 -28.75
N TYR A 173 5.87 -15.52 -28.89
CA TYR A 173 5.11 -16.13 -27.81
C TYR A 173 5.88 -17.31 -27.24
N ALA A 174 7.06 -17.58 -27.79
CA ALA A 174 7.88 -18.75 -27.43
C ALA A 174 6.98 -19.96 -27.53
N MET A 175 6.13 -19.98 -28.52
CA MET A 175 5.30 -21.15 -28.78
C MET A 175 6.09 -21.97 -29.75
N LYS A 176 6.11 -23.28 -29.58
CA LYS A 176 6.76 -24.10 -30.62
C LYS A 176 5.80 -24.14 -31.81
N GLU A 177 6.33 -24.32 -33.01
CA GLU A 177 5.53 -24.61 -34.21
C GLU A 177 4.76 -25.90 -33.93
N ASN A 178 3.47 -25.89 -34.19
CA ASN A 178 2.58 -27.06 -33.99
C ASN A 178 2.59 -27.36 -32.50
N THR A 179 2.35 -26.32 -31.71
CA THR A 179 2.22 -26.43 -30.26
C THR A 179 1.20 -27.51 -29.94
N LEU A 180 0.11 -27.55 -30.68
CA LEU A 180 -1.04 -28.43 -30.43
C LEU A 180 -1.48 -28.99 -31.78
N PRO A 181 -0.79 -30.05 -32.29
CA PRO A 181 -0.92 -30.45 -33.68
C PRO A 181 -2.24 -31.10 -34.11
N ASP A 182 -2.98 -31.71 -33.20
CA ASP A 182 -4.34 -32.25 -33.49
C ASP A 182 -5.29 -31.08 -33.67
N ALA A 183 -5.90 -30.98 -34.86
CA ALA A 183 -6.88 -29.91 -35.20
C ALA A 183 -8.07 -29.97 -34.25
N ASN A 184 -8.52 -31.18 -33.87
CA ASN A 184 -9.69 -31.33 -32.97
C ASN A 184 -9.31 -30.73 -31.61
N ARG A 185 -8.19 -31.18 -31.07
CA ARG A 185 -7.67 -30.75 -29.76
C ARG A 185 -7.60 -29.23 -29.75
N ARG A 186 -7.11 -28.63 -30.85
CA ARG A 186 -7.02 -27.17 -30.97
C ARG A 186 -8.41 -26.56 -30.98
N ARG A 187 -9.32 -27.14 -31.74
CA ARG A 187 -10.71 -26.65 -31.72
C ARG A 187 -11.18 -26.72 -30.27
N GLN A 188 -11.11 -27.88 -29.65
CA GLN A 188 -11.63 -28.09 -28.27
C GLN A 188 -10.98 -27.01 -27.42
N MET A 189 -9.67 -26.82 -27.62
CA MET A 189 -8.90 -25.89 -26.81
C MET A 189 -9.48 -24.49 -26.93
N THR A 190 -9.86 -24.09 -28.14
CA THR A 190 -10.47 -22.76 -28.39
C THR A 190 -11.77 -22.68 -27.61
N HIS A 191 -12.51 -23.79 -27.54
CA HIS A 191 -13.73 -23.83 -26.69
C HIS A 191 -13.38 -23.47 -25.27
N PHE A 192 -12.34 -24.09 -24.76
CA PHE A 192 -11.82 -23.80 -23.42
C PHE A 192 -11.46 -22.33 -23.37
N PHE A 193 -10.65 -21.86 -24.30
CA PHE A 193 -10.28 -20.44 -24.31
C PHE A 193 -11.50 -19.55 -24.27
N PHE A 194 -12.47 -19.92 -25.08
CA PHE A 194 -13.75 -19.21 -25.17
C PHE A 194 -14.36 -19.12 -23.79
N TRP A 195 -14.59 -20.29 -23.21
CA TRP A 195 -15.19 -20.40 -21.87
C TRP A 195 -14.46 -19.47 -20.89
N THR A 196 -13.14 -19.39 -20.91
CA THR A 196 -12.47 -18.56 -19.89
C THR A 196 -12.77 -17.09 -20.17
N ALA A 197 -12.77 -16.71 -21.45
CA ALA A 197 -13.05 -15.33 -21.87
C ALA A 197 -14.50 -15.03 -21.57
N TRP A 198 -15.34 -15.99 -21.84
CA TRP A 198 -16.77 -15.90 -21.54
C TRP A 198 -16.95 -15.62 -20.05
N ALA A 199 -16.45 -16.51 -19.20
CA ALA A 199 -16.47 -16.30 -17.74
C ALA A 199 -15.91 -14.90 -17.47
N ALA A 200 -14.78 -14.56 -18.05
CA ALA A 200 -14.09 -13.30 -17.79
C ALA A 200 -15.03 -12.13 -18.08
N ALA A 201 -15.95 -12.31 -19.03
CA ALA A 201 -16.71 -11.21 -19.63
C ALA A 201 -18.17 -11.19 -19.23
N THR A 202 -18.67 -12.24 -18.60
CA THR A 202 -20.09 -12.37 -18.21
C THR A 202 -20.25 -11.92 -16.75
N GLU A 203 -21.15 -10.99 -16.50
CA GLU A 203 -21.51 -10.57 -15.13
C GLU A 203 -22.15 -11.76 -14.43
N ARG A 204 -21.82 -11.93 -13.16
CA ARG A 204 -22.55 -12.90 -12.31
C ARG A 204 -23.99 -12.42 -12.18
N GLU A 205 -24.94 -13.36 -12.14
CA GLU A 205 -26.38 -13.04 -11.95
C GLU A 205 -26.49 -12.05 -10.80
N GLY A 206 -27.16 -10.92 -11.04
CA GLY A 206 -27.44 -9.90 -10.02
C GLY A 206 -26.17 -9.35 -9.43
N THR A 207 -25.15 -9.14 -10.27
CA THR A 207 -23.93 -8.36 -9.97
C THR A 207 -23.59 -7.53 -11.22
N SER A 208 -22.70 -6.56 -11.04
CA SER A 208 -22.09 -5.77 -12.12
C SER A 208 -20.70 -6.35 -12.40
N VAL A 209 -20.47 -7.57 -11.96
CA VAL A 209 -19.09 -8.08 -11.80
C VAL A 209 -19.02 -9.40 -12.54
N THR A 210 -18.01 -9.58 -13.36
CA THR A 210 -17.87 -10.87 -14.08
C THR A 210 -17.47 -11.98 -13.13
N TYR A 211 -17.61 -13.22 -13.60
CA TYR A 211 -17.23 -14.43 -12.87
C TYR A 211 -15.77 -14.34 -12.43
N THR A 212 -14.96 -13.60 -13.17
CA THR A 212 -13.53 -13.37 -12.90
C THR A 212 -13.33 -12.05 -12.20
N ASN A 213 -14.39 -11.47 -11.63
CA ASN A 213 -14.24 -10.17 -10.95
C ASN A 213 -13.71 -9.17 -11.94
N ASN A 214 -14.30 -9.18 -13.14
CA ASN A 214 -14.04 -8.17 -14.18
C ASN A 214 -12.65 -8.30 -14.70
N TRP A 215 -12.07 -9.44 -14.46
CA TRP A 215 -10.72 -9.72 -14.93
C TRP A 215 -10.91 -10.35 -16.30
N PRO A 216 -10.15 -9.99 -17.34
CA PRO A 216 -9.07 -9.05 -17.24
C PRO A 216 -9.57 -7.64 -17.54
N HIS A 217 -8.69 -6.71 -17.32
CA HIS A 217 -8.90 -5.30 -17.60
C HIS A 217 -9.11 -5.23 -19.10
N GLU A 218 -10.34 -4.95 -19.48
CA GLU A 218 -10.81 -4.98 -20.87
C GLU A 218 -11.80 -3.83 -20.97
N PRO A 219 -11.29 -2.62 -21.19
CA PRO A 219 -12.12 -1.42 -21.26
C PRO A 219 -13.33 -1.65 -22.18
N LEU A 220 -13.16 -2.42 -23.27
CA LEU A 220 -14.22 -2.69 -24.27
C LEU A 220 -15.51 -3.21 -23.64
N ILE A 221 -15.46 -3.94 -22.54
CA ILE A 221 -16.72 -4.45 -21.92
C ILE A 221 -16.80 -3.89 -20.51
N GLY A 222 -16.10 -2.79 -20.27
CA GLY A 222 -16.11 -2.18 -18.93
C GLY A 222 -15.68 -3.14 -17.84
N ASN A 223 -14.84 -4.12 -18.18
CA ASN A 223 -13.99 -4.85 -17.21
C ASN A 223 -12.98 -3.84 -16.67
N HIS A 224 -13.31 -3.36 -15.49
CA HIS A 224 -12.48 -2.49 -14.65
C HIS A 224 -12.62 -3.15 -13.30
N PRO A 225 -11.65 -2.90 -12.41
CA PRO A 225 -11.74 -3.42 -11.06
C PRO A 225 -13.12 -3.08 -10.53
N SER A 226 -13.83 -4.03 -9.94
CA SER A 226 -15.01 -3.73 -9.09
C SER A 226 -14.69 -2.61 -8.09
N SER A 227 -15.72 -1.94 -7.56
CA SER A 227 -15.55 -0.93 -6.49
C SER A 227 -15.08 -1.69 -5.23
N GLU A 228 -15.64 -2.89 -4.97
CA GLU A 228 -15.24 -3.82 -3.89
C GLU A 228 -13.74 -4.15 -3.99
N ASN A 229 -13.28 -4.61 -5.14
CA ASN A 229 -11.83 -4.79 -5.40
C ASN A 229 -11.13 -3.54 -4.86
N VAL A 230 -11.54 -2.36 -5.29
CA VAL A 230 -10.90 -1.06 -4.92
C VAL A 230 -11.01 -0.83 -3.39
N MET A 231 -12.15 -1.16 -2.81
CA MET A 231 -12.40 -1.10 -1.35
C MET A 231 -11.27 -1.89 -0.68
N TRP A 232 -11.25 -3.19 -0.95
CA TRP A 232 -10.47 -4.19 -0.19
C TRP A 232 -8.98 -3.94 -0.39
N SER A 233 -8.66 -3.33 -1.50
CA SER A 233 -7.32 -2.91 -1.89
C SER A 233 -6.85 -1.84 -0.93
N ILE A 234 -7.69 -0.84 -0.65
CA ILE A 234 -7.35 0.28 0.28
C ILE A 234 -7.29 -0.35 1.68
N ILE A 235 -8.27 -1.16 2.00
CA ILE A 235 -8.31 -1.82 3.32
C ILE A 235 -7.02 -2.63 3.49
N SER A 236 -6.61 -3.38 2.48
CA SER A 236 -5.40 -4.23 2.57
C SER A 236 -4.23 -3.35 3.01
N VAL A 237 -4.07 -2.19 2.39
CA VAL A 237 -2.88 -1.32 2.68
C VAL A 237 -2.94 -0.90 4.15
N VAL A 238 -4.15 -0.57 4.60
CA VAL A 238 -4.39 -0.12 5.98
C VAL A 238 -4.17 -1.31 6.89
N VAL A 239 -4.73 -2.44 6.52
CA VAL A 239 -4.49 -3.67 7.30
C VAL A 239 -2.99 -3.86 7.38
N LEU A 240 -2.28 -3.67 6.27
CA LEU A 240 -0.82 -3.95 6.23
C LEU A 240 -0.11 -2.99 7.19
N LEU A 241 -0.38 -1.70 7.09
CA LEU A 241 0.41 -0.69 7.79
C LEU A 241 0.00 -0.70 9.26
N ALA A 242 -1.29 -0.83 9.51
CA ALA A 242 -1.83 -0.99 10.87
C ALA A 242 -1.07 -2.17 11.47
N GLY A 243 -1.06 -3.27 10.72
CA GLY A 243 -0.49 -4.56 11.12
C GLY A 243 0.96 -4.41 11.50
N ILE A 244 1.73 -3.72 10.68
CA ILE A 244 3.17 -3.50 10.94
C ILE A 244 3.28 -2.61 12.18
N GLY A 245 2.55 -1.51 12.20
CA GLY A 245 2.65 -0.49 13.24
C GLY A 245 2.32 -1.09 14.60
N LEU A 246 1.22 -1.82 14.65
CA LEU A 246 0.74 -2.54 15.85
C LEU A 246 1.70 -3.66 16.19
N LEU A 247 2.15 -4.45 15.21
CA LEU A 247 3.13 -5.53 15.47
C LEU A 247 4.36 -4.92 16.17
N ILE A 248 4.89 -3.84 15.61
CA ILE A 248 6.08 -3.17 16.17
C ILE A 248 5.73 -2.61 17.53
N TRP A 249 4.54 -2.06 17.68
CA TRP A 249 4.08 -1.56 18.99
C TRP A 249 4.02 -2.70 20.00
N ALA A 250 3.37 -3.81 19.66
CA ALA A 250 3.20 -5.03 20.49
C ALA A 250 4.58 -5.53 20.89
N TRP A 251 5.46 -5.61 19.91
CA TRP A 251 6.82 -6.16 20.12
C TRP A 251 7.57 -5.20 21.04
N ALA A 252 7.54 -3.90 20.73
CA ALA A 252 8.21 -2.85 21.51
C ALA A 252 7.81 -2.96 22.99
N PHE A 253 6.53 -3.24 23.27
CA PHE A 253 5.87 -3.07 24.58
C PHE A 253 5.64 -4.41 25.28
N LEU A 254 5.71 -5.55 24.58
CA LEU A 254 5.32 -6.88 25.13
C LEU A 254 6.45 -7.90 24.96
N ARG A 255 7.70 -7.44 24.90
CA ARG A 255 8.90 -8.32 24.91
C ARG A 255 9.15 -8.84 26.34
N GLY A 256 9.28 -7.93 27.31
CA GLY A 256 9.51 -8.24 28.74
C GLY A 256 11.00 -8.28 29.09
N LYS A 257 11.83 -7.47 28.42
CA LYS A 257 13.28 -7.27 28.70
C LYS A 257 14.12 -8.40 28.10
N GLU A 258 13.70 -9.66 28.31
CA GLU A 258 14.32 -10.89 27.75
C GLU A 258 15.55 -11.26 28.58
N GLU A 259 15.71 -12.55 28.88
CA GLU A 259 16.78 -13.08 29.77
C GLU A 259 17.07 -14.54 29.38
N ASP A 260 18.11 -15.12 30.00
CA ASP A 260 18.64 -16.48 29.68
C ASP A 260 19.30 -16.43 28.29
N GLU A 261 20.55 -15.95 28.24
CA GLU A 261 21.51 -16.14 27.13
C GLU A 261 22.74 -16.83 27.72
N PRO A 262 22.71 -18.16 27.95
CA PRO A 262 23.88 -18.88 28.46
C PRO A 262 25.07 -18.71 27.53
N PRO A 263 26.32 -18.91 28.00
CA PRO A 263 27.46 -18.93 27.09
C PRO A 263 27.21 -20.06 26.08
N ALA A 264 27.47 -19.81 24.80
CA ALA A 264 27.38 -20.85 23.75
C ALA A 264 28.30 -22.00 24.17
N PRO A 265 27.95 -23.27 23.87
CA PRO A 265 28.86 -24.37 24.10
C PRO A 265 30.28 -24.08 23.58
N ALA A 266 31.22 -24.94 23.93
CA ALA A 266 32.66 -24.79 23.59
C ALA A 266 32.87 -25.43 22.23
N ARG A 267 32.23 -26.58 22.06
CA ARG A 267 32.18 -27.39 20.82
C ARG A 267 30.76 -27.30 20.27
N ASP A 268 30.65 -27.03 18.98
CA ASP A 268 29.41 -27.25 18.19
C ASP A 268 28.75 -28.51 18.73
N PRO A 269 27.55 -28.43 19.35
CA PRO A 269 26.86 -29.62 19.82
C PRO A 269 26.65 -30.69 18.76
N LEU A 270 26.23 -30.24 17.57
CA LEU A 270 25.85 -31.13 16.44
C LEU A 270 27.08 -31.88 15.94
N THR A 271 28.30 -31.40 16.23
CA THR A 271 29.56 -32.14 15.94
C THR A 271 29.86 -33.19 17.03
N THR A 272 29.14 -33.19 18.15
CA THR A 272 29.34 -34.13 19.30
C THR A 272 28.68 -35.47 18.95
N PHE A 273 27.45 -35.40 18.43
CA PHE A 273 26.74 -36.57 17.84
C PHE A 273 27.52 -37.03 16.61
N ALA A 274 27.83 -38.32 16.53
CA ALA A 274 28.44 -38.94 15.34
C ALA A 274 27.39 -38.93 14.23
N LEU A 275 27.83 -38.78 12.98
CA LEU A 275 26.89 -38.84 11.83
C LEU A 275 26.29 -40.24 11.81
N THR A 276 24.98 -40.33 11.94
CA THR A 276 24.23 -41.58 11.80
C THR A 276 24.38 -42.03 10.34
N PRO A 277 24.16 -43.32 10.02
CA PRO A 277 24.19 -43.76 8.62
C PRO A 277 23.23 -42.96 7.72
N SER A 278 22.06 -42.60 8.22
CA SER A 278 21.00 -41.89 7.47
C SER A 278 21.38 -40.43 7.27
N GLN A 279 22.32 -39.91 8.06
CA GLN A 279 22.82 -38.52 7.89
C GLN A 279 23.89 -38.48 6.79
N ARG A 280 24.80 -39.45 6.76
CA ARG A 280 25.81 -39.53 5.68
C ARG A 280 25.12 -39.83 4.34
N ALA A 281 24.01 -40.57 4.38
CA ALA A 281 23.09 -40.84 3.27
C ALA A 281 22.46 -39.55 2.68
N LEU A 282 22.76 -38.36 3.21
CA LEU A 282 22.19 -37.07 2.77
C LEU A 282 23.12 -36.34 1.81
N GLY A 283 24.37 -36.75 1.70
CA GLY A 283 25.28 -36.17 0.69
C GLY A 283 24.62 -36.16 -0.67
N LYS A 284 24.02 -37.27 -1.06
CA LYS A 284 23.40 -37.43 -2.39
C LYS A 284 22.18 -36.53 -2.46
N TYR A 285 21.49 -36.30 -1.35
CA TYR A 285 20.40 -35.31 -1.31
C TYR A 285 20.97 -33.94 -1.53
N LEU A 286 22.10 -33.64 -0.90
CA LEU A 286 22.74 -32.32 -1.09
C LEU A 286 23.14 -32.18 -2.55
N PHE A 287 23.64 -33.26 -3.13
CA PHE A 287 24.05 -33.29 -4.54
C PHE A 287 22.81 -32.94 -5.36
N LEU A 288 21.77 -33.75 -5.21
CA LEU A 288 20.48 -33.54 -5.88
C LEU A 288 19.99 -32.09 -5.69
N VAL A 289 20.16 -31.51 -4.52
CA VAL A 289 19.70 -30.12 -4.28
C VAL A 289 20.46 -29.23 -5.25
N VAL A 290 21.79 -29.36 -5.30
CA VAL A 290 22.59 -28.43 -6.14
C VAL A 290 22.48 -28.81 -7.61
N ALA A 291 22.32 -30.08 -7.91
CA ALA A 291 22.19 -30.60 -9.28
C ALA A 291 20.90 -30.00 -9.84
N LEU A 292 19.80 -30.21 -9.12
CA LEU A 292 18.51 -29.66 -9.54
C LEU A 292 18.58 -28.15 -9.58
N PHE A 293 19.23 -27.52 -8.62
CA PHE A 293 19.36 -26.06 -8.57
C PHE A 293 20.13 -25.55 -9.78
N GLY A 294 21.23 -26.23 -10.12
CA GLY A 294 22.01 -25.79 -11.27
C GLY A 294 21.22 -26.07 -12.52
N PHE A 295 20.54 -27.19 -12.57
CA PHE A 295 19.70 -27.55 -13.72
C PHE A 295 18.68 -26.42 -13.88
N GLN A 296 18.07 -26.10 -12.77
CA GLN A 296 16.95 -25.18 -12.66
C GLN A 296 17.38 -23.85 -13.19
N VAL A 297 18.54 -23.42 -12.76
CA VAL A 297 19.09 -22.11 -13.14
C VAL A 297 19.32 -22.12 -14.66
N LEU A 298 19.81 -23.22 -15.21
CA LEU A 298 20.10 -23.31 -16.65
C LEU A 298 18.79 -23.26 -17.43
N LEU A 299 17.79 -23.96 -16.93
CA LEU A 299 16.42 -23.95 -17.43
C LEU A 299 15.80 -22.55 -17.37
N GLY A 300 16.13 -21.78 -16.37
CA GLY A 300 15.71 -20.37 -16.39
C GLY A 300 16.38 -19.65 -17.52
N GLY A 301 17.67 -19.87 -17.71
CA GLY A 301 18.41 -19.25 -18.83
C GLY A 301 17.82 -19.69 -20.15
N PHE A 302 17.47 -20.95 -20.26
CA PHE A 302 16.86 -21.54 -21.47
CA PHE A 302 16.86 -21.53 -21.47
C PHE A 302 15.49 -20.88 -21.68
N THR A 303 14.71 -20.85 -20.62
CA THR A 303 13.40 -20.18 -20.64
C THR A 303 13.65 -18.74 -21.07
N ALA A 304 14.62 -18.06 -20.48
CA ALA A 304 14.85 -16.62 -20.71
C ALA A 304 15.28 -16.38 -22.16
N HIS A 305 15.95 -17.36 -22.74
CA HIS A 305 16.40 -17.38 -24.14
C HIS A 305 15.21 -17.24 -25.07
N TYR A 306 14.20 -18.02 -24.79
CA TYR A 306 12.95 -18.07 -25.60
C TYR A 306 12.13 -16.79 -25.48
N THR A 307 12.32 -16.04 -24.43
CA THR A 307 11.61 -14.77 -24.22
C THR A 307 12.28 -13.72 -25.09
N VAL A 308 13.48 -13.99 -25.60
CA VAL A 308 14.21 -13.08 -26.52
C VAL A 308 14.39 -13.70 -27.91
N GLU A 309 14.13 -15.01 -28.06
CA GLU A 309 14.26 -15.75 -29.34
C GLU A 309 13.42 -17.03 -29.26
N GLY A 310 12.10 -16.92 -29.48
CA GLY A 310 11.06 -17.90 -29.14
C GLY A 310 11.29 -19.31 -29.65
N GLN A 311 12.29 -19.56 -30.51
CA GLN A 311 12.30 -20.86 -31.22
C GLN A 311 13.69 -21.41 -31.51
N LYS A 312 14.57 -20.61 -32.09
CA LYS A 312 15.93 -21.07 -32.47
C LYS A 312 16.85 -20.87 -31.26
N PHE A 313 18.06 -21.39 -31.35
CA PHE A 313 19.16 -21.30 -30.35
C PHE A 313 20.45 -21.67 -31.09
N TYR A 314 21.11 -20.67 -31.68
CA TYR A 314 22.17 -20.82 -32.72
C TYR A 314 21.61 -21.55 -33.94
N GLY A 315 20.36 -21.23 -34.32
CA GLY A 315 19.78 -21.63 -35.61
C GLY A 315 19.19 -23.02 -35.62
N ILE A 316 19.43 -23.84 -34.59
CA ILE A 316 18.70 -25.12 -34.39
C ILE A 316 17.40 -24.81 -33.64
N ASP A 317 16.26 -25.25 -34.18
CA ASP A 317 14.92 -25.04 -33.58
C ASP A 317 14.79 -25.97 -32.39
N LEU A 318 15.31 -25.54 -31.25
CA LEU A 318 15.26 -26.32 -29.99
C LEU A 318 13.83 -26.50 -29.52
N SER A 319 12.92 -25.62 -29.93
CA SER A 319 11.50 -25.60 -29.46
C SER A 319 10.74 -26.86 -29.88
N GLN A 320 11.22 -27.61 -30.84
CA GLN A 320 10.56 -28.87 -31.26
C GLN A 320 10.61 -29.85 -30.10
N TRP A 321 11.68 -29.80 -29.33
CA TRP A 321 11.96 -30.79 -28.27
C TRP A 321 11.83 -30.12 -26.90
N PHE A 322 12.53 -29.01 -26.76
CA PHE A 322 12.67 -28.21 -25.52
C PHE A 322 12.11 -26.86 -25.79
N PRO A 323 10.79 -26.76 -26.02
CA PRO A 323 10.14 -25.48 -26.11
C PRO A 323 10.08 -24.79 -24.76
N TYR A 324 9.82 -23.51 -24.84
CA TYR A 324 9.68 -22.64 -23.67
C TYR A 324 8.74 -23.32 -22.71
N SER A 325 7.73 -23.96 -23.23
CA SER A 325 6.68 -24.46 -22.34
C SER A 325 7.32 -25.53 -21.48
N LEU A 326 8.21 -26.31 -22.08
CA LEU A 326 8.81 -27.47 -21.42
C LEU A 326 9.84 -26.98 -20.41
N VAL A 327 10.73 -26.14 -20.86
CA VAL A 327 11.84 -25.63 -20.05
C VAL A 327 11.28 -24.71 -18.99
N ARG A 328 10.19 -24.02 -19.24
CA ARG A 328 9.57 -23.23 -18.17
C ARG A 328 9.02 -24.23 -17.16
N THR A 329 8.34 -25.26 -17.61
CA THR A 329 7.80 -26.25 -16.69
C THR A 329 8.92 -26.73 -15.78
N TRP A 330 9.98 -27.19 -16.41
CA TRP A 330 11.13 -27.78 -15.74
C TRP A 330 11.76 -26.75 -14.85
N HIS A 331 11.94 -25.57 -15.36
CA HIS A 331 12.44 -24.46 -14.54
C HIS A 331 11.67 -24.40 -13.23
N ILE A 332 10.36 -24.44 -13.30
CA ILE A 332 9.52 -24.28 -12.10
C ILE A 332 9.62 -25.59 -11.31
N GLN A 333 9.27 -26.69 -11.94
CA GLN A 333 9.23 -28.01 -11.30
C GLN A 333 10.59 -28.31 -10.66
N SER A 334 11.68 -27.97 -11.32
CA SER A 334 13.00 -28.22 -10.74
C SER A 334 13.19 -27.34 -9.51
N ALA A 335 12.67 -26.13 -9.52
CA ALA A 335 12.79 -25.18 -8.40
C ALA A 335 12.18 -25.87 -7.20
N LEU A 336 10.97 -26.40 -7.38
CA LEU A 336 10.21 -27.02 -6.30
C LEU A 336 10.98 -28.21 -5.77
N PHE A 337 11.56 -28.98 -6.64
CA PHE A 337 12.12 -30.30 -6.29
C PHE A 337 13.36 -30.06 -5.45
N TRP A 338 14.21 -29.17 -5.92
CA TRP A 338 15.47 -28.90 -5.21
C TRP A 338 15.22 -28.12 -3.94
N ILE A 339 14.20 -27.28 -3.92
CA ILE A 339 13.89 -26.52 -2.70
C ILE A 339 13.32 -27.55 -1.72
N ALA A 340 12.31 -28.29 -2.15
CA ALA A 340 11.70 -29.33 -1.31
C ALA A 340 12.82 -30.22 -0.75
N THR A 341 13.77 -30.62 -1.58
CA THR A 341 14.82 -31.61 -1.25
C THR A 341 15.74 -31.03 -0.19
N GLY A 342 16.17 -29.79 -0.38
CA GLY A 342 16.80 -28.99 0.67
C GLY A 342 16.08 -29.20 1.97
N PHE A 343 14.78 -28.96 2.01
CA PHE A 343 14.00 -29.02 3.28
C PHE A 343 13.98 -30.46 3.75
N LEU A 344 13.58 -31.38 2.88
CA LEU A 344 13.52 -32.81 3.19
C LEU A 344 14.87 -33.29 3.73
N ALA A 345 15.97 -32.82 3.17
CA ALA A 345 17.34 -33.19 3.60
C ALA A 345 17.54 -32.61 5.00
N ALA A 346 17.34 -31.31 5.13
CA ALA A 346 17.39 -30.58 6.41
C ALA A 346 16.65 -31.42 7.47
N GLY A 347 15.40 -31.78 7.21
CA GLY A 347 14.59 -32.57 8.15
C GLY A 347 15.26 -33.90 8.45
N LEU A 348 15.72 -34.59 7.43
CA LEU A 348 16.25 -35.96 7.61
C LEU A 348 17.55 -35.91 8.39
N PHE A 349 18.32 -34.84 8.22
CA PHE A 349 19.55 -34.58 9.00
C PHE A 349 19.17 -34.47 10.48
N LEU A 350 18.09 -33.73 10.77
CA LEU A 350 17.57 -33.49 12.13
C LEU A 350 16.93 -34.74 12.75
N ALA A 351 16.16 -35.51 11.97
CA ALA A 351 15.38 -36.65 12.49
C ALA A 351 16.25 -37.44 13.47
N PRO A 352 17.42 -38.00 13.07
CA PRO A 352 18.20 -38.89 13.93
C PRO A 352 18.92 -38.13 15.05
N LEU A 353 19.14 -36.85 14.81
CA LEU A 353 19.75 -35.92 15.78
C LEU A 353 18.73 -35.53 16.85
N ILE A 354 17.46 -35.72 16.55
CA ILE A 354 16.33 -35.44 17.48
C ILE A 354 16.13 -36.65 18.39
N ASN A 355 16.20 -37.88 17.87
CA ASN A 355 16.22 -39.07 18.75
C ASN A 355 17.68 -39.34 19.12
N GLY A 356 18.31 -38.36 19.76
CA GLY A 356 19.62 -38.48 20.42
C GLY A 356 20.66 -39.07 19.51
N GLY A 357 20.84 -38.45 18.34
CA GLY A 357 22.00 -38.67 17.46
C GLY A 357 22.14 -40.11 17.03
N ARG A 358 21.02 -40.84 16.96
CA ARG A 358 20.97 -42.27 16.56
C ARG A 358 19.85 -42.44 15.51
N ASP A 359 20.06 -43.33 14.53
CA ASP A 359 19.08 -43.60 13.46
C ASP A 359 17.97 -44.51 14.00
N PRO A 360 16.69 -44.14 13.78
CA PRO A 360 15.60 -45.10 13.86
C PRO A 360 15.98 -46.30 12.99
N LYS A 361 15.46 -47.48 13.30
CA LYS A 361 15.78 -48.70 12.51
C LYS A 361 15.29 -48.42 11.09
N TYR A 362 16.14 -48.65 10.09
CA TYR A 362 15.80 -48.56 8.65
C TYR A 362 15.71 -47.08 8.22
N GLN A 363 16.41 -46.18 8.89
CA GLN A 363 16.39 -44.74 8.51
C GLN A 363 17.33 -44.55 7.30
N LYS A 364 18.48 -45.20 7.27
CA LYS A 364 19.39 -45.12 6.09
C LYS A 364 18.67 -45.72 4.88
N ALA A 365 17.99 -46.86 5.08
CA ALA A 365 17.15 -47.52 4.06
C ALA A 365 16.21 -46.46 3.49
N GLY A 366 15.38 -45.90 4.37
CA GLY A 366 14.32 -44.96 3.99
C GLY A 366 14.90 -43.74 3.32
N VAL A 367 16.05 -43.27 3.79
CA VAL A 367 16.67 -42.04 3.28
C VAL A 367 17.19 -42.32 1.87
N ASP A 368 17.52 -43.57 1.55
CA ASP A 368 18.01 -43.97 0.21
C ASP A 368 16.81 -44.23 -0.70
N ILE A 369 15.81 -44.97 -0.22
CA ILE A 369 14.54 -45.19 -0.98
C ILE A 369 13.91 -43.81 -1.29
N LEU A 370 13.73 -42.96 -0.28
CA LEU A 370 13.13 -41.63 -0.47
C LEU A 370 13.90 -40.92 -1.57
N PHE A 371 15.22 -41.05 -1.59
CA PHE A 371 16.06 -40.29 -2.53
C PHE A 371 15.73 -40.69 -3.97
N TRP A 372 15.73 -41.99 -4.22
CA TRP A 372 15.50 -42.55 -5.57
C TRP A 372 14.03 -42.34 -5.93
N ALA A 373 13.14 -42.45 -4.96
CA ALA A 373 11.71 -42.07 -5.06
C ALA A 373 11.61 -40.65 -5.63
N LEU A 374 12.39 -39.71 -5.10
CA LEU A 374 12.36 -38.29 -5.52
C LEU A 374 12.93 -38.14 -6.92
N VAL A 375 14.05 -38.81 -7.19
CA VAL A 375 14.75 -38.78 -8.49
C VAL A 375 13.83 -39.39 -9.56
N LEU A 376 13.20 -40.51 -9.23
CA LEU A 376 12.19 -41.18 -10.06
C LEU A 376 11.10 -40.15 -10.37
N VAL A 377 10.51 -39.58 -9.34
CA VAL A 377 9.44 -38.58 -9.51
C VAL A 377 9.97 -37.44 -10.38
N VAL A 378 11.20 -36.99 -10.17
CA VAL A 378 11.77 -35.86 -10.95
C VAL A 378 11.96 -36.28 -12.41
N VAL A 379 12.55 -37.43 -12.65
CA VAL A 379 12.91 -37.88 -14.01
C VAL A 379 11.61 -38.23 -14.73
N GLY A 380 10.76 -38.98 -14.07
CA GLY A 380 9.49 -39.44 -14.64
C GLY A 380 8.67 -38.25 -15.03
N SER A 381 8.47 -37.34 -14.09
CA SER A 381 7.65 -36.13 -14.26
C SER A 381 8.22 -35.33 -15.42
N PHE A 382 9.52 -35.14 -15.40
CA PHE A 382 10.23 -34.36 -16.44
C PHE A 382 10.03 -35.02 -17.79
N ALA A 383 10.14 -36.34 -17.84
CA ALA A 383 9.97 -37.11 -19.08
C ALA A 383 8.54 -36.91 -19.50
N GLY A 384 7.63 -37.13 -18.56
CA GLY A 384 6.18 -36.93 -18.73
C GLY A 384 5.91 -35.60 -19.37
N ASN A 385 6.50 -34.53 -18.84
CA ASN A 385 6.26 -33.16 -19.34
C ASN A 385 6.79 -33.06 -20.77
N TYR A 386 8.00 -33.57 -21.01
CA TYR A 386 8.61 -33.56 -22.35
C TYR A 386 7.61 -34.16 -23.35
N LEU A 387 7.12 -35.33 -23.00
CA LEU A 387 6.23 -36.16 -23.82
C LEU A 387 4.88 -35.50 -23.99
N ALA A 388 4.38 -34.88 -22.93
CA ALA A 388 3.16 -34.07 -22.97
C ALA A 388 3.36 -32.96 -24.01
N ILE A 389 4.41 -32.16 -23.84
CA ILE A 389 4.66 -30.94 -24.63
C ILE A 389 4.99 -31.31 -26.06
N ALA A 390 5.68 -32.43 -26.28
CA ALA A 390 6.01 -33.00 -27.60
C ALA A 390 4.73 -33.48 -28.30
N GLN A 391 3.69 -33.75 -27.50
CA GLN A 391 2.34 -34.19 -27.92
C GLN A 391 2.41 -35.64 -28.39
N ILE A 392 3.34 -36.40 -27.80
CA ILE A 392 3.52 -37.87 -27.94
C ILE A 392 2.53 -38.53 -26.99
N MET A 393 2.56 -38.06 -25.75
CA MET A 393 1.66 -38.44 -24.64
C MET A 393 0.23 -38.55 -25.16
N PRO A 394 -0.39 -39.74 -25.11
CA PRO A 394 -1.82 -39.86 -25.36
C PRO A 394 -2.58 -38.83 -24.53
N PRO A 395 -3.48 -38.01 -25.13
CA PRO A 395 -4.23 -37.00 -24.38
C PRO A 395 -4.87 -37.49 -23.07
N ASP A 396 -5.22 -38.78 -23.04
CA ASP A 396 -6.01 -39.40 -21.96
C ASP A 396 -5.07 -39.93 -20.87
N LEU A 397 -3.76 -39.89 -21.14
CA LEU A 397 -2.68 -40.13 -20.15
C LEU A 397 -2.09 -38.81 -19.70
N ASN A 398 -2.41 -37.71 -20.38
CA ASN A 398 -1.59 -36.49 -20.24
C ASN A 398 -1.57 -36.07 -18.78
N PHE A 399 -2.68 -36.15 -18.09
CA PHE A 399 -2.85 -35.52 -16.78
C PHE A 399 -2.20 -36.42 -15.72
N TRP A 400 -2.10 -37.70 -16.01
CA TRP A 400 -1.46 -38.71 -15.14
C TRP A 400 0.04 -38.72 -15.31
N LEU A 401 0.48 -38.72 -16.56
CA LEU A 401 1.87 -39.01 -16.90
C LEU A 401 2.52 -37.79 -17.48
N GLY A 402 1.74 -36.82 -17.94
CA GLY A 402 2.26 -35.82 -18.86
C GLY A 402 2.53 -34.51 -18.16
N HIS A 403 1.56 -33.64 -18.25
CA HIS A 403 1.65 -32.22 -17.83
C HIS A 403 0.26 -31.88 -17.40
N GLN A 404 0.08 -31.63 -16.12
CA GLN A 404 -1.23 -31.20 -15.62
C GLN A 404 -1.59 -29.84 -16.19
N GLY A 405 -0.64 -29.14 -16.79
CA GLY A 405 -0.84 -27.80 -17.31
C GLY A 405 -1.08 -26.77 -16.23
N TYR A 406 -1.04 -27.15 -14.96
CA TYR A 406 -1.19 -26.18 -13.85
C TYR A 406 0.17 -25.88 -13.27
N GLU A 407 0.45 -24.62 -13.17
CA GLU A 407 1.79 -24.14 -12.79
C GLU A 407 2.09 -24.70 -11.39
N TYR A 408 3.31 -25.19 -11.16
CA TYR A 408 3.79 -25.67 -9.83
C TYR A 408 3.20 -27.01 -9.48
N VAL A 409 2.25 -27.50 -10.24
CA VAL A 409 1.74 -28.88 -10.05
C VAL A 409 1.66 -29.52 -11.43
N ASP A 410 2.59 -29.14 -12.26
CA ASP A 410 2.64 -29.45 -13.70
C ASP A 410 2.84 -30.96 -13.84
N LEU A 411 3.61 -31.53 -12.92
CA LEU A 411 3.98 -32.94 -12.99
C LEU A 411 2.68 -33.72 -13.12
N GLY A 412 2.69 -34.76 -13.95
CA GLY A 412 1.55 -35.66 -14.13
C GLY A 412 1.03 -36.06 -12.78
N ARG A 413 -0.24 -36.44 -12.73
CA ARG A 413 -0.90 -36.81 -11.48
C ARG A 413 -0.15 -37.97 -10.86
N LEU A 414 0.33 -38.92 -11.66
CA LEU A 414 1.03 -40.11 -11.14
C LEU A 414 2.23 -39.65 -10.31
N TRP A 415 3.05 -38.79 -10.91
CA TRP A 415 4.31 -38.26 -10.35
C TRP A 415 4.00 -37.43 -9.12
N GLN A 416 2.84 -36.79 -9.14
CA GLN A 416 2.34 -35.93 -8.05
C GLN A 416 1.99 -36.83 -6.86
N ILE A 417 1.46 -37.99 -7.15
CA ILE A 417 1.15 -39.05 -6.15
C ILE A 417 2.48 -39.62 -5.68
N GLY A 418 3.38 -39.88 -6.62
CA GLY A 418 4.77 -40.26 -6.31
C GLY A 418 5.37 -39.25 -5.36
N LYS A 419 5.25 -37.97 -5.69
CA LYS A 419 5.86 -36.87 -4.91
C LYS A 419 5.23 -36.88 -3.53
N PHE A 420 3.94 -37.16 -3.47
CA PHE A 420 3.15 -37.13 -2.22
C PHE A 420 3.58 -38.30 -1.34
N ALA A 421 3.63 -39.49 -1.92
CA ALA A 421 4.10 -40.75 -1.32
C ALA A 421 5.52 -40.52 -0.77
N GLY A 422 6.39 -39.96 -1.60
CA GLY A 422 7.74 -39.50 -1.22
C GLY A 422 7.70 -38.66 0.04
N ILE A 423 6.90 -37.61 0.03
CA ILE A 423 6.83 -36.61 1.12
C ILE A 423 6.17 -37.25 2.33
N CYS A 424 5.21 -38.14 2.11
CA CYS A 424 4.58 -38.94 3.18
C CYS A 424 5.65 -39.85 3.77
N PHE A 425 6.38 -40.57 2.92
CA PHE A 425 7.49 -41.44 3.36
C PHE A 425 8.49 -40.63 4.18
N TRP A 426 8.78 -39.42 3.76
CA TRP A 426 9.67 -38.50 4.48
C TRP A 426 9.04 -38.12 5.81
N LEU A 427 7.73 -37.89 5.83
CA LEU A 427 6.93 -37.71 7.08
C LEU A 427 7.27 -38.89 8.00
N VAL A 428 7.19 -40.13 7.51
CA VAL A 428 7.49 -41.34 8.33
C VAL A 428 8.94 -41.30 8.82
N LEU A 429 9.92 -41.01 7.97
CA LEU A 429 11.35 -40.99 8.37
C LEU A 429 11.60 -39.90 9.40
N MET A 430 10.91 -38.79 9.27
CA MET A 430 11.04 -37.68 10.23
C MET A 430 10.51 -38.18 11.57
N LEU A 431 9.26 -38.63 11.57
CA LEU A 431 8.49 -39.10 12.74
C LEU A 431 9.18 -40.32 13.36
N ARG A 432 9.93 -41.05 12.57
CA ARG A 432 10.78 -42.13 13.11
C ARG A 432 11.79 -41.54 14.09
N GLY A 433 12.29 -40.35 13.81
CA GLY A 433 13.29 -39.67 14.64
C GLY A 433 12.67 -38.74 15.66
N ILE A 434 11.43 -38.33 15.47
CA ILE A 434 10.80 -37.24 16.27
C ILE A 434 9.85 -37.85 17.30
N VAL A 435 9.21 -38.98 16.99
CA VAL A 435 8.21 -39.61 17.90
C VAL A 435 8.93 -40.09 19.15
N PRO A 436 10.06 -40.85 19.06
CA PRO A 436 10.80 -41.24 20.25
C PRO A 436 11.12 -40.04 21.15
N ALA A 437 11.61 -38.97 20.54
CA ALA A 437 12.02 -37.72 21.22
C ALA A 437 10.80 -37.02 21.84
N LEU A 438 9.60 -37.30 21.33
CA LEU A 438 8.32 -36.79 21.89
C LEU A 438 7.85 -37.74 22.99
N ARG A 439 7.97 -39.06 22.77
CA ARG A 439 7.44 -40.10 23.69
C ARG A 439 8.38 -40.28 24.89
N THR A 440 9.61 -39.77 24.84
CA THR A 440 10.57 -39.82 25.98
C THR A 440 10.03 -38.95 27.11
N PRO A 441 9.82 -39.51 28.32
CA PRO A 441 9.19 -38.77 29.42
C PRO A 441 10.19 -37.73 29.95
N GLY A 442 10.20 -36.56 29.33
CA GLY A 442 11.31 -35.60 29.41
C GLY A 442 10.82 -34.16 29.49
N GLY A 443 11.69 -33.22 29.16
CA GLY A 443 11.52 -31.79 29.45
C GLY A 443 10.68 -31.08 28.41
N ASP A 444 11.21 -29.99 27.86
CA ASP A 444 10.49 -29.07 26.95
C ASP A 444 10.46 -29.73 25.57
N LYS A 445 9.27 -30.18 25.16
CA LYS A 445 9.01 -30.95 23.92
C LYS A 445 8.13 -30.12 22.99
N ASN A 446 8.16 -28.80 23.12
CA ASN A 446 7.21 -27.85 22.49
C ASN A 446 7.72 -27.41 21.12
N LEU A 447 9.02 -27.13 21.02
CA LEU A 447 9.68 -26.85 19.73
C LEU A 447 9.51 -28.09 18.86
N LEU A 448 9.79 -29.25 19.46
CA LEU A 448 9.78 -30.53 18.75
C LEU A 448 8.35 -30.88 18.34
N ALA A 449 7.37 -30.48 19.15
CA ALA A 449 5.92 -30.61 18.84
C ALA A 449 5.61 -29.70 17.65
N LEU A 450 6.07 -28.45 17.70
CA LEU A 450 5.86 -27.48 16.60
C LEU A 450 6.55 -28.00 15.34
N LEU A 451 7.72 -28.61 15.49
CA LEU A 451 8.47 -29.22 14.37
C LEU A 451 7.66 -30.40 13.81
N THR A 452 7.24 -31.36 14.65
CA THR A 452 6.47 -32.56 14.19
C THR A 452 5.17 -32.11 13.51
N ALA A 453 4.61 -30.98 13.93
CA ALA A 453 3.41 -30.37 13.32
C ALA A 453 3.79 -29.86 11.93
N SER A 454 4.77 -28.97 11.86
CA SER A 454 5.43 -28.47 10.64
C SER A 454 5.69 -29.64 9.68
N VAL A 455 6.27 -30.71 10.22
CA VAL A 455 6.69 -31.91 9.44
C VAL A 455 5.43 -32.59 8.89
N GLY A 456 4.39 -32.75 9.71
CA GLY A 456 3.11 -33.32 9.27
C GLY A 456 2.39 -32.40 8.30
N ALA A 457 2.54 -31.08 8.45
CA ALA A 457 1.99 -30.08 7.52
C ALA A 457 2.63 -30.28 6.15
N ILE A 458 3.97 -30.25 6.04
CA ILE A 458 4.69 -30.72 4.81
C ILE A 458 4.12 -32.09 4.42
N GLY A 459 4.21 -33.05 5.33
CA GLY A 459 3.86 -34.47 5.12
C GLY A 459 2.58 -34.66 4.32
N LEU A 460 1.53 -33.87 4.61
CA LEU A 460 0.14 -34.18 4.19
C LEU A 460 -0.49 -33.07 3.34
N PHE A 461 -0.13 -31.79 3.54
CA PHE A 461 -0.84 -30.64 2.91
C PHE A 461 -0.49 -30.50 1.41
N TYR A 462 0.38 -31.35 0.87
CA TYR A 462 0.58 -31.53 -0.59
C TYR A 462 -0.56 -32.37 -1.20
N GLY A 463 -1.21 -33.21 -0.40
CA GLY A 463 -2.39 -33.99 -0.84
C GLY A 463 -3.61 -33.13 -1.14
N ALA A 464 -3.58 -31.83 -0.80
CA ALA A 464 -4.60 -30.84 -1.21
C ALA A 464 -4.70 -30.79 -2.74
N GLY A 465 -3.64 -31.17 -3.45
CA GLY A 465 -3.56 -31.14 -4.93
C GLY A 465 -4.33 -32.27 -5.58
N PHE A 466 -4.84 -33.26 -4.83
CA PHE A 466 -5.63 -34.39 -5.37
C PHE A 466 -7.14 -34.08 -5.34
N PHE A 467 -7.52 -32.87 -4.95
CA PHE A 467 -8.93 -32.44 -4.85
C PHE A 467 -9.37 -31.82 -6.18
N TYR A 468 -8.47 -31.77 -7.14
CA TYR A 468 -8.78 -31.45 -8.55
C TYR A 468 -8.16 -32.53 -9.41
N GLY A 469 -8.90 -32.92 -10.42
CA GLY A 469 -8.45 -33.80 -11.49
C GLY A 469 -8.33 -33.02 -12.76
N GLU A 470 -8.19 -33.75 -13.85
CA GLU A 470 -7.95 -33.20 -15.19
C GLU A 470 -9.04 -32.23 -15.64
N ARG A 471 -10.29 -32.63 -15.42
CA ARG A 471 -11.45 -31.92 -16.00
C ARG A 471 -12.13 -31.10 -14.92
N THR A 472 -11.51 -31.01 -13.77
CA THR A 472 -12.02 -30.17 -12.68
C THR A 472 -12.05 -28.76 -13.25
N HIS A 473 -13.00 -28.01 -12.77
CA HIS A 473 -13.21 -26.60 -13.10
C HIS A 473 -11.96 -25.85 -12.72
N LEU A 474 -11.47 -25.01 -13.59
CA LEU A 474 -10.33 -24.14 -13.30
C LEU A 474 -10.46 -23.52 -11.93
N THR A 475 -11.62 -23.02 -11.57
CA THR A 475 -11.79 -22.25 -10.30
C THR A 475 -11.53 -23.18 -9.13
N VAL A 476 -11.91 -24.43 -9.28
CA VAL A 476 -11.72 -25.44 -8.23
C VAL A 476 -10.27 -25.91 -8.24
N MET A 477 -9.73 -26.16 -9.43
CA MET A 477 -8.31 -26.50 -9.56
C MET A 477 -7.55 -25.38 -8.85
N GLU A 478 -7.97 -24.17 -9.10
CA GLU A 478 -7.21 -23.00 -8.67
C GLU A 478 -7.23 -23.00 -7.17
N TYR A 479 -8.38 -23.33 -6.61
CA TYR A 479 -8.59 -23.34 -5.17
C TYR A 479 -7.54 -24.26 -4.58
N TRP A 480 -7.54 -25.50 -5.05
CA TRP A 480 -6.69 -26.57 -4.50
C TRP A 480 -5.22 -26.37 -4.84
N ARG A 481 -4.93 -25.86 -6.02
CA ARG A 481 -3.54 -25.73 -6.46
C ARG A 481 -2.87 -24.74 -5.53
N TRP A 482 -3.61 -23.75 -5.04
CA TRP A 482 -2.96 -22.70 -4.24
C TRP A 482 -2.83 -23.13 -2.78
N TRP A 483 -3.62 -24.10 -2.34
CA TRP A 483 -3.19 -24.88 -1.13
C TRP A 483 -1.76 -25.34 -1.31
N ILE A 484 -1.46 -26.06 -2.38
CA ILE A 484 -0.09 -26.56 -2.63
C ILE A 484 0.84 -25.34 -2.70
N VAL A 485 0.72 -24.54 -3.74
CA VAL A 485 1.85 -23.64 -4.10
C VAL A 485 2.03 -22.59 -3.02
N HIS A 486 0.93 -22.12 -2.43
CA HIS A 486 0.99 -20.95 -1.52
C HIS A 486 1.03 -21.45 -0.07
N LEU A 487 0.12 -22.33 0.28
CA LEU A 487 -0.09 -22.77 1.67
C LEU A 487 1.07 -23.68 2.04
N TRP A 488 1.27 -24.75 1.26
CA TRP A 488 2.25 -25.83 1.54
C TRP A 488 3.68 -25.32 1.43
N VAL A 489 4.01 -24.68 0.30
CA VAL A 489 5.33 -23.99 0.13
C VAL A 489 5.32 -22.78 1.07
N GLU A 490 4.72 -21.67 0.64
CA GLU A 490 4.97 -20.33 1.23
C GLU A 490 4.53 -20.31 2.70
N GLY A 491 3.76 -21.29 3.18
CA GLY A 491 3.30 -21.40 4.58
C GLY A 491 4.03 -22.49 5.36
N PHE A 492 3.78 -23.75 5.05
CA PHE A 492 4.25 -24.91 5.86
C PHE A 492 5.76 -25.15 5.68
N PHE A 493 6.33 -24.85 4.52
CA PHE A 493 7.81 -24.85 4.34
C PHE A 493 8.40 -23.78 5.25
N GLU A 494 7.87 -22.55 5.24
CA GLU A 494 8.34 -21.44 6.10
C GLU A 494 8.42 -21.97 7.53
N VAL A 495 7.29 -22.44 8.07
CA VAL A 495 7.17 -22.77 9.51
C VAL A 495 8.15 -23.91 9.79
N PHE A 496 8.21 -24.92 8.92
CA PHE A 496 9.15 -26.05 9.11
C PHE A 496 10.58 -25.54 9.13
N ALA A 497 10.94 -24.68 8.17
CA ALA A 497 12.27 -24.05 8.13
C ALA A 497 12.51 -23.37 9.47
N THR A 498 11.70 -22.36 9.78
CA THR A 498 11.80 -21.48 10.98
C THR A 498 11.89 -22.33 12.25
N THR A 499 11.08 -23.39 12.32
CA THR A 499 11.05 -24.34 13.45
C THR A 499 12.32 -25.17 13.47
N ALA A 500 12.77 -25.63 12.30
CA ALA A 500 13.98 -26.48 12.16
C ALA A 500 15.21 -25.62 12.47
N LEU A 501 15.18 -24.34 12.13
CA LEU A 501 16.28 -23.41 12.47
C LEU A 501 16.29 -23.19 13.97
N ALA A 502 15.17 -22.70 14.53
CA ALA A 502 14.92 -22.54 15.98
C ALA A 502 15.48 -23.77 16.71
N PHE A 503 15.13 -24.93 16.21
CA PHE A 503 15.55 -26.23 16.76
C PHE A 503 17.06 -26.43 16.66
N ILE A 504 17.64 -26.11 15.52
CA ILE A 504 19.10 -26.28 15.29
C ILE A 504 19.83 -25.31 16.22
N PHE A 505 19.46 -24.04 16.21
CA PHE A 505 20.18 -22.98 16.96
C PHE A 505 20.05 -23.29 18.45
N SER A 506 18.90 -23.79 18.87
CA SER A 506 18.63 -24.14 20.27
C SER A 506 19.53 -25.32 20.60
N THR A 507 19.56 -26.33 19.74
CA THR A 507 20.39 -27.55 19.89
C THR A 507 21.87 -27.17 19.92
N LEU A 508 22.24 -26.17 19.13
CA LEU A 508 23.63 -25.64 19.06
C LEU A 508 23.94 -24.85 20.33
N GLY A 509 22.92 -24.51 21.11
CA GLY A 509 23.03 -23.72 22.35
C GLY A 509 23.24 -22.25 22.06
N LEU A 510 22.82 -21.80 20.89
CA LEU A 510 22.92 -20.38 20.47
C LEU A 510 21.73 -19.61 21.04
N VAL A 511 20.61 -20.30 21.25
CA VAL A 511 19.33 -19.71 21.73
C VAL A 511 18.78 -20.68 22.79
N SER A 512 18.05 -20.16 23.76
CA SER A 512 17.73 -20.86 25.03
C SER A 512 17.02 -22.19 24.78
N ARG A 513 16.11 -22.22 23.81
CA ARG A 513 15.07 -23.26 23.57
C ARG A 513 13.72 -22.68 23.99
N ARG A 514 13.67 -21.99 25.13
CA ARG A 514 12.54 -21.11 25.48
C ARG A 514 12.42 -20.07 24.35
N MET A 515 13.49 -19.32 24.12
CA MET A 515 13.57 -18.26 23.09
C MET A 515 13.24 -18.85 21.72
N ALA A 516 13.68 -20.08 21.44
CA ALA A 516 13.41 -20.81 20.17
C ALA A 516 11.94 -21.18 20.09
N THR A 517 11.45 -21.99 21.02
CA THR A 517 10.04 -22.45 21.10
C THR A 517 9.12 -21.24 20.99
N THR A 518 9.39 -20.21 21.79
CA THR A 518 8.62 -18.96 21.81
C THR A 518 8.70 -18.30 20.45
N ALA A 519 9.91 -18.09 19.92
CA ALA A 519 10.16 -17.38 18.64
C ALA A 519 9.36 -18.08 17.54
N SER A 520 9.39 -19.40 17.54
CA SER A 520 8.94 -20.26 16.43
C SER A 520 7.43 -20.51 16.54
N LEU A 521 6.88 -20.55 17.74
CA LEU A 521 5.40 -20.55 17.90
C LEU A 521 4.84 -19.19 17.45
N ALA A 522 5.44 -18.08 17.86
CA ALA A 522 4.95 -16.71 17.56
C ALA A 522 5.01 -16.48 16.05
N SER A 523 6.13 -16.86 15.44
CA SER A 523 6.36 -16.91 13.98
C SER A 523 5.25 -17.74 13.31
N ALA A 524 5.03 -18.96 13.80
CA ALA A 524 4.04 -19.87 13.22
C ALA A 524 2.74 -19.07 13.12
N SER A 525 2.28 -18.54 14.26
CA SER A 525 1.02 -17.77 14.38
C SER A 525 1.05 -16.59 13.40
N LEU A 526 2.17 -15.87 13.36
CA LEU A 526 2.34 -14.65 12.54
C LEU A 526 2.17 -15.01 11.07
N PHE A 527 2.88 -16.04 10.61
CA PHE A 527 2.91 -16.47 9.19
C PHE A 527 1.56 -17.06 8.81
N MET A 528 1.00 -17.91 9.66
CA MET A 528 -0.24 -18.68 9.37
C MET A 528 -1.43 -17.73 9.37
N LEU A 529 -1.39 -16.70 10.20
CA LEU A 529 -2.50 -15.73 10.29
C LEU A 529 -2.75 -15.19 8.87
N GLY A 530 -1.73 -14.59 8.28
CA GLY A 530 -1.83 -13.97 6.94
C GLY A 530 -1.71 -15.02 5.86
N GLY A 531 -0.77 -15.96 6.04
CA GLY A 531 -0.46 -17.01 5.07
C GLY A 531 -1.71 -17.70 4.61
N ILE A 532 -2.41 -18.33 5.53
CA ILE A 532 -3.38 -19.41 5.20
C ILE A 532 -4.55 -18.81 4.42
N PRO A 533 -5.23 -17.75 4.90
CA PRO A 533 -6.28 -17.11 4.11
C PRO A 533 -5.67 -16.37 2.92
N GLY A 534 -4.42 -15.94 3.02
CA GLY A 534 -3.66 -15.32 1.92
C GLY A 534 -3.61 -16.22 0.69
N THR A 535 -3.96 -17.49 0.80
CA THR A 535 -4.11 -18.43 -0.35
C THR A 535 -5.00 -17.80 -1.43
N PHE A 536 -6.01 -17.09 -0.97
CA PHE A 536 -7.02 -16.39 -1.78
C PHE A 536 -6.40 -15.26 -2.58
N HIS A 537 -5.20 -14.78 -2.29
CA HIS A 537 -4.68 -13.70 -3.14
C HIS A 537 -4.38 -14.26 -4.56
N HIS A 538 -4.40 -15.57 -4.72
CA HIS A 538 -4.23 -16.30 -6.00
C HIS A 538 -5.55 -16.51 -6.74
N LEU A 539 -6.68 -16.32 -6.08
CA LEU A 539 -8.04 -16.70 -6.56
C LEU A 539 -8.92 -15.47 -6.77
N TYR A 540 -8.38 -14.26 -6.66
CA TYR A 540 -9.18 -13.03 -6.82
C TYR A 540 -10.00 -13.07 -8.12
N PHE A 541 -9.35 -13.45 -9.20
CA PHE A 541 -9.86 -13.36 -10.59
C PHE A 541 -10.06 -14.75 -11.18
N ALA A 542 -10.09 -15.81 -10.37
CA ALA A 542 -10.08 -17.19 -10.87
C ALA A 542 -11.49 -17.74 -10.86
N GLY A 543 -12.47 -16.88 -11.08
CA GLY A 543 -13.85 -17.38 -11.08
C GLY A 543 -14.38 -17.30 -9.69
N THR A 544 -13.80 -16.41 -8.89
CA THR A 544 -14.16 -16.34 -7.45
C THR A 544 -14.98 -15.09 -7.26
N THR A 545 -15.70 -15.02 -6.14
CA THR A 545 -16.49 -13.83 -5.77
C THR A 545 -15.67 -12.98 -4.81
N THR A 546 -16.07 -11.71 -4.72
CA THR A 546 -15.46 -10.62 -3.92
C THR A 546 -15.12 -11.06 -2.50
N PRO A 547 -15.92 -11.83 -1.73
CA PRO A 547 -15.52 -12.20 -0.38
C PRO A 547 -14.12 -12.81 -0.44
N VAL A 548 -13.95 -13.74 -1.37
CA VAL A 548 -12.67 -14.48 -1.51
C VAL A 548 -11.60 -13.43 -1.68
N MET A 549 -11.91 -12.40 -2.43
CA MET A 549 -10.94 -11.31 -2.71
C MET A 549 -10.70 -10.49 -1.44
N ALA A 550 -11.73 -10.25 -0.64
CA ALA A 550 -11.65 -9.51 0.64
C ALA A 550 -10.68 -10.24 1.57
N VAL A 551 -11.00 -11.51 1.83
CA VAL A 551 -10.23 -12.42 2.72
C VAL A 551 -8.81 -12.39 2.18
N GLY A 552 -8.67 -12.72 0.91
CA GLY A 552 -7.36 -12.82 0.26
C GLY A 552 -6.60 -11.53 0.43
N ALA A 553 -7.24 -10.39 0.24
CA ALA A 553 -6.58 -9.06 0.22
C ALA A 553 -6.06 -8.76 1.62
N SER A 554 -6.96 -8.92 2.59
CA SER A 554 -6.80 -8.50 3.98
C SER A 554 -5.76 -9.39 4.64
N PHE A 555 -5.97 -10.69 4.54
CA PHE A 555 -5.05 -11.68 5.13
C PHE A 555 -3.71 -11.72 4.39
N SER A 556 -3.66 -11.48 3.09
CA SER A 556 -2.35 -11.34 2.41
C SER A 556 -1.68 -10.07 2.95
N ALA A 557 -2.46 -9.04 3.30
CA ALA A 557 -1.89 -7.83 3.95
C ALA A 557 -1.25 -8.30 5.27
N LEU A 558 -1.97 -9.05 6.10
CA LEU A 558 -1.42 -9.57 7.37
C LEU A 558 -0.18 -10.41 7.14
N GLU A 559 -0.08 -11.10 6.00
CA GLU A 559 1.04 -12.04 5.77
C GLU A 559 2.32 -11.22 5.55
N VAL A 560 2.20 -10.01 5.02
CA VAL A 560 3.36 -9.12 4.77
C VAL A 560 3.92 -8.59 6.08
N VAL A 561 3.06 -8.44 7.09
CA VAL A 561 3.43 -7.79 8.37
C VAL A 561 4.69 -8.44 8.93
N PRO A 562 4.69 -9.75 9.27
CA PRO A 562 5.87 -10.39 9.82
C PRO A 562 7.09 -10.36 8.87
N LEU A 563 6.85 -10.24 7.57
CA LEU A 563 7.94 -10.23 6.57
C LEU A 563 8.70 -8.94 6.63
N ILE A 564 7.99 -7.83 6.74
CA ILE A 564 8.61 -6.50 6.60
C ILE A 564 9.51 -6.25 7.81
N VAL A 565 9.19 -6.83 8.96
CA VAL A 565 9.96 -6.62 10.22
C VAL A 565 11.14 -7.59 10.30
N LEU A 566 11.39 -8.41 9.26
CA LEU A 566 12.36 -9.53 9.38
C LEU A 566 13.80 -9.00 9.52
N GLY A 567 14.05 -7.72 9.22
CA GLY A 567 15.34 -7.06 9.51
C GLY A 567 15.82 -7.47 10.87
N HIS A 568 14.92 -7.44 11.85
CA HIS A 568 15.24 -7.69 13.27
C HIS A 568 15.55 -9.17 13.49
N GLU A 569 14.71 -10.05 12.98
CA GLU A 569 14.90 -11.51 13.09
C GLU A 569 16.27 -11.84 12.50
N ALA A 570 16.48 -11.39 11.27
CA ALA A 570 17.70 -11.58 10.46
C ALA A 570 18.92 -11.28 11.33
N TRP A 571 18.85 -10.16 12.03
CA TRP A 571 19.97 -9.67 12.86
C TRP A 571 20.14 -10.65 14.03
N GLU A 572 19.03 -11.05 14.63
CA GLU A 572 19.01 -12.02 15.75
C GLU A 572 19.72 -13.29 15.32
N ASN A 573 19.47 -13.77 14.10
CA ASN A 573 20.03 -15.05 13.61
C ASN A 573 21.49 -14.81 13.24
N TRP A 574 21.78 -13.68 12.62
CA TRP A 574 23.16 -13.27 12.24
C TRP A 574 24.04 -13.07 13.49
N ARG A 575 23.48 -12.48 14.55
CA ARG A 575 24.10 -12.36 15.91
C ARG A 575 24.78 -13.69 16.29
N LEU A 576 24.13 -14.81 15.99
CA LEU A 576 24.55 -16.18 16.39
C LEU A 576 25.91 -16.55 15.81
N LYS A 577 26.35 -15.92 14.72
CA LYS A 577 27.72 -16.08 14.16
C LYS A 577 28.79 -15.76 15.21
N THR A 578 28.46 -14.90 16.18
CA THR A 578 29.39 -14.31 17.18
C THR A 578 29.26 -15.01 18.53
N ARG A 579 28.28 -15.90 18.67
CA ARG A 579 27.93 -16.52 19.98
C ARG A 579 29.00 -17.55 20.35
N ALA A 580 29.62 -18.17 19.35
CA ALA A 580 30.64 -19.25 19.51
C ALA A 580 31.63 -19.19 18.35
N PRO A 581 32.94 -19.39 18.59
CA PRO A 581 33.93 -19.34 17.49
C PRO A 581 33.67 -20.39 16.40
N TRP A 582 33.01 -21.48 16.76
CA TRP A 582 32.69 -22.60 15.83
C TRP A 582 31.53 -22.22 14.91
N MET A 583 30.82 -21.12 15.18
CA MET A 583 29.75 -20.62 14.31
C MET A 583 30.35 -20.05 13.00
N GLU A 584 31.68 -19.84 12.94
CA GLU A 584 32.37 -19.52 11.68
C GLU A 584 32.14 -20.64 10.65
N ASN A 585 31.92 -21.87 11.10
CA ASN A 585 31.68 -23.04 10.22
C ASN A 585 30.26 -22.97 9.65
N LEU A 586 29.38 -22.26 10.35
CA LEU A 586 27.97 -22.07 9.95
C LEU A 586 27.78 -20.66 9.39
N LYS A 587 28.87 -19.97 9.11
CA LYS A 587 28.91 -18.58 8.59
C LYS A 587 27.96 -18.46 7.40
N TRP A 588 28.18 -19.33 6.43
CA TRP A 588 27.53 -19.27 5.12
C TRP A 588 26.07 -19.65 5.23
N PRO A 589 25.73 -20.81 5.82
CA PRO A 589 24.34 -21.10 6.14
C PRO A 589 23.63 -19.94 6.84
N LEU A 590 24.30 -19.32 7.79
CA LEU A 590 23.76 -18.14 8.49
C LEU A 590 23.60 -16.98 7.53
N MET A 591 24.54 -16.79 6.60
CA MET A 591 24.40 -15.75 5.55
C MET A 591 23.18 -16.04 4.69
N CYS A 592 22.96 -17.31 4.37
CA CYS A 592 21.77 -17.73 3.63
C CYS A 592 20.54 -17.30 4.39
N PHE A 593 20.44 -17.68 5.65
CA PHE A 593 19.24 -17.44 6.49
C PHE A 593 19.03 -15.94 6.68
N VAL A 594 20.07 -15.14 6.49
CA VAL A 594 19.92 -13.66 6.50
C VAL A 594 19.39 -13.22 5.14
N ALA A 595 19.88 -13.84 4.08
CA ALA A 595 19.40 -13.61 2.71
C ALA A 595 17.93 -14.03 2.66
N VAL A 596 17.59 -15.09 3.35
CA VAL A 596 16.18 -15.49 3.46
C VAL A 596 15.39 -14.34 4.07
N ALA A 597 15.80 -13.87 5.21
CA ALA A 597 15.13 -12.73 5.86
C ALA A 597 15.08 -11.61 4.83
N PHE A 598 16.19 -11.36 4.16
CA PHE A 598 16.24 -10.15 3.33
C PHE A 598 15.15 -10.21 2.24
N TRP A 599 15.08 -11.37 1.59
CA TRP A 599 14.25 -11.62 0.42
C TRP A 599 12.84 -11.90 0.87
N ASN A 600 12.71 -12.42 2.07
CA ASN A 600 11.36 -12.56 2.64
C ASN A 600 10.78 -11.17 2.75
N MET A 601 11.61 -10.23 3.18
CA MET A 601 11.18 -8.84 3.42
C MET A 601 10.90 -8.22 2.05
N LEU A 602 11.87 -8.31 1.16
CA LEU A 602 11.86 -7.57 -0.11
C LEU A 602 11.06 -8.38 -1.12
N GLY A 603 11.49 -9.61 -1.39
CA GLY A 603 10.86 -10.46 -2.39
C GLY A 603 9.44 -10.78 -2.00
N ALA A 604 9.25 -11.48 -0.90
CA ALA A 604 7.91 -11.95 -0.49
C ALA A 604 7.09 -10.76 -0.02
N GLY A 605 7.64 -9.89 0.82
CA GLY A 605 6.87 -8.84 1.52
C GLY A 605 6.66 -7.65 0.62
N VAL A 606 7.72 -7.02 0.19
CA VAL A 606 7.63 -5.80 -0.63
C VAL A 606 7.02 -6.13 -1.99
N PHE A 607 7.62 -7.05 -2.73
CA PHE A 607 7.18 -7.44 -4.09
C PHE A 607 5.93 -8.30 -4.05
N GLY A 608 5.72 -9.09 -3.00
CA GLY A 608 4.44 -9.79 -2.81
C GLY A 608 3.36 -8.76 -2.59
N PHE A 609 3.66 -7.70 -1.84
CA PHE A 609 2.59 -6.74 -1.49
C PHE A 609 2.39 -5.77 -2.65
N MET A 610 3.45 -5.42 -3.35
CA MET A 610 3.33 -4.69 -4.61
C MET A 610 2.11 -5.25 -5.37
N ILE A 611 2.06 -6.57 -5.55
CA ILE A 611 1.12 -7.22 -6.51
C ILE A 611 -0.11 -7.79 -5.83
N ASN A 612 -0.34 -7.46 -4.58
CA ASN A 612 -1.30 -8.21 -3.75
C ASN A 612 -2.67 -7.53 -3.63
N PRO A 613 -2.78 -6.20 -3.47
CA PRO A 613 -4.09 -5.58 -3.32
C PRO A 613 -4.85 -5.84 -4.60
N PRO A 614 -6.09 -6.36 -4.53
CA PRO A 614 -6.82 -6.81 -5.72
C PRO A 614 -6.70 -5.77 -6.85
N VAL A 615 -6.71 -4.52 -6.52
CA VAL A 615 -6.71 -3.51 -7.58
C VAL A 615 -5.36 -3.56 -8.25
N SER A 616 -4.26 -3.73 -7.53
CA SER A 616 -2.94 -3.78 -8.20
C SER A 616 -2.91 -5.03 -9.08
N LEU A 617 -3.27 -6.15 -8.47
CA LEU A 617 -3.12 -7.46 -9.09
C LEU A 617 -4.06 -7.50 -10.29
N TYR A 618 -5.21 -6.85 -10.16
CA TYR A 618 -6.26 -6.80 -11.20
C TYR A 618 -5.60 -6.47 -12.53
N TYR A 619 -4.66 -5.55 -12.48
CA TYR A 619 -3.90 -5.07 -13.64
C TYR A 619 -2.61 -5.81 -13.83
N ILE A 620 -1.99 -6.30 -12.76
CA ILE A 620 -0.62 -6.79 -12.96
C ILE A 620 -0.60 -8.28 -12.90
N GLN A 621 -1.72 -8.93 -12.60
CA GLN A 621 -1.71 -10.40 -12.62
C GLN A 621 -1.29 -10.86 -14.02
N GLY A 622 -0.26 -11.68 -14.10
CA GLY A 622 0.26 -12.21 -15.36
C GLY A 622 1.16 -11.23 -16.05
N LEU A 623 1.62 -10.20 -15.32
CA LEU A 623 2.67 -9.30 -15.84
C LEU A 623 3.96 -9.61 -15.09
N ASN A 624 5.07 -9.11 -15.62
CA ASN A 624 6.42 -9.43 -15.15
C ASN A 624 6.65 -9.06 -13.68
N THR A 625 5.75 -8.36 -13.02
CA THR A 625 5.84 -8.12 -11.57
C THR A 625 5.70 -9.45 -10.84
N THR A 626 4.95 -10.38 -11.38
CA THR A 626 4.75 -11.68 -10.68
C THR A 626 6.11 -12.36 -10.66
N PRO A 627 6.73 -12.65 -11.82
CA PRO A 627 8.01 -13.33 -11.81
C PRO A 627 9.07 -12.61 -10.97
N VAL A 628 8.94 -11.31 -10.77
CA VAL A 628 9.85 -10.51 -9.92
C VAL A 628 9.68 -11.09 -8.52
N HIS A 629 8.45 -11.00 -8.08
CA HIS A 629 8.04 -11.52 -6.79
C HIS A 629 8.41 -13.01 -6.75
N ALA A 630 7.97 -13.76 -7.71
CA ALA A 630 8.15 -15.21 -7.67
C ALA A 630 9.63 -15.53 -7.53
N HIS A 631 10.50 -14.84 -8.28
CA HIS A 631 11.95 -15.10 -8.21
C HIS A 631 12.47 -14.70 -6.84
N ALA A 632 12.12 -13.50 -6.43
CA ALA A 632 12.68 -12.89 -5.22
C ALA A 632 12.16 -13.71 -4.05
N ALA A 633 10.89 -14.09 -4.09
CA ALA A 633 10.29 -14.81 -2.98
C ALA A 633 10.74 -16.28 -3.05
N LEU A 634 10.62 -16.94 -4.17
CA LEU A 634 10.81 -18.40 -4.12
C LEU A 634 12.29 -18.69 -3.97
N PHE A 635 13.12 -18.02 -4.74
CA PHE A 635 14.57 -18.28 -4.65
C PHE A 635 15.10 -17.59 -3.41
N GLY A 636 14.80 -16.30 -3.27
CA GLY A 636 15.39 -15.46 -2.24
C GLY A 636 15.08 -16.03 -0.87
N VAL A 637 13.91 -16.62 -0.72
CA VAL A 637 13.46 -17.14 0.59
C VAL A 637 13.78 -18.64 0.68
N TYR A 638 13.07 -19.45 -0.09
CA TYR A 638 13.08 -20.92 0.05
C TYR A 638 14.34 -21.43 -0.64
N GLY A 639 14.83 -20.69 -1.62
CA GLY A 639 16.02 -21.13 -2.33
C GLY A 639 17.19 -21.01 -1.40
N PHE A 640 17.36 -19.83 -0.81
CA PHE A 640 18.43 -19.58 0.19
C PHE A 640 18.21 -20.47 1.43
N LEU A 641 16.97 -20.61 1.91
CA LEU A 641 16.71 -21.57 3.01
C LEU A 641 17.30 -22.91 2.62
N ALA A 642 16.85 -23.45 1.50
CA ALA A 642 17.24 -24.79 1.01
C ALA A 642 18.75 -24.86 0.90
N LEU A 643 19.37 -23.80 0.42
CA LEU A 643 20.83 -23.78 0.20
C LEU A 643 21.51 -23.63 1.56
N GLY A 644 21.04 -22.69 2.37
CA GLY A 644 21.45 -22.51 3.76
C GLY A 644 21.46 -23.85 4.45
N PHE A 645 20.32 -24.50 4.42
CA PHE A 645 20.12 -25.85 4.97
C PHE A 645 21.05 -26.83 4.33
N THR A 646 21.36 -26.62 3.06
CA THR A 646 22.24 -27.51 2.29
C THR A 646 23.62 -27.39 2.88
N LEU A 647 24.05 -26.16 3.08
CA LEU A 647 25.41 -25.82 3.56
C LEU A 647 25.57 -26.29 5.01
N LEU A 648 24.50 -26.18 5.78
CA LEU A 648 24.40 -26.60 7.18
C LEU A 648 24.61 -28.12 7.26
N VAL A 649 23.81 -28.87 6.52
CA VAL A 649 23.90 -30.35 6.48
C VAL A 649 25.27 -30.75 5.95
N LEU A 650 25.77 -30.04 4.95
CA LEU A 650 27.12 -30.22 4.40
C LEU A 650 28.14 -29.97 5.50
N ARG A 651 27.92 -28.92 6.31
CA ARG A 651 28.85 -28.56 7.39
C ARG A 651 29.05 -29.76 8.31
N TYR A 652 27.99 -30.53 8.51
CA TYR A 652 27.97 -31.63 9.49
C TYR A 652 28.29 -32.96 8.83
N ILE A 653 27.88 -33.18 7.58
CA ILE A 653 28.05 -34.51 6.95
C ILE A 653 29.40 -34.54 6.25
N ARG A 654 30.04 -33.38 6.12
CA ARG A 654 31.45 -33.22 5.71
C ARG A 654 32.10 -32.31 6.73
N PRO A 655 32.29 -32.82 7.97
CA PRO A 655 32.59 -31.96 9.10
C PRO A 655 34.00 -31.37 9.04
N GLN A 656 34.88 -31.97 8.26
CA GLN A 656 36.28 -31.50 8.10
C GLN A 656 36.34 -30.51 6.95
N TYR A 657 35.33 -30.49 6.06
CA TYR A 657 35.36 -29.67 4.83
C TYR A 657 35.05 -28.23 5.17
N ALA A 658 36.03 -27.36 4.89
CA ALA A 658 35.96 -25.89 5.01
C ALA A 658 35.45 -25.33 3.69
N LEU A 659 34.43 -24.48 3.73
CA LEU A 659 33.89 -23.85 2.51
C LEU A 659 34.90 -22.81 2.05
N SER A 660 35.05 -22.65 0.74
CA SER A 660 35.93 -21.64 0.12
C SER A 660 35.28 -20.27 0.35
N PRO A 661 35.90 -19.39 1.16
CA PRO A 661 35.38 -18.03 1.37
C PRO A 661 35.15 -17.25 0.08
N GLY A 662 36.03 -17.48 -0.90
CA GLY A 662 35.95 -16.86 -2.23
C GLY A 662 34.79 -17.43 -3.00
N LEU A 663 34.77 -18.75 -3.13
CA LEU A 663 33.69 -19.47 -3.84
C LEU A 663 32.35 -19.08 -3.24
N MET A 664 32.28 -19.00 -1.92
CA MET A 664 31.01 -18.74 -1.21
C MET A 664 30.69 -17.26 -1.28
N LYS A 665 31.69 -16.39 -1.35
CA LYS A 665 31.39 -14.95 -1.56
C LYS A 665 30.79 -14.82 -2.96
N LEU A 666 31.24 -15.63 -3.91
CA LEU A 666 30.76 -15.58 -5.30
C LEU A 666 29.36 -16.21 -5.36
N ALA A 667 29.24 -17.44 -4.89
CA ALA A 667 27.96 -18.16 -4.70
C ALA A 667 26.92 -17.24 -4.05
N PHE A 668 27.25 -16.65 -2.92
CA PHE A 668 26.28 -15.95 -2.08
C PHE A 668 25.94 -14.61 -2.73
N TRP A 669 26.96 -13.85 -3.15
CA TRP A 669 26.75 -12.48 -3.68
C TRP A 669 26.22 -12.57 -5.11
N GLY A 670 26.72 -13.50 -5.90
CA GLY A 670 26.19 -13.86 -7.21
C GLY A 670 24.72 -14.16 -7.13
N LEU A 671 24.29 -14.94 -6.15
CA LEU A 671 22.85 -15.27 -6.04
C LEU A 671 22.09 -14.03 -5.63
N ASN A 672 22.54 -13.38 -4.58
CA ASN A 672 21.85 -12.20 -4.03
C ASN A 672 21.83 -11.10 -5.08
N LEU A 673 22.96 -10.86 -5.73
CA LEU A 673 23.06 -9.67 -6.59
C LEU A 673 22.57 -10.07 -7.98
N GLY A 674 22.76 -11.32 -8.38
CA GLY A 674 22.13 -11.87 -9.57
C GLY A 674 20.63 -11.72 -9.47
N LEU A 675 20.08 -12.09 -8.33
CA LEU A 675 18.62 -12.05 -8.12
C LEU A 675 18.18 -10.61 -8.14
N ALA A 676 18.88 -9.72 -7.46
CA ALA A 676 18.53 -8.29 -7.46
C ALA A 676 18.66 -7.75 -8.90
N LEU A 677 19.62 -8.21 -9.67
CA LEU A 677 19.83 -7.66 -11.02
C LEU A 677 18.69 -8.14 -11.93
N MET A 678 18.43 -9.43 -11.95
CA MET A 678 17.26 -9.99 -12.65
C MET A 678 16.01 -9.16 -12.35
N ILE A 679 15.71 -8.92 -11.08
CA ILE A 679 14.45 -8.25 -10.67
C ILE A 679 14.50 -6.84 -11.19
N PHE A 680 15.56 -6.10 -10.83
CA PHE A 680 15.54 -4.63 -10.81
C PHE A 680 15.86 -4.06 -12.19
N THR A 681 16.67 -4.77 -12.97
CA THR A 681 17.20 -4.29 -14.26
C THR A 681 16.40 -4.89 -15.42
N SER A 682 15.60 -5.91 -15.17
CA SER A 682 14.84 -6.59 -16.25
C SER A 682 13.38 -6.73 -15.81
N LEU A 683 13.11 -7.65 -14.91
CA LEU A 683 11.73 -8.11 -14.69
C LEU A 683 10.88 -6.95 -14.20
N LEU A 684 11.37 -6.17 -13.26
CA LEU A 684 10.54 -5.14 -12.60
C LEU A 684 10.26 -4.00 -13.59
N PRO A 685 11.29 -3.42 -14.25
CA PRO A 685 11.05 -2.41 -15.29
C PRO A 685 9.98 -2.88 -16.29
N ILE A 686 10.09 -4.12 -16.75
CA ILE A 686 9.14 -4.75 -17.71
C ILE A 686 7.76 -4.80 -17.07
N GLY A 687 7.66 -5.42 -15.91
CA GLY A 687 6.38 -5.50 -15.22
C GLY A 687 5.77 -4.11 -15.11
N LEU A 688 6.57 -3.07 -14.90
CA LEU A 688 6.01 -1.70 -14.71
C LEU A 688 5.55 -1.11 -16.06
N ILE A 689 6.36 -1.27 -17.08
CA ILE A 689 5.99 -0.91 -18.48
C ILE A 689 4.73 -1.65 -18.87
N GLN A 690 4.60 -2.92 -18.49
CA GLN A 690 3.40 -3.70 -18.78
C GLN A 690 2.25 -3.25 -17.90
N PHE A 691 2.56 -2.90 -16.68
CA PHE A 691 1.53 -2.45 -15.74
C PHE A 691 0.92 -1.21 -16.38
N HIS A 692 1.79 -0.35 -16.88
CA HIS A 692 1.38 0.88 -17.57
C HIS A 692 0.43 0.52 -18.70
N ALA A 693 0.83 -0.46 -19.50
CA ALA A 693 0.10 -0.92 -20.69
C ALA A 693 -1.21 -1.53 -20.21
N SER A 694 -1.16 -2.35 -19.19
CA SER A 694 -2.35 -3.07 -18.71
C SER A 694 -3.39 -2.07 -18.27
N VAL A 695 -2.93 -1.02 -17.58
CA VAL A 695 -3.82 0.04 -17.01
C VAL A 695 -4.28 0.89 -18.18
N SER A 696 -3.36 1.26 -19.06
CA SER A 696 -3.70 2.20 -20.16
C SER A 696 -4.66 1.49 -21.12
N GLU A 697 -4.29 0.33 -21.62
CA GLU A 697 -5.00 -0.31 -22.73
C GLU A 697 -5.85 -1.49 -22.27
N GLY A 698 -5.35 -2.26 -21.31
CA GLY A 698 -5.97 -3.55 -20.95
C GLY A 698 -4.93 -4.66 -20.90
N MET A 699 -5.32 -5.75 -20.26
CA MET A 699 -4.43 -6.89 -20.02
C MET A 699 -3.99 -7.45 -21.37
N TRP A 700 -4.93 -7.65 -22.30
CA TRP A 700 -4.66 -8.16 -23.67
C TRP A 700 -3.47 -7.37 -24.22
N TYR A 701 -3.45 -6.07 -24.01
CA TYR A 701 -2.45 -5.20 -24.66
C TYR A 701 -1.08 -5.43 -24.01
N ALA A 702 -1.06 -5.56 -22.68
CA ALA A 702 0.15 -5.70 -21.85
C ALA A 702 0.83 -7.01 -22.20
N ARG A 703 0.04 -7.98 -22.65
CA ARG A 703 0.53 -9.35 -22.93
C ARG A 703 0.73 -9.56 -24.41
N SER A 704 0.41 -8.57 -25.22
CA SER A 704 0.23 -8.70 -26.68
C SER A 704 1.61 -8.72 -27.28
N GLU A 705 1.77 -9.39 -28.41
CA GLU A 705 3.09 -9.49 -29.05
C GLU A 705 3.51 -8.08 -29.45
N ALA A 706 2.64 -7.28 -30.05
CA ALA A 706 3.10 -5.95 -30.55
C ALA A 706 3.78 -5.23 -29.39
N PHE A 707 3.14 -5.28 -28.22
CA PHE A 707 3.61 -4.55 -27.03
C PHE A 707 4.87 -5.19 -26.47
N MET A 708 4.83 -6.50 -26.29
CA MET A 708 5.93 -7.29 -25.70
C MET A 708 7.15 -7.23 -26.61
N GLN A 709 6.95 -6.97 -27.90
CA GLN A 709 8.04 -6.96 -28.89
C GLN A 709 8.50 -5.54 -29.12
N GLN A 710 8.10 -4.60 -28.29
CA GLN A 710 8.65 -3.23 -28.43
C GLN A 710 10.09 -3.21 -27.95
N ASP A 711 10.83 -2.20 -28.40
CA ASP A 711 12.30 -2.18 -28.30
C ASP A 711 12.71 -2.11 -26.83
N ILE A 712 12.03 -1.28 -26.04
CA ILE A 712 12.45 -1.10 -24.62
C ILE A 712 12.39 -2.49 -23.97
N LEU A 713 11.30 -3.19 -24.22
CA LEU A 713 11.04 -4.50 -23.59
C LEU A 713 12.04 -5.50 -24.14
N LYS A 714 12.38 -5.42 -25.42
CA LYS A 714 13.36 -6.36 -26.01
C LYS A 714 14.69 -6.14 -25.26
N THR A 715 15.03 -4.88 -25.03
CA THR A 715 16.31 -4.49 -24.41
C THR A 715 16.29 -4.90 -22.95
N LEU A 716 15.15 -4.73 -22.27
CA LEU A 716 15.02 -5.09 -20.83
C LEU A 716 15.04 -6.61 -20.71
N ARG A 717 14.45 -7.32 -21.66
CA ARG A 717 14.49 -8.79 -21.66
C ARG A 717 15.90 -9.25 -21.95
N TRP A 718 16.60 -8.56 -22.81
CA TRP A 718 18.01 -8.91 -23.14
CA TRP A 718 18.00 -8.91 -23.14
C TRP A 718 18.89 -8.61 -21.92
N GLY A 719 18.63 -7.49 -21.27
CA GLY A 719 19.40 -6.98 -20.12
C GLY A 719 19.26 -7.87 -18.92
N ARG A 720 18.27 -8.75 -18.93
CA ARG A 720 18.11 -9.77 -17.88
C ARG A 720 19.41 -10.58 -17.81
N THR A 721 20.04 -10.79 -18.96
CA THR A 721 21.23 -11.66 -19.16
C THR A 721 22.31 -11.29 -18.14
N PHE A 722 22.47 -10.03 -17.83
CA PHE A 722 23.46 -9.53 -16.85
C PHE A 722 23.22 -10.24 -15.51
N GLY A 723 22.04 -10.04 -14.93
CA GLY A 723 21.65 -10.62 -13.64
C GLY A 723 21.63 -12.14 -13.74
N ASP A 724 21.13 -12.64 -14.85
CA ASP A 724 21.02 -14.10 -15.08
C ASP A 724 22.41 -14.70 -15.00
N VAL A 725 23.38 -14.00 -15.54
CA VAL A 725 24.79 -14.49 -15.61
C VAL A 725 25.40 -14.31 -14.23
N VAL A 726 25.23 -13.14 -13.63
CA VAL A 726 25.74 -12.91 -12.26
C VAL A 726 25.16 -14.01 -11.39
N PHE A 727 23.89 -14.32 -11.60
CA PHE A 727 23.15 -15.33 -10.82
C PHE A 727 23.70 -16.73 -11.14
N LEU A 728 23.86 -17.06 -12.40
CA LEU A 728 24.34 -18.41 -12.84
C LEU A 728 25.74 -18.62 -12.25
N LEU A 729 26.58 -17.58 -12.22
CA LEU A 729 27.89 -17.53 -11.54
C LEU A 729 27.70 -17.94 -10.08
N GLY A 730 26.91 -17.19 -9.33
CA GLY A 730 26.56 -17.53 -7.94
C GLY A 730 26.12 -18.97 -7.84
N ALA A 731 25.11 -19.35 -8.61
CA ALA A 731 24.52 -20.69 -8.55
C ALA A 731 25.62 -21.69 -8.85
N LEU A 732 26.52 -21.37 -9.78
CA LEU A 732 27.57 -22.30 -10.21
C LEU A 732 28.52 -22.50 -9.05
N ALA A 733 28.90 -21.41 -8.41
CA ALA A 733 29.81 -21.33 -7.26
C ALA A 733 29.21 -22.16 -6.14
N MET A 734 27.94 -21.89 -5.84
CA MET A 734 27.18 -22.67 -4.86
C MET A 734 27.18 -24.16 -5.25
N VAL A 735 26.94 -24.48 -6.51
CA VAL A 735 26.83 -25.90 -6.94
C VAL A 735 28.20 -26.54 -6.78
N VAL A 736 29.24 -25.87 -7.27
CA VAL A 736 30.63 -26.40 -7.22
C VAL A 736 30.96 -26.59 -5.75
N GLN A 737 30.78 -25.52 -4.98
CA GLN A 737 31.08 -25.52 -3.53
C GLN A 737 30.53 -26.78 -2.90
N VAL A 738 29.24 -27.01 -3.05
CA VAL A 738 28.56 -28.17 -2.41
C VAL A 738 29.15 -29.44 -3.02
N ILE A 739 29.40 -29.49 -4.33
CA ILE A 739 29.98 -30.67 -5.02
C ILE A 739 31.34 -30.98 -4.39
N LEU A 740 32.21 -29.99 -4.30
CA LEU A 740 33.56 -30.15 -3.71
C LEU A 740 33.38 -30.71 -2.29
N GLY A 741 32.60 -30.02 -1.45
CA GLY A 741 32.25 -30.49 -0.11
C GLY A 741 31.90 -31.97 -0.10
N LEU A 742 31.01 -32.37 -0.98
CA LEU A 742 30.47 -33.74 -1.03
C LEU A 742 31.58 -34.68 -1.48
N LEU A 743 32.44 -34.22 -2.41
CA LEU A 743 33.56 -35.03 -2.96
C LEU A 743 34.72 -35.13 -1.95
N SER A 744 34.72 -34.30 -0.91
CA SER A 744 35.73 -34.33 0.18
C SER A 744 35.38 -35.39 1.24
N GLY A 745 34.35 -36.23 1.02
CA GLY A 745 33.95 -37.32 1.94
C GLY A 745 33.23 -38.45 1.24
N LYS A 746 33.98 -39.44 0.74
CA LYS A 746 33.50 -40.64 -0.02
C LYS A 746 32.83 -40.20 -1.31
N PRO A 747 33.57 -40.02 -2.45
CA PRO A 747 32.97 -39.53 -3.69
C PRO A 747 31.99 -40.47 -4.40
N ALA A 748 31.73 -41.68 -3.88
CA ALA A 748 30.85 -42.71 -4.49
C ALA A 748 29.69 -43.09 -3.54
N ALA A 749 28.88 -42.12 -3.12
CA ALA A 749 27.53 -42.30 -2.56
C ALA A 749 26.77 -40.98 -2.72
N ALA A 750 27.00 -40.25 -3.84
CA ALA A 750 26.44 -38.88 -4.09
C ALA A 750 25.87 -38.79 -5.50
N MET B 1 30.53 20.56 16.32
CA MET B 1 29.98 19.25 15.83
C MET B 1 30.66 18.11 16.61
N GLY B 2 31.10 17.02 15.96
CA GLY B 2 31.94 15.98 16.58
C GLY B 2 31.47 14.57 16.23
N PRO B 3 30.84 13.83 17.16
CA PRO B 3 30.43 12.46 16.89
C PRO B 3 29.15 12.34 16.06
N TYR B 4 28.56 13.48 15.65
CA TYR B 4 27.30 13.57 14.89
C TYR B 4 27.48 14.27 13.54
N ARG B 5 28.70 14.35 13.01
CA ARG B 5 29.00 14.95 11.68
C ARG B 5 28.17 14.26 10.60
N ARG B 6 28.17 12.92 10.62
CA ARG B 6 27.50 12.03 9.64
C ARG B 6 25.99 12.30 9.66
N LEU B 7 25.41 12.30 10.87
CA LEU B 7 23.96 12.53 11.11
C LEU B 7 23.61 13.97 10.72
N TRP B 8 24.51 14.90 10.95
CA TRP B 8 24.35 16.31 10.53
C TRP B 8 24.35 16.41 9.00
N PHE B 9 25.44 15.96 8.40
CA PHE B 9 25.65 16.00 6.93
C PHE B 9 24.52 15.23 6.25
N THR B 10 24.01 14.19 6.88
CA THR B 10 22.82 13.46 6.38
C THR B 10 21.58 14.37 6.46
N LEU B 11 21.42 15.13 7.54
CA LEU B 11 20.25 16.02 7.71
C LEU B 11 20.33 17.12 6.64
N ILE B 12 21.44 17.83 6.59
CA ILE B 12 21.77 18.88 5.58
C ILE B 12 21.53 18.29 4.18
N ALA B 13 22.07 17.10 3.91
CA ALA B 13 21.93 16.40 2.62
C ALA B 13 20.45 16.19 2.33
N VAL B 14 19.72 15.56 3.26
CA VAL B 14 18.24 15.39 3.18
C VAL B 14 17.60 16.75 2.91
N LEU B 15 17.91 17.77 3.70
CA LEU B 15 17.32 19.12 3.51
C LEU B 15 17.62 19.62 2.10
N ALA B 16 18.90 19.70 1.76
CA ALA B 16 19.40 20.10 0.42
C ALA B 16 18.57 19.41 -0.66
N VAL B 17 18.65 18.08 -0.72
CA VAL B 17 18.00 17.24 -1.78
C VAL B 17 16.49 17.49 -1.75
N THR B 18 15.87 17.52 -0.56
CA THR B 18 14.40 17.60 -0.42
C THR B 18 13.94 18.99 -0.88
N PHE B 19 14.58 20.06 -0.43
CA PHE B 19 14.17 21.45 -0.78
C PHE B 19 14.50 21.74 -2.24
N ALA B 20 15.48 21.03 -2.80
CA ALA B 20 15.69 20.93 -4.26
C ALA B 20 14.38 20.43 -4.89
N LEU B 21 13.97 19.21 -4.57
CA LEU B 21 12.73 18.61 -5.15
C LEU B 21 11.55 19.58 -4.94
N LEU B 22 11.39 20.11 -3.73
CA LEU B 22 10.24 20.97 -3.39
C LEU B 22 10.34 22.25 -4.21
N GLY B 23 11.50 22.91 -4.18
CA GLY B 23 11.73 24.18 -4.89
C GLY B 23 11.75 24.04 -6.40
N PHE B 24 12.26 22.93 -6.94
CA PHE B 24 12.37 22.69 -8.40
C PHE B 24 10.97 22.42 -8.94
N TYR B 25 10.32 21.42 -8.35
CA TYR B 25 8.95 21.01 -8.73
C TYR B 25 7.98 22.13 -8.37
N GLY B 26 8.39 23.08 -7.53
CA GLY B 26 7.77 24.40 -7.35
C GLY B 26 7.81 25.27 -8.59
N GLY B 27 8.93 25.33 -9.31
CA GLY B 27 8.97 25.97 -10.64
C GLY B 27 8.02 25.27 -11.62
N GLU B 28 7.97 23.94 -11.61
CA GLU B 28 7.05 23.17 -12.49
C GLU B 28 5.60 23.35 -12.02
N VAL B 29 5.36 23.63 -10.75
CA VAL B 29 3.97 23.84 -10.25
C VAL B 29 3.49 25.19 -10.81
N TYR B 30 4.35 26.19 -10.79
CA TYR B 30 4.01 27.55 -11.28
C TYR B 30 3.76 27.52 -12.79
N ARG B 31 4.60 26.77 -13.52
CA ARG B 31 4.65 26.77 -15.00
C ARG B 31 3.45 26.00 -15.58
N GLN B 32 3.17 24.83 -15.01
CA GLN B 32 2.12 23.89 -15.45
C GLN B 32 0.78 24.20 -14.76
N ALA B 33 0.64 25.33 -14.06
CA ALA B 33 -0.65 25.73 -13.44
C ALA B 33 -1.69 25.97 -14.54
N PRO B 34 -2.89 25.36 -14.47
CA PRO B 34 -3.92 25.57 -15.48
C PRO B 34 -4.02 27.05 -15.81
N PRO B 35 -4.06 27.43 -17.10
CA PRO B 35 -4.17 28.83 -17.45
C PRO B 35 -5.49 29.30 -16.88
N ILE B 36 -5.56 30.57 -16.56
CA ILE B 36 -6.83 31.27 -16.33
C ILE B 36 -6.98 32.05 -17.62
N PRO B 37 -7.84 31.58 -18.55
CA PRO B 37 -7.89 32.16 -19.88
C PRO B 37 -8.26 33.63 -19.69
N GLU B 38 -7.48 34.54 -20.30
CA GLU B 38 -7.75 36.00 -20.17
C GLU B 38 -9.22 36.21 -20.46
N GLU B 39 -9.75 35.52 -21.46
CA GLU B 39 -11.14 35.64 -21.95
C GLU B 39 -11.72 34.25 -22.07
N VAL B 40 -12.92 34.06 -21.54
CA VAL B 40 -13.81 32.93 -21.85
C VAL B 40 -14.91 33.47 -22.76
N ALA B 41 -14.97 32.97 -23.98
CA ALA B 41 -15.96 33.41 -24.99
C ALA B 41 -16.70 32.19 -25.51
N SER B 42 -17.99 32.33 -25.84
CA SER B 42 -18.74 31.34 -26.65
C SER B 42 -18.14 31.35 -28.05
N ALA B 43 -18.12 30.20 -28.73
CA ALA B 43 -17.71 30.06 -30.14
C ALA B 43 -18.42 31.11 -31.00
N ASP B 44 -19.72 31.33 -30.76
CA ASP B 44 -20.54 32.38 -31.45
C ASP B 44 -19.85 33.76 -31.31
N GLY B 45 -18.96 33.92 -30.32
CA GLY B 45 -18.00 35.04 -30.21
C GLY B 45 -18.25 35.88 -28.97
N THR B 46 -19.41 35.73 -28.31
CA THR B 46 -19.78 36.50 -27.09
C THR B 46 -18.77 36.20 -25.97
N ARG B 47 -18.20 37.25 -25.39
CA ARG B 47 -17.39 37.20 -24.16
C ARG B 47 -18.28 36.78 -23.00
N LEU B 48 -17.99 35.61 -22.42
CA LEU B 48 -18.74 35.07 -21.25
C LEU B 48 -18.19 35.73 -19.98
N PHE B 49 -16.88 35.65 -19.80
CA PHE B 49 -16.14 36.20 -18.64
C PHE B 49 -14.67 36.10 -18.97
N GLY B 50 -13.80 36.57 -18.08
CA GLY B 50 -12.35 36.40 -18.26
C GLY B 50 -11.64 36.06 -16.97
N ARG B 51 -10.32 36.11 -17.02
CA ARG B 51 -9.37 35.97 -15.87
C ARG B 51 -9.95 36.73 -14.69
N ASP B 52 -10.13 38.04 -14.87
CA ASP B 52 -10.47 38.96 -13.77
C ASP B 52 -11.75 38.47 -13.10
N ASP B 53 -12.70 37.95 -13.86
CA ASP B 53 -13.98 37.41 -13.35
C ASP B 53 -13.75 36.10 -12.63
N ILE B 54 -12.90 35.24 -13.17
CA ILE B 54 -12.53 33.97 -12.50
C ILE B 54 -11.86 34.33 -11.17
N LEU B 55 -10.91 35.27 -11.17
CA LEU B 55 -10.16 35.67 -9.95
C LEU B 55 -11.11 36.36 -8.97
N ASP B 56 -11.93 37.30 -9.43
CA ASP B 56 -13.03 37.92 -8.64
C ASP B 56 -13.91 36.84 -8.02
N GLY B 57 -14.12 35.76 -8.74
CA GLY B 57 -14.90 34.63 -8.24
C GLY B 57 -14.15 33.85 -7.22
N GLN B 58 -12.83 33.81 -7.35
CA GLN B 58 -11.91 33.22 -6.35
C GLN B 58 -12.08 33.98 -5.05
N THR B 59 -12.06 35.30 -5.13
CA THR B 59 -12.24 36.16 -3.95
C THR B 59 -13.63 36.04 -3.32
N ALA B 60 -14.67 35.95 -4.12
CA ALA B 60 -16.03 35.75 -3.62
C ALA B 60 -16.10 34.42 -2.89
N TRP B 61 -15.56 33.39 -3.53
CA TRP B 61 -15.48 32.06 -2.90
C TRP B 61 -14.69 32.13 -1.59
N GLN B 62 -13.58 32.87 -1.59
CA GLN B 62 -12.77 33.04 -0.39
C GLN B 62 -13.64 33.62 0.70
N SER B 63 -14.41 34.63 0.34
CA SER B 63 -15.16 35.50 1.28
C SER B 63 -16.19 34.66 2.02
N ILE B 64 -16.60 33.54 1.43
CA ILE B 64 -17.67 32.71 2.00
C ILE B 64 -17.05 31.58 2.78
N GLY B 65 -15.73 31.59 2.98
CA GLY B 65 -15.08 30.50 3.73
C GLY B 65 -14.23 29.63 2.82
N GLY B 66 -14.31 29.85 1.51
CA GLY B 66 -13.53 29.16 0.50
C GLY B 66 -13.57 27.69 0.79
N MET B 67 -12.44 27.14 1.17
CA MET B 67 -12.28 25.70 1.42
C MET B 67 -12.95 25.32 2.74
N GLN B 68 -13.54 26.25 3.46
CA GLN B 68 -14.29 25.90 4.67
C GLN B 68 -15.72 25.60 4.32
N LEU B 69 -16.06 25.78 3.05
CA LEU B 69 -17.39 25.44 2.51
C LEU B 69 -17.18 24.58 1.28
N GLY B 70 -17.42 23.30 1.42
CA GLY B 70 -17.00 22.32 0.41
C GLY B 70 -15.63 22.58 -0.10
N SER B 71 -15.35 22.06 -1.28
CA SER B 71 -13.99 21.81 -1.76
C SER B 71 -13.86 22.37 -3.14
N ILE B 72 -12.63 22.71 -3.45
CA ILE B 72 -12.14 23.00 -4.82
C ILE B 72 -10.97 22.09 -5.08
N TRP B 73 -11.07 21.31 -6.14
CA TRP B 73 -10.02 20.37 -6.54
C TRP B 73 -9.78 19.43 -5.38
N GLY B 74 -10.86 19.08 -4.71
CA GLY B 74 -10.85 18.17 -3.58
C GLY B 74 -10.18 18.72 -2.34
N HIS B 75 -9.91 20.01 -2.28
CA HIS B 75 -9.41 20.65 -1.05
C HIS B 75 -10.53 21.39 -0.36
N GLY B 76 -10.78 21.08 0.90
CA GLY B 76 -11.60 21.98 1.73
C GLY B 76 -12.46 21.18 2.62
N ALA B 77 -13.72 21.51 2.66
CA ALA B 77 -14.62 20.97 3.65
C ALA B 77 -15.39 19.90 2.93
N TYR B 78 -16.07 19.05 3.66
CA TYR B 78 -16.64 17.83 3.09
C TYR B 78 -18.14 17.80 3.18
N GLN B 79 -18.81 18.77 3.77
CA GLN B 79 -20.27 18.61 3.91
C GLN B 79 -20.92 19.14 2.63
N ALA B 80 -20.48 20.29 2.15
CA ALA B 80 -20.86 20.80 0.83
C ALA B 80 -20.16 19.94 -0.20
N PRO B 81 -20.50 20.05 -1.50
CA PRO B 81 -19.82 19.25 -2.53
C PRO B 81 -18.41 19.75 -2.74
N ASP B 82 -17.62 18.94 -3.41
CA ASP B 82 -16.54 19.55 -4.18
C ASP B 82 -17.16 20.36 -5.30
N TRP B 83 -17.00 21.67 -5.28
CA TRP B 83 -17.63 22.55 -6.27
C TRP B 83 -17.11 22.22 -7.65
N THR B 84 -15.85 21.88 -7.77
CA THR B 84 -15.26 21.56 -9.06
C THR B 84 -16.01 20.35 -9.59
N ALA B 85 -16.17 19.33 -8.77
CA ALA B 85 -16.68 18.03 -9.21
C ALA B 85 -18.18 18.17 -9.48
N ASP B 86 -18.85 18.86 -8.58
CA ASP B 86 -20.29 19.18 -8.64
C ASP B 86 -20.56 20.04 -9.88
N TRP B 87 -19.75 21.04 -10.09
CA TRP B 87 -19.91 21.90 -11.26
C TRP B 87 -19.70 21.07 -12.53
N LEU B 88 -18.56 20.45 -12.63
CA LEU B 88 -18.19 19.57 -13.75
C LEU B 88 -19.36 18.67 -14.03
N HIS B 89 -19.82 17.96 -13.02
CA HIS B 89 -20.88 16.99 -13.26
C HIS B 89 -22.15 17.66 -13.78
N ARG B 90 -22.43 18.86 -13.34
CA ARG B 90 -23.71 19.53 -13.61
C ARG B 90 -23.65 20.14 -14.99
N GLU B 91 -22.50 20.70 -15.31
CA GLU B 91 -22.22 21.23 -16.65
C GLU B 91 -22.17 20.08 -17.65
N LEU B 92 -21.44 19.01 -17.38
CA LEU B 92 -21.35 17.90 -18.36
C LEU B 92 -22.76 17.34 -18.55
N MET B 93 -23.50 17.16 -17.47
CA MET B 93 -24.87 16.63 -17.56
C MET B 93 -25.75 17.61 -18.32
N ALA B 94 -25.51 18.90 -18.20
CA ALA B 94 -26.34 19.94 -18.84
C ALA B 94 -26.08 19.80 -20.32
N TRP B 95 -24.80 19.80 -20.66
CA TRP B 95 -24.28 19.58 -22.02
C TRP B 95 -24.93 18.34 -22.62
N LEU B 96 -24.90 17.23 -21.90
CA LEU B 96 -25.47 15.94 -22.33
C LEU B 96 -26.98 16.07 -22.54
N ASP B 97 -27.66 16.84 -21.72
CA ASP B 97 -29.10 17.10 -21.88
C ASP B 97 -29.33 17.94 -23.14
N LEU B 98 -28.43 18.88 -23.45
CA LEU B 98 -28.50 19.72 -24.65
C LEU B 98 -28.15 18.88 -25.89
N ALA B 99 -27.03 18.17 -25.82
CA ALA B 99 -26.62 17.16 -26.81
C ALA B 99 -27.79 16.24 -27.12
N ALA B 100 -28.39 15.65 -26.08
CA ALA B 100 -29.39 14.59 -26.24
C ALA B 100 -30.63 15.17 -26.92
N ARG B 101 -31.05 16.36 -26.53
CA ARG B 101 -32.19 17.10 -27.09
C ARG B 101 -31.92 17.46 -28.56
N ASP B 102 -30.77 18.05 -28.85
CA ASP B 102 -30.36 18.39 -30.24
C ASP B 102 -30.53 17.16 -31.15
N ALA B 103 -29.99 16.01 -30.72
CA ALA B 103 -29.78 14.80 -31.55
C ALA B 103 -30.97 13.84 -31.45
N HIS B 104 -31.70 13.82 -30.33
CA HIS B 104 -32.78 12.84 -30.06
C HIS B 104 -34.02 13.48 -29.44
N GLY B 105 -34.05 14.81 -29.24
CA GLY B 105 -35.18 15.51 -28.59
C GLY B 105 -35.67 14.82 -27.31
N ARG B 106 -34.87 13.93 -26.75
CA ARG B 106 -35.06 13.32 -25.42
C ARG B 106 -33.88 13.82 -24.58
N ASP B 107 -33.98 13.79 -23.26
CA ASP B 107 -32.85 14.12 -22.37
C ASP B 107 -31.91 12.91 -22.33
N TYR B 108 -30.66 13.15 -21.96
CA TYR B 108 -29.62 12.10 -21.83
C TYR B 108 -30.12 10.89 -21.04
N GLY B 109 -30.78 11.14 -19.92
CA GLY B 109 -31.32 10.09 -19.05
C GLY B 109 -32.35 9.24 -19.76
N GLN B 110 -33.05 9.83 -20.74
CA GLN B 110 -34.14 9.17 -21.50
C GLN B 110 -33.55 8.28 -22.60
N LEU B 111 -32.33 8.55 -23.04
CA LEU B 111 -31.65 7.81 -24.13
C LEU B 111 -31.21 6.41 -23.67
N ASP B 112 -31.18 5.49 -24.63
CA ASP B 112 -30.54 4.16 -24.53
C ASP B 112 -29.04 4.34 -24.27
N ALA B 113 -28.40 3.33 -23.66
CA ALA B 113 -26.96 3.33 -23.32
C ALA B 113 -26.12 3.66 -24.55
N PRO B 114 -26.38 3.08 -25.74
CA PRO B 114 -25.57 3.40 -26.91
C PRO B 114 -25.61 4.88 -27.29
N ALA B 115 -26.79 5.49 -27.34
CA ALA B 115 -26.93 6.95 -27.62
C ALA B 115 -26.14 7.70 -26.55
N GLN B 116 -26.39 7.33 -25.30
CA GLN B 116 -25.70 7.90 -24.12
C GLN B 116 -24.19 7.75 -24.29
N ALA B 117 -23.72 6.59 -24.75
CA ALA B 117 -22.28 6.32 -24.89
C ALA B 117 -21.70 7.27 -25.93
N ALA B 118 -22.44 7.51 -27.01
CA ALA B 118 -22.03 8.34 -28.16
C ALA B 118 -22.02 9.80 -27.72
N LEU B 119 -23.09 10.23 -27.07
CA LEU B 119 -23.12 11.54 -26.41
C LEU B 119 -21.92 11.68 -25.48
N ARG B 120 -21.75 10.75 -24.54
CA ARG B 120 -20.59 10.81 -23.63
C ARG B 120 -19.32 10.93 -24.44
N GLU B 121 -19.22 10.26 -25.58
CA GLU B 121 -17.96 10.31 -26.37
C GLU B 121 -17.80 11.72 -26.96
N GLN B 122 -18.89 12.34 -27.41
CA GLN B 122 -18.87 13.72 -27.94
C GLN B 122 -18.60 14.72 -26.82
N LEU B 123 -19.21 14.50 -25.66
CA LEU B 123 -18.91 15.31 -24.45
C LEU B 123 -17.42 15.22 -24.20
N LYS B 124 -16.91 14.00 -24.07
CA LYS B 124 -15.49 13.78 -23.72
C LYS B 124 -14.63 14.48 -24.77
N ALA B 125 -14.91 14.27 -26.05
CA ALA B 125 -14.13 14.87 -27.14
C ALA B 125 -14.06 16.37 -26.90
N GLU B 126 -15.21 16.98 -26.60
CA GLU B 126 -15.29 18.44 -26.50
C GLU B 126 -14.56 18.93 -25.26
N TYR B 127 -14.93 18.41 -24.10
CA TYR B 127 -14.43 18.90 -22.80
C TYR B 127 -12.92 18.69 -22.70
N ARG B 128 -12.45 17.50 -23.03
CA ARG B 128 -11.02 17.19 -22.85
C ARG B 128 -10.17 18.01 -23.80
N ALA B 129 -10.71 18.46 -24.93
CA ALA B 129 -9.93 19.13 -25.99
C ALA B 129 -10.02 20.64 -25.83
N ASN B 130 -10.74 21.11 -24.80
CA ASN B 130 -11.21 22.50 -24.71
C ASN B 130 -10.11 23.38 -24.09
N ARG B 131 -8.89 23.25 -24.58
CA ARG B 131 -7.78 24.11 -24.11
C ARG B 131 -8.06 25.55 -24.53
N ALA B 132 -7.52 26.47 -23.75
CA ALA B 132 -7.47 27.90 -24.08
C ALA B 132 -6.48 28.02 -25.24
N ASP B 133 -6.38 29.22 -25.81
CA ASP B 133 -5.36 29.57 -26.83
C ASP B 133 -3.97 29.38 -26.20
N ALA B 134 -2.93 29.34 -27.03
CA ALA B 134 -1.52 29.50 -26.60
C ALA B 134 -1.39 30.85 -25.88
N ALA B 135 -0.72 30.86 -24.72
CA ALA B 135 -0.56 31.99 -23.79
C ALA B 135 -1.73 32.04 -22.80
N GLY B 136 -2.56 30.99 -22.74
CA GLY B 136 -3.83 30.95 -22.00
C GLY B 136 -4.64 32.22 -22.26
N GLY B 137 -4.77 32.58 -23.55
CA GLY B 137 -5.23 33.90 -23.99
C GLY B 137 -6.74 33.96 -24.05
N LYS B 138 -7.35 32.96 -24.69
CA LYS B 138 -8.81 32.91 -24.89
C LYS B 138 -9.26 31.45 -24.81
N LEU B 139 -10.28 31.20 -24.00
CA LEU B 139 -10.97 29.91 -23.96
C LEU B 139 -12.28 30.14 -24.69
N THR B 140 -12.48 29.42 -25.78
CA THR B 140 -13.75 29.47 -26.50
C THR B 140 -14.55 28.28 -26.03
N LEU B 141 -15.77 28.52 -25.59
CA LEU B 141 -16.69 27.42 -25.29
C LEU B 141 -17.58 27.24 -26.51
N SER B 142 -17.79 25.98 -26.90
CA SER B 142 -18.87 25.61 -27.84
C SER B 142 -20.16 26.19 -27.29
N PRO B 143 -21.13 26.61 -28.13
CA PRO B 143 -22.34 27.23 -27.61
C PRO B 143 -23.13 26.32 -26.66
N ARG B 144 -23.02 25.03 -26.87
CA ARG B 144 -23.63 24.01 -26.00
C ARG B 144 -22.96 24.12 -24.63
N ARG B 145 -21.64 24.15 -24.61
CA ARG B 145 -20.90 24.32 -23.35
C ARG B 145 -21.24 25.69 -22.79
N ALA B 146 -21.16 26.75 -23.58
CA ALA B 146 -21.56 28.09 -23.12
C ALA B 146 -22.93 27.99 -22.46
N GLN B 147 -23.85 27.23 -23.04
CA GLN B 147 -25.21 27.03 -22.48
C GLN B 147 -25.17 26.20 -21.19
N ALA B 148 -24.55 25.02 -21.22
CA ALA B 148 -24.32 24.14 -20.05
C ALA B 148 -23.81 24.98 -18.89
N VAL B 149 -22.83 25.81 -19.19
CA VAL B 149 -22.17 26.71 -18.23
C VAL B 149 -23.24 27.66 -17.71
N ALA B 150 -23.94 28.33 -18.60
CA ALA B 150 -24.99 29.31 -18.22
C ALA B 150 -25.97 28.63 -17.27
N GLN B 151 -26.41 27.42 -17.54
CA GLN B 151 -27.44 26.80 -16.67
C GLN B 151 -26.80 26.19 -15.42
N THR B 152 -25.50 25.91 -15.43
CA THR B 152 -24.76 25.52 -14.20
C THR B 152 -24.52 26.79 -13.36
N GLU B 153 -24.16 27.91 -13.96
CA GLU B 153 -24.10 29.20 -13.25
C GLU B 153 -25.42 29.46 -12.53
N ALA B 154 -26.55 29.26 -13.19
CA ALA B 154 -27.90 29.52 -12.65
C ALA B 154 -28.09 28.70 -11.38
N TYR B 155 -27.74 27.43 -11.45
CA TYR B 155 -27.92 26.49 -10.32
C TYR B 155 -27.20 27.01 -9.08
N TYR B 156 -25.92 27.38 -9.24
CA TYR B 156 -25.05 27.82 -8.14
C TYR B 156 -25.49 29.20 -7.69
N ASP B 157 -25.97 30.03 -8.59
CA ASP B 157 -26.53 31.37 -8.23
C ASP B 157 -27.65 31.17 -7.21
N GLN B 158 -28.41 30.11 -7.36
CA GLN B 158 -29.57 29.77 -6.50
C GLN B 158 -29.07 29.11 -5.24
N LEU B 159 -28.12 28.20 -5.37
CA LEU B 159 -27.64 27.44 -4.20
C LEU B 159 -27.04 28.44 -3.20
N PHE B 160 -26.28 29.41 -3.67
CA PHE B 160 -25.48 30.28 -2.80
C PHE B 160 -26.28 31.50 -2.40
N SER B 161 -27.56 31.53 -2.75
CA SER B 161 -28.52 32.60 -2.40
C SER B 161 -29.50 32.04 -1.36
N ASP B 162 -30.65 32.69 -1.20
CA ASP B 162 -31.73 32.29 -0.26
C ASP B 162 -32.82 31.52 -1.03
N ALA B 163 -32.54 31.16 -2.29
CA ALA B 163 -33.52 30.56 -3.23
C ALA B 163 -34.15 29.33 -2.61
N PRO B 164 -35.46 29.37 -2.25
CA PRO B 164 -36.07 28.29 -1.47
C PRO B 164 -36.02 26.91 -2.13
N ALA B 165 -35.96 26.89 -3.45
CA ALA B 165 -35.82 25.67 -4.28
C ALA B 165 -34.64 24.83 -3.77
N LEU B 166 -33.52 25.50 -3.44
CA LEU B 166 -32.26 24.83 -3.00
C LEU B 166 -32.02 24.96 -1.49
N HIS B 167 -33.07 25.14 -0.71
CA HIS B 167 -32.99 25.21 0.76
C HIS B 167 -32.52 23.87 1.32
N ARG B 168 -33.22 22.79 0.99
CA ARG B 168 -32.88 21.41 1.40
C ARG B 168 -31.40 21.15 1.12
N SER B 169 -30.91 21.63 -0.02
CA SER B 169 -29.53 21.44 -0.48
C SER B 169 -28.57 22.19 0.44
N ARG B 170 -28.87 23.44 0.69
CA ARG B 170 -28.09 24.24 1.62
C ARG B 170 -28.06 23.57 2.99
N GLU B 171 -29.20 23.12 3.48
CA GLU B 171 -29.24 22.38 4.75
C GLU B 171 -28.33 21.18 4.63
N ASN B 172 -28.43 20.44 3.56
CA ASN B 172 -27.67 19.18 3.45
C ASN B 172 -26.19 19.54 3.31
N TYR B 173 -25.92 20.74 2.85
CA TYR B 173 -24.58 21.21 2.52
C TYR B 173 -24.04 22.04 3.66
N ALA B 174 -24.81 22.21 4.72
CA ALA B 174 -24.48 23.08 5.86
C ALA B 174 -24.10 24.43 5.29
N MET B 175 -24.80 24.85 4.26
CA MET B 175 -24.60 26.18 3.71
C MET B 175 -25.57 27.05 4.44
N LYS B 176 -25.17 28.25 4.82
CA LYS B 176 -26.18 29.16 5.39
C LYS B 176 -27.02 29.67 4.23
N GLU B 177 -28.27 30.04 4.51
CA GLU B 177 -29.13 30.77 3.55
C GLU B 177 -28.41 32.07 3.21
N ASN B 178 -28.30 32.36 1.93
CA ASN B 178 -27.65 33.59 1.42
C ASN B 178 -26.19 33.51 1.84
N THR B 179 -25.57 32.38 1.54
CA THR B 179 -24.15 32.15 1.78
C THR B 179 -23.37 33.29 1.15
N LEU B 180 -23.76 33.72 -0.04
CA LEU B 180 -23.04 34.71 -0.85
C LEU B 180 -24.08 35.66 -1.43
N PRO B 181 -24.56 36.65 -0.64
CA PRO B 181 -25.76 37.41 -0.98
C PRO B 181 -25.68 38.38 -2.15
N ASP B 182 -24.49 38.87 -2.51
CA ASP B 182 -24.30 39.71 -3.71
C ASP B 182 -24.43 38.83 -4.94
N ALA B 183 -25.39 39.12 -5.81
CA ALA B 183 -25.65 38.38 -7.06
C ALA B 183 -24.42 38.44 -7.95
N ASN B 184 -23.71 39.57 -8.00
CA ASN B 184 -22.51 39.72 -8.86
C ASN B 184 -21.45 38.75 -8.35
N ARG B 185 -21.16 38.83 -7.06
CA ARG B 185 -20.14 38.01 -6.38
C ARG B 185 -20.45 36.54 -6.68
N ARG B 186 -21.72 36.15 -6.61
CA ARG B 186 -22.15 34.77 -6.92
C ARG B 186 -21.88 34.46 -8.39
N ARG B 187 -22.24 35.37 -9.27
CA ARG B 187 -21.94 35.16 -10.69
C ARG B 187 -20.43 34.96 -10.80
N GLN B 188 -19.64 35.90 -10.31
CA GLN B 188 -18.17 35.85 -10.43
C GLN B 188 -17.74 34.49 -9.88
N MET B 189 -18.32 34.12 -8.75
CA MET B 189 -17.94 32.90 -8.08
C MET B 189 -18.17 31.69 -8.99
N THR B 190 -19.28 31.69 -9.72
CA THR B 190 -19.60 30.60 -10.67
C THR B 190 -18.52 30.58 -11.75
N HIS B 191 -18.03 31.75 -12.16
CA HIS B 191 -16.90 31.82 -13.11
C HIS B 191 -15.72 31.05 -12.55
N PHE B 192 -15.41 31.32 -11.29
CA PHE B 192 -14.34 30.62 -10.58
C PHE B 192 -14.67 29.14 -10.58
N PHE B 193 -15.86 28.77 -10.15
CA PHE B 193 -16.25 27.35 -10.15
C PHE B 193 -16.04 26.73 -11.51
N PHE B 194 -16.47 27.47 -12.51
CA PHE B 194 -16.33 27.05 -13.91
C PHE B 194 -14.87 26.74 -14.19
N TRP B 195 -14.05 27.76 -14.00
CA TRP B 195 -12.60 27.64 -14.24
C TRP B 195 -12.05 26.38 -13.56
N THR B 196 -12.44 26.06 -12.34
CA THR B 196 -11.83 24.90 -11.68
C THR B 196 -12.29 23.62 -12.38
N ALA B 197 -13.56 23.57 -12.77
CA ALA B 197 -14.15 22.42 -13.47
C ALA B 197 -13.52 22.33 -14.84
N TRP B 198 -13.37 23.48 -15.46
CA TRP B 198 -12.71 23.58 -16.76
C TRP B 198 -11.31 22.98 -16.66
N ALA B 199 -10.47 23.53 -15.78
CA ALA B 199 -9.13 22.97 -15.52
C ALA B 199 -9.29 21.47 -15.27
N ALA B 200 -10.22 21.08 -14.42
CA ALA B 200 -10.40 19.69 -14.02
C ALA B 200 -10.63 18.82 -15.26
N ALA B 201 -11.24 19.39 -16.30
CA ALA B 201 -11.80 18.65 -17.43
C ALA B 201 -11.03 18.80 -18.71
N THR B 202 -10.11 19.74 -18.79
CA THR B 202 -9.33 20.04 -20.01
C THR B 202 -7.99 19.29 -19.93
N GLU B 203 -7.68 18.50 -20.96
CA GLU B 203 -6.37 17.84 -21.09
C GLU B 203 -5.31 18.91 -21.24
N ARG B 204 -4.17 18.71 -20.60
CA ARG B 204 -2.98 19.56 -20.87
C ARG B 204 -2.56 19.34 -22.31
N GLU B 205 -2.08 20.39 -22.97
CA GLU B 205 -1.58 20.33 -24.37
C GLU B 205 -0.64 19.11 -24.45
N GLY B 206 -0.90 18.22 -25.41
CA GLY B 206 -0.05 17.07 -25.70
C GLY B 206 0.06 16.15 -24.51
N THR B 207 -1.05 15.98 -23.79
CA THR B 207 -1.26 14.92 -22.75
C THR B 207 -2.68 14.38 -22.92
N SER B 208 -2.94 13.24 -22.28
CA SER B 208 -4.28 12.64 -22.14
C SER B 208 -4.82 13.00 -20.75
N VAL B 209 -4.23 14.01 -20.14
CA VAL B 209 -4.37 14.20 -18.67
C VAL B 209 -4.83 15.61 -18.45
N THR B 210 -5.85 15.80 -17.63
CA THR B 210 -6.32 17.17 -17.35
C THR B 210 -5.32 17.93 -16.47
N TYR B 211 -5.49 19.24 -16.42
CA TYR B 211 -4.68 20.14 -15.59
C TYR B 211 -4.69 19.68 -14.14
N THR B 212 -5.75 19.00 -13.73
CA THR B 212 -5.93 18.44 -12.38
C THR B 212 -5.57 16.98 -12.35
N ASN B 213 -4.85 16.49 -13.37
CA ASN B 213 -4.50 15.07 -13.39
C ASN B 213 -5.77 14.26 -13.36
N ASN B 214 -6.73 14.67 -14.19
CA ASN B 214 -7.98 13.91 -14.43
C ASN B 214 -8.83 13.90 -13.20
N TRP B 215 -8.54 14.81 -12.32
CA TRP B 215 -9.30 14.94 -11.09
C TRP B 215 -10.43 15.92 -11.41
N PRO B 216 -11.68 15.68 -11.02
CA PRO B 216 -12.06 14.55 -10.21
C PRO B 216 -12.47 13.38 -11.10
N HIS B 217 -12.68 12.28 -10.44
CA HIS B 217 -13.15 11.05 -11.05
C HIS B 217 -14.53 11.39 -11.60
N GLU B 218 -14.60 11.45 -12.91
CA GLU B 218 -15.78 11.91 -13.67
C GLU B 218 -15.81 11.03 -14.91
N PRO B 219 -16.40 9.83 -14.77
CA PRO B 219 -16.45 8.87 -15.87
C PRO B 219 -16.94 9.54 -17.15
N LEU B 220 -17.88 10.50 -17.05
CA LEU B 220 -18.47 11.20 -18.21
C LEU B 220 -17.43 11.79 -19.15
N ILE B 221 -16.27 12.21 -18.68
CA ILE B 221 -15.25 12.78 -19.60
C ILE B 221 -14.00 11.91 -19.50
N GLY B 222 -14.17 10.68 -19.06
CA GLY B 222 -13.02 9.78 -18.91
C GLY B 222 -11.93 10.34 -18.03
N ASN B 223 -12.29 11.19 -17.06
CA ASN B 223 -11.49 11.49 -15.87
C ASN B 223 -11.44 10.20 -15.04
N HIS B 224 -10.32 9.52 -15.20
CA HIS B 224 -9.92 8.33 -14.46
C HIS B 224 -8.49 8.64 -14.12
N PRO B 225 -7.96 8.01 -13.05
CA PRO B 225 -6.57 8.19 -12.71
C PRO B 225 -5.76 7.99 -13.99
N SER B 226 -4.82 8.89 -14.29
CA SER B 226 -3.75 8.61 -15.29
C SER B 226 -3.10 7.25 -15.03
N SER B 227 -2.46 6.68 -16.05
CA SER B 227 -1.69 5.43 -15.88
C SER B 227 -0.48 5.75 -14.98
N GLU B 228 0.14 6.93 -15.15
CA GLU B 228 1.23 7.48 -14.31
C GLU B 228 0.79 7.53 -12.84
N ASN B 229 -0.33 8.16 -12.55
CA ASN B 229 -0.94 8.12 -11.19
C ASN B 229 -0.86 6.67 -10.70
N VAL B 230 -1.38 5.74 -11.49
CA VAL B 230 -1.45 4.28 -11.12
C VAL B 230 -0.02 3.72 -10.94
N MET B 231 0.90 4.10 -11.81
CA MET B 231 2.34 3.73 -11.72
C MET B 231 2.81 4.11 -10.32
N TRP B 232 2.80 5.41 -10.04
CA TRP B 232 3.48 6.02 -8.88
C TRP B 232 2.84 5.55 -7.58
N SER B 233 1.60 5.18 -7.69
CA SER B 233 0.77 4.62 -6.62
C SER B 233 1.35 3.27 -6.22
N ILE B 234 1.67 2.43 -7.19
CA ILE B 234 2.24 1.07 -6.93
C ILE B 234 3.65 1.31 -6.40
N ILE B 235 4.38 2.19 -7.07
CA ILE B 235 5.76 2.50 -6.64
C ILE B 235 5.71 2.98 -5.19
N SER B 236 4.79 3.87 -4.84
CA SER B 236 4.70 4.42 -3.47
C SER B 236 4.63 3.25 -2.49
N VAL B 237 3.78 2.27 -2.74
CA VAL B 237 3.58 1.15 -1.78
C VAL B 237 4.89 0.41 -1.61
N VAL B 238 5.59 0.20 -2.72
CA VAL B 238 6.87 -0.51 -2.77
C VAL B 238 7.88 0.35 -2.06
N VAL B 239 7.90 1.63 -2.39
CA VAL B 239 8.81 2.56 -1.69
C VAL B 239 8.50 2.43 -0.20
N LEU B 240 7.23 2.39 0.17
CA LEU B 240 6.85 2.39 1.60
C LEU B 240 7.37 1.11 2.25
N LEU B 241 7.11 -0.04 1.65
CA LEU B 241 7.35 -1.33 2.32
C LEU B 241 8.86 -1.60 2.25
N ALA B 242 9.47 -1.29 1.13
CA ALA B 242 10.93 -1.37 0.97
C ALA B 242 11.51 -0.55 2.11
N GLY B 243 11.01 0.69 2.22
CA GLY B 243 11.48 1.70 3.16
C GLY B 243 11.41 1.20 4.58
N ILE B 244 10.30 0.60 4.95
CA ILE B 244 10.11 0.06 6.31
C ILE B 244 11.08 -1.12 6.48
N GLY B 245 11.09 -2.03 5.52
CA GLY B 245 11.85 -3.27 5.60
C GLY B 245 13.33 -2.97 5.74
N LEU B 246 13.83 -2.08 4.90
CA LEU B 246 15.22 -1.61 4.89
C LEU B 246 15.49 -0.80 6.15
N LEU B 247 14.59 0.10 6.55
CA LEU B 247 14.78 0.88 7.79
C LEU B 247 14.98 -0.10 8.95
N ILE B 248 14.10 -1.09 9.06
CA ILE B 248 14.17 -2.09 10.15
C ILE B 248 15.46 -2.89 9.99
N TRP B 249 15.83 -3.21 8.77
CA TRP B 249 17.09 -3.93 8.50
C TRP B 249 18.28 -3.07 8.96
N ALA B 250 18.34 -1.81 8.54
CA ALA B 250 19.40 -0.84 8.87
C ALA B 250 19.50 -0.71 10.38
N TRP B 251 18.35 -0.56 11.01
CA TRP B 251 18.27 -0.35 12.47
C TRP B 251 18.75 -1.64 13.16
N ALA B 252 18.23 -2.79 12.74
CA ALA B 252 18.58 -4.11 13.28
C ALA B 252 20.10 -4.28 13.26
N PHE B 253 20.77 -3.85 12.19
CA PHE B 253 22.16 -4.20 11.83
C PHE B 253 23.13 -3.04 12.09
N LEU B 254 22.66 -1.80 12.29
CA LEU B 254 23.54 -0.60 12.38
C LEU B 254 23.26 0.19 13.66
N ARG B 255 22.78 -0.49 14.70
CA ARG B 255 22.63 0.12 16.06
C ARG B 255 24.00 0.22 16.74
N GLY B 256 24.71 -0.91 16.86
CA GLY B 256 26.04 -1.01 17.47
C GLY B 256 25.99 -1.33 18.96
N LYS B 257 24.96 -2.09 19.40
CA LYS B 257 24.79 -2.63 20.79
C LYS B 257 24.22 -1.54 21.72
N GLU B 258 24.79 -0.33 21.68
CA GLU B 258 24.34 0.87 22.44
C GLU B 258 24.85 0.77 23.88
N GLU B 259 25.34 1.89 24.44
CA GLU B 259 25.95 1.97 25.78
C GLU B 259 25.80 3.40 26.31
N ASP B 260 26.20 3.63 27.57
CA ASP B 260 26.01 4.89 28.32
C ASP B 260 24.51 5.05 28.63
N GLU B 261 24.06 4.37 29.69
CA GLU B 261 22.77 4.61 30.39
C GLU B 261 23.11 4.89 31.85
N PRO B 262 23.57 6.13 32.19
CA PRO B 262 23.87 6.47 33.59
C PRO B 262 22.61 6.31 34.46
N PRO B 263 22.75 6.15 35.79
CA PRO B 263 21.58 6.17 36.66
C PRO B 263 20.91 7.54 36.47
N ALA B 264 19.58 7.57 36.36
CA ALA B 264 18.81 8.83 36.29
C ALA B 264 19.17 9.64 37.53
N PRO B 265 19.23 10.99 37.44
CA PRO B 265 19.41 11.82 38.63
C PRO B 265 18.48 11.40 39.77
N ALA B 266 18.71 11.94 40.97
CA ALA B 266 17.97 11.62 42.19
C ALA B 266 16.75 12.52 42.25
N ARG B 267 16.98 13.79 41.89
CA ARG B 267 15.98 14.87 41.75
C ARG B 267 15.83 15.19 40.27
N ASP B 268 14.59 15.27 39.81
CA ASP B 268 14.23 15.90 38.51
C ASP B 268 15.17 17.09 38.33
N PRO B 269 16.06 17.09 37.31
CA PRO B 269 16.93 18.22 37.07
C PRO B 269 16.18 19.54 36.88
N LEU B 270 15.08 19.50 36.11
CA LEU B 270 14.31 20.68 35.72
C LEU B 270 13.64 21.30 36.95
N THR B 271 13.48 20.55 38.04
CA THR B 271 13.00 21.08 39.35
C THR B 271 14.14 21.75 40.14
N THR B 272 15.39 21.60 39.70
CA THR B 272 16.60 22.18 40.39
C THR B 272 16.70 23.66 40.00
N PHE B 273 16.53 23.97 38.72
CA PHE B 273 16.39 25.34 38.19
C PHE B 273 15.10 25.93 38.75
N ALA B 274 15.17 27.12 39.36
CA ALA B 274 13.99 27.88 39.81
C ALA B 274 13.23 28.32 38.56
N LEU B 275 11.90 28.39 38.64
CA LEU B 275 11.08 28.96 37.55
C LEU B 275 11.53 30.40 37.34
N THR B 276 12.02 30.70 36.13
CA THR B 276 12.33 32.08 35.70
C THR B 276 11.00 32.83 35.64
N PRO B 277 11.00 34.17 35.68
CA PRO B 277 9.76 34.93 35.49
C PRO B 277 9.02 34.58 34.19
N SER B 278 9.75 34.33 33.10
CA SER B 278 9.19 34.04 31.77
C SER B 278 8.62 32.63 31.73
N GLN B 279 9.02 31.76 32.66
CA GLN B 279 8.45 30.39 32.76
C GLN B 279 7.12 30.42 33.51
N ARG B 280 7.02 31.19 34.58
CA ARG B 280 5.73 31.34 35.32
C ARG B 280 4.72 32.08 34.43
N ALA B 281 5.20 32.97 33.59
CA ALA B 281 4.45 33.69 32.53
C ALA B 281 3.85 32.72 31.49
N LEU B 282 4.03 31.40 31.61
CA LEU B 282 3.53 30.38 30.65
C LEU B 282 2.23 29.75 31.13
N GLY B 283 1.85 29.93 32.39
CA GLY B 283 0.55 29.46 32.88
C GLY B 283 -0.55 29.89 31.94
N LYS B 284 -0.56 31.17 31.56
CA LYS B 284 -1.60 31.77 30.72
C LYS B 284 -1.51 31.15 29.33
N TYR B 285 -0.31 30.80 28.87
CA TYR B 285 -0.16 30.06 27.61
C TYR B 285 -0.78 28.69 27.77
N LEU B 286 -0.56 28.04 28.90
CA LEU B 286 -1.16 26.71 29.13
C LEU B 286 -2.68 26.86 29.15
N PHE B 287 -3.16 27.93 29.76
CA PHE B 287 -4.59 28.24 29.83
C PHE B 287 -5.08 28.34 28.39
N LEU B 288 -4.50 29.27 27.64
CA LEU B 288 -4.83 29.48 26.22
C LEU B 288 -4.78 28.14 25.45
N VAL B 289 -3.83 27.27 25.73
CA VAL B 289 -3.75 25.98 25.01
C VAL B 289 -5.04 25.22 25.29
N VAL B 290 -5.42 25.11 26.56
CA VAL B 290 -6.61 24.29 26.90
C VAL B 290 -7.90 25.03 26.56
N ALA B 291 -7.89 26.34 26.66
CA ALA B 291 -9.06 27.18 26.34
C ALA B 291 -9.35 27.00 24.86
N LEU B 292 -8.33 27.24 24.03
CA LEU B 292 -8.47 27.06 22.59
C LEU B 292 -8.81 25.61 22.27
N PHE B 293 -8.20 24.66 22.95
CA PHE B 293 -8.46 23.24 22.72
C PHE B 293 -9.92 22.90 23.06
N GLY B 294 -10.41 23.41 24.17
CA GLY B 294 -11.79 23.13 24.55
C GLY B 294 -12.70 23.86 23.59
N PHE B 295 -12.35 25.07 23.22
CA PHE B 295 -13.14 25.85 22.25
C PHE B 295 -13.22 25.01 20.98
N GLN B 296 -12.07 24.55 20.57
CA GLN B 296 -11.83 23.86 19.32
C GLN B 296 -12.70 22.64 19.27
N VAL B 297 -12.70 21.91 20.36
CA VAL B 297 -13.45 20.65 20.47
C VAL B 297 -14.93 21.00 20.34
N LEU B 298 -15.39 22.08 20.96
CA LEU B 298 -16.81 22.48 20.93
C LEU B 298 -17.20 22.85 19.50
N LEU B 299 -16.32 23.59 18.85
CA LEU B 299 -16.41 23.96 17.43
C LEU B 299 -16.45 22.73 16.53
N GLY B 300 -15.74 21.68 16.87
CA GLY B 300 -15.91 20.44 16.13
C GLY B 300 -17.30 19.90 16.32
N GLY B 301 -17.80 19.91 17.55
CA GLY B 301 -19.16 19.47 17.83
C GLY B 301 -20.17 20.32 17.10
N PHE B 302 -19.93 21.62 17.05
CA PHE B 302 -20.80 22.59 16.35
CA PHE B 302 -20.83 22.55 16.35
C PHE B 302 -20.74 22.26 14.86
N THR B 303 -19.54 22.11 14.35
CA THR B 303 -19.33 21.73 12.95
C THR B 303 -20.06 20.42 12.73
N ALA B 304 -19.90 19.45 13.61
CA ALA B 304 -20.45 18.10 13.41
C ALA B 304 -21.99 18.15 13.44
N HIS B 305 -22.53 19.09 14.18
CA HIS B 305 -23.98 19.36 14.31
C HIS B 305 -24.55 19.68 12.94
N TYR B 306 -23.86 20.55 12.22
CA TYR B 306 -24.27 21.02 10.89
C TYR B 306 -24.18 19.94 9.83
N THR B 307 -23.38 18.92 10.06
CA THR B 307 -23.24 17.81 9.12
C THR B 307 -24.43 16.89 9.30
N VAL B 308 -25.19 17.05 10.38
CA VAL B 308 -26.42 16.27 10.63
C VAL B 308 -27.66 17.18 10.64
N GLU B 309 -27.50 18.51 10.70
CA GLU B 309 -28.60 19.49 10.71
C GLU B 309 -28.05 20.86 10.24
N GLY B 310 -27.92 21.04 8.93
CA GLY B 310 -27.12 22.10 8.26
C GLY B 310 -27.40 23.52 8.70
N GLN B 311 -28.44 23.78 9.52
CA GLN B 311 -28.87 25.19 9.69
C GLN B 311 -29.42 25.51 11.07
N LYS B 312 -30.37 24.74 11.58
CA LYS B 312 -31.00 25.01 12.89
C LYS B 312 -30.16 24.34 13.97
N PHE B 313 -30.47 24.64 15.23
CA PHE B 313 -29.85 24.10 16.47
C PHE B 313 -30.83 24.40 17.59
N TYR B 314 -31.75 23.46 17.85
CA TYR B 314 -32.99 23.66 18.65
C TYR B 314 -33.86 24.76 18.01
N GLY B 315 -33.94 24.79 16.69
CA GLY B 315 -34.93 25.58 15.94
C GLY B 315 -34.51 27.03 15.73
N ILE B 316 -33.45 27.50 16.38
CA ILE B 316 -32.82 28.82 16.06
C ILE B 316 -31.81 28.58 14.93
N ASP B 317 -31.93 29.35 13.83
CA ASP B 317 -31.04 29.24 12.65
C ASP B 317 -29.69 29.87 13.02
N LEU B 318 -28.84 29.08 13.68
CA LEU B 318 -27.49 29.51 14.10
C LEU B 318 -26.62 29.84 12.89
N SER B 319 -26.92 29.28 11.73
CA SER B 319 -26.10 29.42 10.50
C SER B 319 -26.04 30.85 10.00
N GLN B 320 -26.94 31.72 10.42
CA GLN B 320 -26.92 33.14 10.00
C GLN B 320 -25.65 33.78 10.54
N TRP B 321 -25.23 33.34 11.73
CA TRP B 321 -24.12 33.96 12.48
C TRP B 321 -22.92 33.02 12.49
N PHE B 322 -23.19 31.79 12.91
CA PHE B 322 -22.20 30.70 13.12
C PHE B 322 -22.57 29.59 12.21
N PRO B 323 -22.43 29.81 10.89
CA PRO B 323 -22.59 28.73 9.94
C PRO B 323 -21.42 27.76 10.01
N TYR B 324 -21.67 26.61 9.44
CA TYR B 324 -20.70 25.51 9.35
C TYR B 324 -19.41 26.11 8.86
N SER B 325 -19.50 27.03 7.94
CA SER B 325 -18.28 27.49 7.27
C SER B 325 -17.44 28.17 8.34
N LEU B 326 -18.10 28.89 9.23
CA LEU B 326 -17.42 29.72 10.23
C LEU B 326 -16.85 28.82 11.31
N VAL B 327 -17.68 27.97 11.84
CA VAL B 327 -17.31 27.07 12.95
C VAL B 327 -16.33 26.03 12.43
N ARG B 328 -16.40 25.65 11.18
CA ARG B 328 -15.37 24.76 10.64
C ARG B 328 -14.08 25.55 10.59
N THR B 329 -14.12 26.77 10.10
CA THR B 329 -12.92 27.59 10.04
C THR B 329 -12.28 27.61 11.42
N TRP B 330 -13.07 28.01 12.39
CA TRP B 330 -12.65 28.19 13.77
C TRP B 330 -12.17 26.87 14.32
N HIS B 331 -12.92 25.84 14.08
CA HIS B 331 -12.49 24.49 14.46
C HIS B 331 -11.07 24.25 14.02
N ILE B 332 -10.78 24.56 12.77
CA ILE B 332 -9.43 24.26 12.21
C ILE B 332 -8.48 25.31 12.80
N GLN B 333 -8.76 26.57 12.61
CA GLN B 333 -7.89 27.67 13.04
C GLN B 333 -7.61 27.54 14.53
N SER B 334 -8.59 27.17 15.33
CA SER B 334 -8.36 27.02 16.77
C SER B 334 -7.41 25.86 17.00
N ALA B 335 -7.52 24.80 16.21
CA ALA B 335 -6.67 23.60 16.35
C ALA B 335 -5.24 24.06 16.21
N LEU B 336 -4.98 24.84 15.17
CA LEU B 336 -3.63 25.32 14.85
C LEU B 336 -3.12 26.17 15.99
N PHE B 337 -3.96 27.01 16.52
CA PHE B 337 -3.53 28.08 17.46
C PHE B 337 -3.12 27.41 18.76
N TRP B 338 -3.97 26.51 19.23
CA TRP B 338 -3.70 25.85 20.51
C TRP B 338 -2.58 24.84 20.37
N ILE B 339 -2.44 24.23 19.20
CA ILE B 339 -1.34 23.27 19.00
C ILE B 339 -0.07 24.11 18.93
N ALA B 340 -0.06 25.11 18.07
CA ALA B 340 1.09 26.01 17.94
C ALA B 340 1.48 26.51 19.34
N THR B 341 0.52 26.91 20.15
CA THR B 341 0.73 27.57 21.46
C THR B 341 1.37 26.58 22.42
N GLY B 342 0.83 25.38 22.47
CA GLY B 342 1.50 24.24 23.11
C GLY B 342 2.96 24.25 22.78
N PHE B 343 3.31 24.26 21.50
CA PHE B 343 4.74 24.15 21.06
C PHE B 343 5.46 25.41 21.50
N LEU B 344 4.92 26.57 21.15
CA LEU B 344 5.49 27.87 21.52
C LEU B 344 5.73 27.93 23.04
N ALA B 345 4.81 27.42 23.83
CA ALA B 345 4.90 27.41 25.30
C ALA B 345 6.07 26.48 25.67
N ALA B 346 6.00 25.24 25.19
CA ALA B 346 7.06 24.23 25.35
C ALA B 346 8.41 24.90 25.09
N GLY B 347 8.58 25.55 23.94
CA GLY B 347 9.83 26.23 23.59
C GLY B 347 10.18 27.29 24.60
N LEU B 348 9.23 28.10 24.99
CA LEU B 348 9.51 29.27 25.86
C LEU B 348 9.88 28.78 27.26
N PHE B 349 9.30 27.66 27.68
CA PHE B 349 9.66 26.99 28.95
C PHE B 349 11.14 26.59 28.89
N LEU B 350 11.57 26.02 27.76
CA LEU B 350 12.95 25.55 27.52
C LEU B 350 13.94 26.71 27.36
N ALA B 351 13.57 27.78 26.65
CA ALA B 351 14.49 28.89 26.31
C ALA B 351 15.31 29.23 27.55
N PRO B 352 14.72 29.65 28.69
CA PRO B 352 15.49 30.13 29.84
C PRO B 352 16.20 29.00 30.59
N LEU B 353 15.68 27.80 30.43
CA LEU B 353 16.25 26.56 30.99
C LEU B 353 17.46 26.12 30.18
N ILE B 354 17.57 26.60 28.95
CA ILE B 354 18.70 26.32 28.03
C ILE B 354 19.84 27.29 28.35
N ASN B 355 19.56 28.58 28.60
CA ASN B 355 20.61 29.50 29.11
C ASN B 355 20.62 29.39 30.63
N GLY B 356 20.87 28.18 31.12
CA GLY B 356 21.14 27.88 32.54
C GLY B 356 20.11 28.47 33.47
N GLY B 357 18.84 28.13 33.22
CA GLY B 357 17.73 28.34 34.17
C GLY B 357 17.56 29.79 34.55
N ARG B 358 17.95 30.71 33.66
CA ARG B 358 17.86 32.18 33.87
C ARG B 358 17.19 32.80 32.63
N ASP B 359 16.39 33.86 32.82
CA ASP B 359 15.70 34.56 31.72
C ASP B 359 16.66 35.51 31.03
N PRO B 360 16.77 35.45 29.68
CA PRO B 360 17.32 36.55 28.91
C PRO B 360 16.61 37.83 29.35
N LYS B 361 17.27 38.97 29.23
CA LYS B 361 16.67 40.26 29.65
C LYS B 361 15.41 40.44 28.80
N TYR B 362 14.27 40.75 29.43
CA TYR B 362 12.99 41.07 28.76
C TYR B 362 12.34 39.80 28.21
N GLN B 363 12.60 38.64 28.81
CA GLN B 363 11.98 37.37 28.36
C GLN B 363 10.55 37.30 28.92
N LYS B 364 10.32 37.72 30.16
CA LYS B 364 8.95 37.76 30.73
C LYS B 364 8.12 38.76 29.92
N ALA B 365 8.71 39.92 29.61
CA ALA B 365 8.10 40.96 28.75
C ALA B 365 7.63 40.27 27.47
N GLY B 366 8.57 39.67 26.75
CA GLY B 366 8.32 39.07 25.43
C GLY B 366 7.30 37.97 25.54
N VAL B 367 7.35 37.19 26.61
CA VAL B 367 6.46 36.03 26.78
C VAL B 367 5.04 36.54 27.02
N ASP B 368 4.89 37.74 27.57
CA ASP B 368 3.56 38.36 27.82
C ASP B 368 3.08 39.06 26.55
N ILE B 369 3.94 39.84 25.90
CA ILE B 369 3.63 40.47 24.59
C ILE B 369 3.25 39.36 23.59
N LEU B 370 4.09 38.34 23.44
CA LEU B 370 3.82 37.23 22.50
C LEU B 370 2.44 36.68 22.80
N PHE B 371 2.09 36.56 24.07
CA PHE B 371 0.82 35.91 24.46
C PHE B 371 -0.37 36.70 23.93
N TRP B 372 -0.37 38.00 24.20
CA TRP B 372 -1.46 38.91 23.81
C TRP B 372 -1.44 39.07 22.31
N ALA B 373 -0.25 39.11 21.70
CA ALA B 373 -0.05 39.04 20.24
C ALA B 373 -0.82 37.85 19.66
N LEU B 374 -0.70 36.68 20.29
CA LEU B 374 -1.36 35.43 19.82
C LEU B 374 -2.86 35.52 20.00
N VAL B 375 -3.30 36.02 21.15
CA VAL B 375 -4.73 36.17 21.52
C VAL B 375 -5.36 37.19 20.58
N LEU B 376 -4.67 38.30 20.32
CA LEU B 376 -5.05 39.33 19.33
C LEU B 376 -5.24 38.63 17.98
N VAL B 377 -4.22 37.95 17.52
CA VAL B 377 -4.27 37.24 16.23
C VAL B 377 -5.45 36.28 16.25
N VAL B 378 -5.68 35.56 17.35
CA VAL B 378 -6.78 34.57 17.43
C VAL B 378 -8.13 35.29 17.39
N VAL B 379 -8.29 36.33 18.19
CA VAL B 379 -9.60 37.03 18.32
C VAL B 379 -9.85 37.79 17.02
N GLY B 380 -8.85 38.50 16.55
CA GLY B 380 -8.96 39.32 15.34
C GLY B 380 -9.33 38.43 14.18
N SER B 381 -8.56 37.37 13.98
CA SER B 381 -8.72 36.42 12.87
C SER B 381 -10.12 35.84 12.95
N PHE B 382 -10.50 35.41 14.14
CA PHE B 382 -11.81 34.79 14.38
C PHE B 382 -12.91 35.78 14.05
N ALA B 383 -12.75 37.02 14.46
CA ALA B 383 -13.71 38.09 14.22
C ALA B 383 -13.76 38.28 12.73
N GLY B 384 -12.58 38.43 12.13
CA GLY B 384 -12.38 38.55 10.67
C GLY B 384 -13.16 37.50 9.95
N ASN B 385 -13.03 36.24 10.36
CA ASN B 385 -13.69 35.10 9.69
C ASN B 385 -15.20 35.26 9.85
N TYR B 386 -15.66 35.57 11.06
CA TYR B 386 -17.10 35.78 11.32
C TYR B 386 -17.66 36.78 10.30
N LEU B 387 -16.97 37.91 10.21
CA LEU B 387 -17.34 39.07 9.39
C LEU B 387 -17.25 38.73 7.91
N ALA B 388 -16.24 37.98 7.53
CA ALA B 388 -16.10 37.45 6.17
C ALA B 388 -17.33 36.61 5.85
N ILE B 389 -17.61 35.61 6.69
CA ILE B 389 -18.66 34.59 6.44
C ILE B 389 -20.03 35.24 6.52
N ALA B 390 -20.21 36.22 7.40
CA ALA B 390 -21.44 37.03 7.56
C ALA B 390 -21.65 37.91 6.31
N GLN B 391 -20.58 38.16 5.57
CA GLN B 391 -20.50 38.93 4.31
C GLN B 391 -20.70 40.41 4.63
N ILE B 392 -20.25 40.81 5.83
CA ILE B 392 -20.16 42.22 6.32
C ILE B 392 -18.86 42.80 5.77
N MET B 393 -17.79 42.04 5.96
CA MET B 393 -16.44 42.30 5.45
C MET B 393 -16.50 42.80 4.02
N PRO B 394 -16.07 44.04 3.74
CA PRO B 394 -15.88 44.48 2.35
C PRO B 394 -15.08 43.45 1.57
N PRO B 395 -15.56 42.98 0.39
CA PRO B 395 -14.84 41.98 -0.40
C PRO B 395 -13.33 42.25 -0.58
N ASP B 396 -12.96 43.53 -0.59
CA ASP B 396 -11.61 44.00 -0.94
C ASP B 396 -10.75 44.06 0.33
N LEU B 397 -11.37 43.84 1.49
CA LEU B 397 -10.69 43.62 2.78
C LEU B 397 -10.67 42.15 3.12
N ASN B 398 -11.42 41.33 2.39
CA ASN B 398 -11.76 39.98 2.90
C ASN B 398 -10.47 39.21 3.15
N PHE B 399 -9.50 39.33 2.27
CA PHE B 399 -8.33 38.44 2.26
C PHE B 399 -7.34 38.91 3.33
N TRP B 400 -7.40 40.19 3.67
CA TRP B 400 -6.56 40.81 4.72
C TRP B 400 -7.14 40.58 6.10
N LEU B 401 -8.43 40.80 6.23
CA LEU B 401 -9.08 40.89 7.54
C LEU B 401 -10.04 39.76 7.72
N GLY B 402 -10.43 39.09 6.64
CA GLY B 402 -11.64 38.27 6.68
C GLY B 402 -11.31 36.81 6.77
N HIS B 403 -11.28 36.18 5.62
CA HIS B 403 -11.18 34.71 5.45
C HIS B 403 -10.45 34.54 4.16
N GLN B 404 -9.25 34.02 4.21
CA GLN B 404 -8.49 33.74 2.99
C GLN B 404 -9.19 32.66 2.19
N GLY B 405 -10.15 31.96 2.77
CA GLY B 405 -10.84 30.85 2.13
C GLY B 405 -9.94 29.66 1.89
N TYR B 406 -8.69 29.69 2.32
CA TYR B 406 -7.79 28.53 2.18
C TYR B 406 -7.67 27.85 3.53
N GLU B 407 -7.90 26.57 3.51
CA GLU B 407 -7.99 25.76 4.73
C GLU B 407 -6.64 25.90 5.47
N TYR B 408 -6.68 26.07 6.79
CA TYR B 408 -5.47 26.11 7.66
C TYR B 408 -4.72 27.41 7.52
N VAL B 409 -5.08 28.25 6.57
CA VAL B 409 -4.50 29.61 6.47
C VAL B 409 -5.66 30.57 6.24
N ASP B 410 -6.77 30.23 6.84
CA ASP B 410 -8.08 30.88 6.63
C ASP B 410 -7.98 32.31 7.16
N LEU B 411 -7.22 32.48 8.23
CA LEU B 411 -7.12 33.77 8.91
C LEU B 411 -6.73 34.78 7.86
N GLY B 412 -7.32 35.97 7.94
CA GLY B 412 -7.01 37.09 7.04
C GLY B 412 -5.52 37.24 6.95
N ARG B 413 -5.05 37.83 5.86
CA ARG B 413 -3.62 38.00 5.61
C ARG B 413 -3.03 38.81 6.74
N LEU B 414 -3.74 39.82 7.24
CA LEU B 414 -3.21 40.69 8.31
C LEU B 414 -2.84 39.81 9.51
N TRP B 415 -3.80 39.00 9.95
CA TRP B 415 -3.71 38.11 11.12
C TRP B 415 -2.62 37.08 10.91
N GLN B 416 -2.45 36.70 9.65
CA GLN B 416 -1.45 35.71 9.21
C GLN B 416 -0.06 36.34 9.37
N ILE B 417 0.04 37.61 9.09
CA ILE B 417 1.26 38.44 9.28
C ILE B 417 1.45 38.61 10.79
N GLY B 418 0.37 38.91 11.50
CA GLY B 418 0.35 38.94 12.97
C GLY B 418 0.88 37.63 13.49
N LYS B 419 0.37 36.52 12.99
CA LYS B 419 0.73 35.17 13.47
C LYS B 419 2.20 34.95 13.19
N PHE B 420 2.66 35.45 12.05
CA PHE B 420 4.06 35.27 11.58
C PHE B 420 4.99 36.08 12.47
N ALA B 421 4.65 37.35 12.68
CA ALA B 421 5.33 38.29 13.57
C ALA B 421 5.41 37.68 14.98
N GLY B 422 4.28 37.19 15.48
CA GLY B 422 4.19 36.41 16.72
C GLY B 422 5.23 35.31 16.76
N ILE B 423 5.24 34.46 15.74
CA ILE B 423 6.10 33.25 15.68
C ILE B 423 7.54 33.69 15.49
N CYS B 424 7.76 34.77 14.75
CA CYS B 424 9.10 35.39 14.59
C CYS B 424 9.54 35.91 15.96
N PHE B 425 8.67 36.67 16.63
CA PHE B 425 8.94 37.18 18.00
C PHE B 425 9.29 36.02 18.93
N TRP B 426 8.58 34.91 18.80
CA TRP B 426 8.85 33.69 19.58
C TRP B 426 10.20 33.12 19.19
N LEU B 427 10.54 33.14 17.90
CA LEU B 427 11.90 32.82 17.39
C LEU B 427 12.90 33.65 18.20
N VAL B 428 12.69 34.97 18.32
CA VAL B 428 13.61 35.86 19.09
C VAL B 428 13.67 35.42 20.55
N LEU B 429 12.54 35.17 21.21
CA LEU B 429 12.52 34.79 22.65
C LEU B 429 13.22 33.45 22.85
N MET B 430 13.08 32.55 21.90
CA MET B 430 13.74 31.25 21.96
C MET B 430 15.24 31.49 21.88
N LEU B 431 15.67 32.15 20.82
CA LEU B 431 17.07 32.46 20.48
C LEU B 431 17.69 33.33 21.55
N ARG B 432 16.89 34.08 22.27
CA ARG B 432 17.37 34.82 23.46
C ARG B 432 17.90 33.83 24.48
N GLY B 433 17.27 32.67 24.61
CA GLY B 433 17.65 31.63 25.56
C GLY B 433 18.60 30.61 24.98
N ILE B 434 18.69 30.50 23.67
CA ILE B 434 19.42 29.39 22.99
C ILE B 434 20.76 29.89 22.48
N VAL B 435 20.86 31.16 22.07
CA VAL B 435 22.11 31.72 21.49
C VAL B 435 23.18 31.74 22.57
N PRO B 436 22.93 32.28 23.79
CA PRO B 436 23.93 32.22 24.86
C PRO B 436 24.46 30.79 25.08
N ALA B 437 23.55 29.82 25.14
CA ALA B 437 23.85 28.40 25.36
C ALA B 437 24.62 27.81 24.19
N LEU B 438 24.53 28.43 23.00
CA LEU B 438 25.31 28.05 21.80
C LEU B 438 26.66 28.77 21.84
N ARG B 439 26.66 30.05 22.22
CA ARG B 439 27.86 30.92 22.19
C ARG B 439 28.78 30.61 23.37
N THR B 440 28.30 29.91 24.41
CA THR B 440 29.11 29.50 25.58
C THR B 440 30.16 28.49 25.11
N PRO B 441 31.48 28.77 25.32
CA PRO B 441 32.54 27.91 24.80
C PRO B 441 32.58 26.61 25.60
N GLY B 442 31.76 25.64 25.20
CA GLY B 442 31.36 24.49 26.02
C GLY B 442 31.30 23.20 25.23
N GLY B 443 30.55 22.23 25.75
CA GLY B 443 30.62 20.83 25.30
C GLY B 443 29.73 20.58 24.09
N ASP B 444 28.86 19.57 24.21
CA ASP B 444 28.03 19.06 23.10
C ASP B 444 26.86 20.03 22.92
N LYS B 445 26.89 20.77 21.81
CA LYS B 445 25.93 21.87 21.48
C LYS B 445 25.14 21.47 20.23
N ASN B 446 25.01 20.17 19.97
CA ASN B 446 24.49 19.60 18.70
C ASN B 446 22.98 19.42 18.76
N LEU B 447 22.47 18.94 19.90
CA LEU B 447 21.02 18.87 20.16
C LEU B 447 20.48 20.30 20.10
N LEU B 448 21.19 21.19 20.79
CA LEU B 448 20.76 22.59 20.94
C LEU B 448 20.83 23.29 19.58
N ALA B 449 21.79 22.91 18.74
CA ALA B 449 21.93 23.37 17.35
C ALA B 449 20.71 22.86 16.56
N LEU B 450 20.40 21.57 16.69
CA LEU B 450 19.24 20.96 16.01
C LEU B 450 17.96 21.63 16.50
N LEU B 451 17.89 21.96 17.79
CA LEU B 451 16.74 22.67 18.40
C LEU B 451 16.67 24.08 17.79
N THR B 452 17.74 24.86 17.82
CA THR B 452 17.75 26.26 17.30
C THR B 452 17.38 26.26 15.80
N ALA B 453 17.72 25.18 15.08
CA ALA B 453 17.36 24.97 13.67
C ALA B 453 15.85 24.76 13.59
N SER B 454 15.36 23.73 14.28
CA SER B 454 13.93 23.44 14.50
C SER B 454 13.17 24.74 14.81
N VAL B 455 13.72 25.51 15.75
CA VAL B 455 13.10 26.77 16.26
C VAL B 455 13.05 27.78 15.12
N GLY B 456 14.14 27.94 14.37
CA GLY B 456 14.18 28.83 13.20
C GLY B 456 13.29 28.33 12.07
N ALA B 457 13.14 27.01 11.93
CA ALA B 457 12.24 26.39 10.95
C ALA B 457 10.80 26.79 11.29
N ILE B 458 10.32 26.54 12.53
CA ILE B 458 9.05 27.15 13.05
C ILE B 458 9.10 28.65 12.77
N GLY B 459 10.12 29.33 13.29
CA GLY B 459 10.28 30.80 13.26
C GLY B 459 9.92 31.42 11.91
N LEU B 460 10.33 30.80 10.80
CA LEU B 460 10.37 31.45 9.46
C LEU B 460 9.53 30.72 8.40
N PHE B 461 9.38 29.40 8.47
CA PHE B 461 8.77 28.59 7.38
C PHE B 461 7.24 28.76 7.34
N TYR B 462 6.64 29.53 8.25
CA TYR B 462 5.24 30.02 8.15
C TYR B 462 5.14 31.19 7.15
N GLY B 463 6.24 31.92 6.91
CA GLY B 463 6.29 32.99 5.90
C GLY B 463 6.18 32.47 4.48
N ALA B 464 6.24 31.14 4.26
CA ALA B 464 5.96 30.50 2.96
C ALA B 464 4.52 30.85 2.51
N GLY B 465 3.63 31.18 3.44
CA GLY B 465 2.21 31.50 3.18
C GLY B 465 2.02 32.89 2.58
N PHE B 466 3.06 33.73 2.51
CA PHE B 466 2.97 35.09 1.92
C PHE B 466 3.35 35.07 0.44
N PHE B 467 3.60 33.90 -0.13
CA PHE B 467 4.00 33.73 -1.55
C PHE B 467 2.76 33.55 -2.41
N TYR B 468 1.59 33.57 -1.79
CA TYR B 468 0.29 33.68 -2.48
C TYR B 468 -0.49 34.79 -1.82
N GLY B 469 -1.17 35.56 -2.66
CA GLY B 469 -2.14 36.57 -2.26
C GLY B 469 -3.51 36.13 -2.63
N GLU B 470 -4.44 37.06 -2.56
CA GLU B 470 -5.87 36.82 -2.76
C GLU B 470 -6.18 36.20 -4.12
N ARG B 471 -5.58 36.78 -5.17
CA ARG B 471 -5.91 36.46 -6.57
C ARG B 471 -4.86 35.54 -7.16
N THR B 472 -3.97 35.07 -6.33
CA THR B 472 -2.98 34.09 -6.78
C THR B 472 -3.77 32.89 -7.28
N HIS B 473 -3.20 32.23 -8.25
CA HIS B 473 -3.72 31.02 -8.87
C HIS B 473 -3.83 29.97 -7.80
N LEU B 474 -4.96 29.30 -7.73
CA LEU B 474 -5.15 28.19 -6.80
C LEU B 474 -3.94 27.29 -6.77
N THR B 475 -3.37 26.93 -7.91
CA THR B 475 -2.28 25.92 -7.98
C THR B 475 -1.06 26.47 -7.24
N VAL B 476 -0.87 27.78 -7.34
CA VAL B 476 0.27 28.44 -6.66
C VAL B 476 -0.06 28.62 -5.18
N MET B 477 -1.28 29.03 -4.87
CA MET B 477 -1.72 29.13 -3.48
C MET B 477 -1.48 27.74 -2.89
N GLU B 478 -1.83 26.73 -3.63
CA GLU B 478 -1.86 25.37 -3.11
C GLU B 478 -0.42 25.01 -2.79
N TYR B 479 0.47 25.40 -3.67
CA TYR B 479 1.89 25.09 -3.53
C TYR B 479 2.33 25.63 -2.18
N TRP B 480 2.12 26.92 -1.99
CA TRP B 480 2.61 27.64 -0.80
C TRP B 480 1.85 27.25 0.46
N ARG B 481 0.56 27.01 0.34
CA ARG B 481 -0.26 26.73 1.52
C ARG B 481 0.26 25.43 2.13
N TRP B 482 0.72 24.51 1.29
CA TRP B 482 1.10 23.19 1.82
C TRP B 482 2.53 23.23 2.38
N TRP B 483 3.35 24.19 1.99
CA TRP B 483 4.51 24.55 2.84
C TRP B 483 4.04 24.76 4.27
N ILE B 484 3.08 25.65 4.48
CA ILE B 484 2.56 25.92 5.85
C ILE B 484 2.01 24.61 6.40
N VAL B 485 0.91 24.12 5.86
CA VAL B 485 0.09 23.15 6.63
C VAL B 485 0.87 21.85 6.78
N HIS B 486 1.63 21.46 5.77
CA HIS B 486 2.27 20.12 5.74
C HIS B 486 3.70 20.23 6.23
N LEU B 487 4.45 21.15 5.66
CA LEU B 487 5.90 21.27 5.88
C LEU B 487 6.10 21.83 7.28
N TRP B 488 5.52 22.99 7.56
CA TRP B 488 5.72 23.77 8.81
C TRP B 488 5.12 23.04 10.01
N VAL B 489 3.85 22.65 9.92
CA VAL B 489 3.20 21.79 10.94
C VAL B 489 3.85 20.41 10.85
N GLU B 490 3.40 19.57 9.92
CA GLU B 490 3.65 18.11 9.96
C GLU B 490 5.15 17.81 9.87
N GLY B 491 6.00 18.78 9.49
CA GLY B 491 7.47 18.62 9.41
C GLY B 491 8.22 19.32 10.53
N PHE B 492 8.21 20.65 10.53
CA PHE B 492 9.06 21.46 11.45
C PHE B 492 8.54 21.45 12.88
N PHE B 493 7.23 21.33 13.10
CA PHE B 493 6.66 21.10 14.45
C PHE B 493 7.15 19.75 14.94
N GLU B 494 7.06 18.69 14.12
CA GLU B 494 7.53 17.33 14.49
C GLU B 494 8.96 17.47 15.03
N VAL B 495 9.87 18.00 14.19
CA VAL B 495 11.31 17.96 14.51
C VAL B 495 11.53 18.80 15.76
N PHE B 496 10.88 19.96 15.87
CA PHE B 496 11.00 20.82 17.07
C PHE B 496 10.54 20.06 18.30
N ALA B 497 9.36 19.41 18.21
CA ALA B 497 8.84 18.55 19.30
C ALA B 497 9.92 17.55 19.68
N THR B 498 10.24 16.65 18.72
CA THR B 498 11.18 15.51 18.87
C THR B 498 12.51 15.99 19.46
N THR B 499 13.00 17.13 18.97
CA THR B 499 14.25 17.77 19.42
C THR B 499 14.08 18.31 20.83
N ALA B 500 12.94 18.95 21.11
CA ALA B 500 12.64 19.57 22.42
C ALA B 500 12.42 18.44 23.44
N LEU B 501 11.87 17.31 23.02
CA LEU B 501 11.71 16.14 23.90
C LEU B 501 13.09 15.55 24.20
N ALA B 502 13.82 15.16 23.15
CA ALA B 502 15.24 14.69 23.21
C ALA B 502 16.00 15.57 24.19
N PHE B 503 15.85 16.88 24.05
CA PHE B 503 16.50 17.90 24.88
C PHE B 503 16.03 17.82 26.33
N ILE B 504 14.73 17.70 26.54
CA ILE B 504 14.15 17.63 27.91
C ILE B 504 14.63 16.34 28.57
N PHE B 505 14.49 15.20 27.90
CA PHE B 505 14.80 13.88 28.48
C PHE B 505 16.29 13.83 28.79
N SER B 506 17.10 14.43 27.91
CA SER B 506 18.57 14.46 28.05
C SER B 506 18.85 15.34 29.27
N THR B 507 18.23 16.50 29.35
CA THR B 507 18.37 17.47 30.47
C THR B 507 17.91 16.82 31.78
N LEU B 508 16.88 15.99 31.71
CA LEU B 508 16.34 15.25 32.87
C LEU B 508 17.29 14.13 33.26
N GLY B 509 18.26 13.80 32.39
CA GLY B 509 19.24 12.73 32.57
C GLY B 509 18.63 11.36 32.34
N LEU B 510 17.55 11.30 31.57
CA LEU B 510 16.87 10.03 31.22
C LEU B 510 17.59 9.38 30.05
N VAL B 511 18.23 10.21 29.21
CA VAL B 511 18.91 9.77 27.97
C VAL B 511 20.23 10.53 27.92
N SER B 512 21.26 9.94 27.32
CA SER B 512 22.68 10.35 27.47
C SER B 512 22.89 11.81 27.08
N ARG B 513 22.22 12.25 26.01
CA ARG B 513 22.49 13.49 25.22
C ARG B 513 23.14 13.09 23.91
N ARG B 514 24.10 12.17 23.95
CA ARG B 514 24.57 11.45 22.73
C ARG B 514 23.35 10.77 22.13
N MET B 515 22.68 9.91 22.90
CA MET B 515 21.49 9.13 22.48
C MET B 515 20.41 10.10 22.01
N ALA B 516 20.25 11.25 22.66
CA ALA B 516 19.27 12.30 22.30
C ALA B 516 19.66 12.96 20.98
N THR B 517 20.84 13.60 20.93
CA THR B 517 21.38 14.28 19.73
C THR B 517 21.30 13.34 18.54
N THR B 518 21.79 12.12 18.73
CA THR B 518 21.78 11.06 17.69
C THR B 518 20.34 10.75 17.29
N ALA B 519 19.48 10.45 18.27
CA ALA B 519 18.07 10.05 18.03
C ALA B 519 17.38 11.13 17.22
N SER B 520 17.63 12.39 17.57
CA SER B 520 16.87 13.56 17.10
C SER B 520 17.43 14.05 15.77
N LEU B 521 18.72 13.89 15.52
CA LEU B 521 19.27 14.14 14.17
C LEU B 521 18.75 13.07 13.20
N ALA B 522 18.77 11.79 13.59
CA ALA B 522 18.36 10.66 12.73
C ALA B 522 16.87 10.79 12.38
N SER B 523 16.06 11.10 13.40
CA SER B 523 14.63 11.47 13.30
C SER B 523 14.47 12.63 12.31
N ALA B 524 15.21 13.71 12.51
CA ALA B 524 15.11 14.90 11.66
C ALA B 524 15.23 14.40 10.23
N SER B 525 16.32 13.71 9.93
CA SER B 525 16.62 13.19 8.57
C SER B 525 15.48 12.30 8.09
N LEU B 526 15.01 11.41 8.96
CA LEU B 526 13.94 10.42 8.63
C LEU B 526 12.67 11.17 8.23
N PHE B 527 12.24 12.13 9.05
CA PHE B 527 10.98 12.87 8.86
C PHE B 527 11.10 13.78 7.65
N MET B 528 12.22 14.48 7.51
CA MET B 528 12.43 15.52 6.47
C MET B 528 12.58 14.85 5.12
N LEU B 529 13.15 13.65 5.10
CA LEU B 529 13.37 12.92 3.82
C LEU B 529 12.01 12.78 3.14
N GLY B 530 11.04 12.16 3.82
CA GLY B 530 9.69 11.93 3.27
C GLY B 530 8.84 13.18 3.41
N GLY B 531 8.92 13.84 4.54
CA GLY B 531 8.12 15.01 4.89
C GLY B 531 8.15 16.03 3.77
N ILE B 532 9.34 16.53 3.47
CA ILE B 532 9.50 17.81 2.75
C ILE B 532 8.97 17.67 1.33
N PRO B 533 9.41 16.67 0.53
CA PRO B 533 8.83 16.46 -0.80
C PRO B 533 7.40 15.93 -0.67
N GLY B 534 7.08 15.25 0.43
CA GLY B 534 5.71 14.80 0.74
C GLY B 534 4.71 15.93 0.73
N THR B 535 5.15 17.20 0.73
CA THR B 535 4.29 18.40 0.58
C THR B 535 3.39 18.22 -0.66
N PHE B 536 3.97 17.63 -1.69
CA PHE B 536 3.34 17.36 -2.99
C PHE B 536 2.20 16.36 -2.87
N HIS B 537 2.06 15.61 -1.79
CA HIS B 537 0.91 14.69 -1.75
C HIS B 537 -0.40 15.51 -1.64
N HIS B 538 -0.31 16.81 -1.39
CA HIS B 538 -1.43 17.79 -1.33
C HIS B 538 -1.72 18.41 -2.69
N LEU B 539 -0.81 18.28 -3.66
CA LEU B 539 -0.82 19.03 -4.94
C LEU B 539 -1.01 18.07 -6.13
N TYR B 540 -1.29 16.80 -5.90
CA TYR B 540 -1.46 15.82 -6.99
C TYR B 540 -2.43 16.33 -8.05
N PHE B 541 -3.57 16.84 -7.58
CA PHE B 541 -4.75 17.19 -8.40
C PHE B 541 -5.00 18.68 -8.38
N ALA B 542 -4.03 19.49 -7.97
CA ALA B 542 -4.24 20.94 -7.72
C ALA B 542 -3.74 21.71 -8.93
N GLY B 543 -3.83 21.14 -10.11
CA GLY B 543 -3.35 21.87 -11.28
C GLY B 543 -1.91 21.55 -11.50
N THR B 544 -1.47 20.40 -10.97
CA THR B 544 -0.03 20.06 -11.03
C THR B 544 0.13 18.96 -12.06
N THR B 545 1.35 18.75 -12.51
CA THR B 545 1.70 17.67 -13.46
C THR B 545 2.22 16.48 -12.68
N THR B 546 2.18 15.32 -13.35
CA THR B 546 2.56 13.98 -12.86
C THR B 546 3.89 13.98 -12.10
N PRO B 547 4.98 14.69 -12.50
CA PRO B 547 6.20 14.63 -11.72
C PRO B 547 5.89 14.96 -10.26
N VAL B 548 5.14 16.04 -10.08
CA VAL B 548 4.79 16.55 -8.74
C VAL B 548 4.14 15.38 -8.01
N MET B 549 3.32 14.64 -8.73
CA MET B 549 2.59 13.50 -8.16
C MET B 549 3.55 12.36 -7.83
N ALA B 550 4.56 12.13 -8.68
CA ALA B 550 5.60 11.10 -8.50
C ALA B 550 6.35 11.38 -7.20
N VAL B 551 6.92 12.58 -7.14
CA VAL B 551 7.71 13.09 -5.98
C VAL B 551 6.81 12.92 -4.77
N GLY B 552 5.63 13.52 -4.85
CA GLY B 552 4.69 13.53 -3.73
C GLY B 552 4.39 12.11 -3.29
N ALA B 553 4.17 11.20 -4.22
CA ALA B 553 3.73 9.82 -3.93
C ALA B 553 4.85 9.08 -3.20
N SER B 554 6.03 9.17 -3.79
CA SER B 554 7.23 8.40 -3.43
C SER B 554 7.73 8.89 -2.08
N PHE B 555 7.94 10.18 -1.97
CA PHE B 555 8.43 10.81 -0.73
C PHE B 555 7.37 10.77 0.37
N SER B 556 6.09 10.87 0.06
CA SER B 556 5.06 10.65 1.11
C SER B 556 5.14 9.18 1.55
N ALA B 557 5.50 8.26 0.65
CA ALA B 557 5.73 6.85 1.03
C ALA B 557 6.87 6.84 2.05
N LEU B 558 8.00 7.49 1.74
CA LEU B 558 9.15 7.57 2.67
C LEU B 558 8.74 8.19 4.00
N GLU B 559 7.78 9.10 4.00
CA GLU B 559 7.44 9.85 5.23
C GLU B 559 6.72 8.88 6.19
N VAL B 560 6.02 7.88 5.66
CA VAL B 560 5.29 6.87 6.48
C VAL B 560 6.28 5.95 7.18
N VAL B 561 7.44 5.72 6.56
CA VAL B 561 8.43 4.71 7.03
C VAL B 561 8.73 4.95 8.51
N PRO B 562 9.29 6.12 8.90
CA PRO B 562 9.61 6.37 10.30
C PRO B 562 8.38 6.34 11.23
N LEU B 563 7.20 6.60 10.68
CA LEU B 563 5.95 6.63 11.48
C LEU B 563 5.56 5.24 11.89
N ILE B 564 5.64 4.30 10.97
CA ILE B 564 5.09 2.94 11.20
C ILE B 564 5.93 2.24 12.26
N VAL B 565 7.22 2.57 12.36
CA VAL B 565 8.15 1.92 13.31
C VAL B 565 8.09 2.59 14.69
N LEU B 566 7.21 3.58 14.89
CA LEU B 566 7.25 4.43 16.11
C LEU B 566 6.89 3.62 17.36
N GLY B 567 6.30 2.43 17.22
CA GLY B 567 6.10 1.49 18.34
C GLY B 567 7.33 1.45 19.21
N HIS B 568 8.50 1.36 18.57
CA HIS B 568 9.79 1.20 19.24
C HIS B 568 10.20 2.48 19.94
N GLU B 569 10.09 3.60 19.25
CA GLU B 569 10.44 4.93 19.82
C GLU B 569 9.57 5.14 21.06
N ALA B 570 8.26 4.96 20.87
CA ALA B 570 7.20 5.11 21.88
C ALA B 570 7.63 4.39 23.16
N TRP B 571 8.10 3.17 22.97
CA TRP B 571 8.47 2.29 24.09
C TRP B 571 9.72 2.89 24.76
N GLU B 572 10.67 3.33 23.95
CA GLU B 572 11.92 3.98 24.42
C GLU B 572 11.55 5.17 25.31
N ASN B 573 10.56 5.97 24.91
CA ASN B 573 10.20 7.20 25.65
C ASN B 573 9.39 6.78 26.88
N TRP B 574 8.50 5.80 26.73
CA TRP B 574 7.70 5.26 27.85
C TRP B 574 8.61 4.60 28.91
N ARG B 575 9.64 3.88 28.48
CA ARG B 575 10.73 3.32 29.33
C ARG B 575 11.15 4.35 30.39
N LEU B 576 11.26 5.62 29.99
CA LEU B 576 11.78 6.74 30.81
C LEU B 576 10.93 6.98 32.06
N LYS B 577 9.66 6.56 32.07
CA LYS B 577 8.78 6.60 33.27
C LYS B 577 9.43 5.83 34.44
N THR B 578 10.26 4.84 34.14
CA THR B 578 10.83 3.86 35.09
C THR B 578 12.28 4.21 35.45
N ARG B 579 12.86 5.21 34.77
CA ARG B 579 14.30 5.54 34.89
C ARG B 579 14.55 6.23 36.24
N ALA B 580 13.55 6.95 36.76
CA ALA B 580 13.62 7.73 38.01
C ALA B 580 12.25 7.78 38.67
N PRO B 581 12.14 7.67 40.02
CA PRO B 581 10.83 7.70 40.69
C PRO B 581 10.08 9.02 40.46
N TRP B 582 10.80 10.10 40.18
CA TRP B 582 10.22 11.44 39.94
C TRP B 582 9.61 11.53 38.54
N MET B 583 9.85 10.55 37.67
CA MET B 583 9.22 10.48 36.33
C MET B 583 7.73 10.15 36.46
N GLU B 584 7.27 9.72 37.64
CA GLU B 584 5.82 9.60 37.95
C GLU B 584 5.12 10.96 37.77
N ASN B 585 5.84 12.06 37.95
CA ASN B 585 5.29 13.43 37.82
C ASN B 585 5.14 13.77 36.34
N LEU B 586 5.91 13.09 35.49
CA LEU B 586 5.88 13.27 34.02
C LEU B 586 5.13 12.10 33.38
N LYS B 587 4.44 11.31 34.18
CA LYS B 587 3.69 10.10 33.75
C LYS B 587 2.79 10.45 32.57
N TRP B 588 1.99 11.48 32.76
CA TRP B 588 0.91 11.87 31.84
C TRP B 588 1.50 12.49 30.59
N PRO B 589 2.37 13.50 30.68
CA PRO B 589 3.10 13.97 29.51
C PRO B 589 3.73 12.83 28.72
N LEU B 590 4.33 11.88 29.41
CA LEU B 590 4.92 10.69 28.78
C LEU B 590 3.84 9.84 28.12
N MET B 591 2.67 9.72 28.73
CA MET B 591 1.52 9.01 28.12
C MET B 591 1.10 9.74 26.84
N CYS B 592 1.09 11.06 26.88
CA CYS B 592 0.80 11.86 25.70
C CYS B 592 1.77 11.50 24.61
N PHE B 593 3.06 11.58 24.89
CA PHE B 593 4.13 11.36 23.87
C PHE B 593 4.09 9.94 23.35
N VAL B 594 3.47 9.02 24.10
CA VAL B 594 3.25 7.64 23.60
C VAL B 594 2.02 7.66 22.68
N ALA B 595 1.00 8.41 23.06
CA ALA B 595 -0.20 8.63 22.24
C ALA B 595 0.24 9.31 20.95
N VAL B 596 1.18 10.21 21.04
CA VAL B 596 1.75 10.83 19.84
C VAL B 596 2.32 9.74 18.95
N ALA B 597 3.20 8.93 19.48
CA ALA B 597 3.77 7.82 18.70
C ALA B 597 2.61 7.01 18.16
N PHE B 598 1.63 6.73 18.99
CA PHE B 598 0.61 5.77 18.56
C PHE B 598 -0.11 6.31 17.30
N TRP B 599 -0.49 7.57 17.37
CA TRP B 599 -1.32 8.26 16.39
C TRP B 599 -0.45 8.68 15.22
N ASN B 600 0.81 8.90 15.49
CA ASN B 600 1.75 9.16 14.39
C ASN B 600 1.74 7.92 13.52
N MET B 601 1.75 6.76 14.18
CA MET B 601 1.83 5.47 13.49
C MET B 601 0.50 5.26 12.76
N LEU B 602 -0.60 5.38 13.50
CA LEU B 602 -1.93 4.99 13.01
C LEU B 602 -2.51 6.17 12.23
N GLY B 603 -2.64 7.32 12.88
CA GLY B 603 -3.25 8.49 12.27
C GLY B 603 -2.44 8.97 11.10
N ALA B 604 -1.22 9.39 11.34
CA ALA B 604 -0.39 10.00 10.29
C ALA B 604 0.07 8.91 9.32
N GLY B 605 0.55 7.77 9.82
CA GLY B 605 1.22 6.75 8.99
C GLY B 605 0.20 5.88 8.30
N VAL B 606 -0.61 5.18 9.05
CA VAL B 606 -1.59 4.23 8.48
C VAL B 606 -2.64 5.00 7.68
N PHE B 607 -3.33 5.95 8.30
CA PHE B 607 -4.42 6.73 7.68
C PHE B 607 -3.88 7.78 6.72
N GLY B 608 -2.69 8.31 6.96
CA GLY B 608 -2.03 9.17 5.97
C GLY B 608 -1.71 8.34 4.74
N PHE B 609 -1.28 7.10 4.93
CA PHE B 609 -0.85 6.30 3.77
C PHE B 609 -2.06 5.70 3.07
N MET B 610 -3.08 5.33 3.83
CA MET B 610 -4.37 4.97 3.25
C MET B 610 -4.65 5.92 2.07
N ILE B 611 -4.56 7.24 2.31
CA ILE B 611 -5.09 8.27 1.37
C ILE B 611 -4.00 8.87 0.50
N ASN B 612 -2.82 8.30 0.48
CA ASN B 612 -1.63 8.98 -0.05
C ASN B 612 -1.27 8.58 -1.48
N PRO B 613 -1.36 7.29 -1.87
CA PRO B 613 -0.95 6.91 -3.23
C PRO B 613 -1.91 7.62 -4.17
N PRO B 614 -1.40 8.33 -5.20
CA PRO B 614 -2.24 9.18 -6.06
C PRO B 614 -3.53 8.46 -6.45
N VAL B 615 -3.45 7.18 -6.69
CA VAL B 615 -4.65 6.47 -7.17
C VAL B 615 -5.63 6.44 -6.04
N SER B 616 -5.23 6.21 -4.80
CA SER B 616 -6.21 6.17 -3.69
C SER B 616 -6.81 7.57 -3.55
N LEU B 617 -5.93 8.56 -3.48
CA LEU B 617 -6.31 9.93 -3.15
C LEU B 617 -7.17 10.44 -4.30
N TYR B 618 -6.85 10.00 -5.52
CA TYR B 618 -7.56 10.41 -6.75
C TYR B 618 -9.06 10.29 -6.51
N TYR B 619 -9.45 9.23 -5.84
CA TYR B 619 -10.84 8.92 -5.50
C TYR B 619 -11.23 9.42 -4.15
N ILE B 620 -10.29 9.51 -3.20
CA ILE B 620 -10.77 9.76 -1.83
C ILE B 620 -10.43 11.16 -1.44
N GLN B 621 -9.73 11.92 -2.26
CA GLN B 621 -9.47 13.32 -1.90
C GLN B 621 -10.82 14.02 -1.70
N GLY B 622 -11.02 14.63 -0.55
CA GLY B 622 -12.25 15.34 -0.21
C GLY B 622 -13.33 14.40 0.24
N LEU B 623 -12.97 13.17 0.58
CA LEU B 623 -13.91 12.23 1.24
C LEU B 623 -13.50 12.11 2.70
N ASN B 624 -14.40 11.55 3.50
CA ASN B 624 -14.26 11.48 4.96
C ASN B 624 -13.01 10.73 5.42
N THR B 625 -12.28 10.08 4.55
CA THR B 625 -10.98 9.47 4.89
C THR B 625 -10.00 10.58 5.25
N THR B 626 -10.13 11.75 4.66
CA THR B 626 -9.17 12.84 4.94
C THR B 626 -9.39 13.23 6.39
N PRO B 627 -10.61 13.67 6.79
CA PRO B 627 -10.82 14.07 8.17
C PRO B 627 -10.45 12.98 9.18
N VAL B 628 -10.47 11.72 8.79
CA VAL B 628 -10.07 10.58 9.64
C VAL B 628 -8.60 10.83 9.94
N HIS B 629 -7.86 10.85 8.85
CA HIS B 629 -6.43 11.11 8.88
C HIS B 629 -6.22 12.45 9.61
N ALA B 630 -6.86 13.48 9.16
CA ALA B 630 -6.59 14.82 9.70
C ALA B 630 -6.81 14.81 11.20
N HIS B 631 -7.89 14.17 11.69
CA HIS B 631 -8.17 14.12 13.13
C HIS B 631 -7.09 13.31 13.83
N ALA B 632 -6.83 12.14 13.30
CA ALA B 632 -5.96 11.16 13.94
C ALA B 632 -4.57 11.75 13.92
N ALA B 633 -4.19 12.35 12.82
CA ALA B 633 -2.83 12.88 12.67
C ALA B 633 -2.75 14.21 13.43
N LEU B 634 -3.65 15.14 13.24
CA LEU B 634 -3.38 16.48 13.78
C LEU B 634 -3.59 16.43 15.28
N PHE B 635 -4.66 15.83 15.73
CA PHE B 635 -4.93 15.78 17.18
C PHE B 635 -4.04 14.72 17.79
N GLY B 636 -4.07 13.52 17.22
CA GLY B 636 -3.41 12.35 17.80
C GLY B 636 -1.94 12.62 17.96
N VAL B 637 -1.35 13.37 17.03
CA VAL B 637 0.11 13.62 17.04
C VAL B 637 0.38 14.97 17.72
N TYR B 638 0.00 16.06 17.08
CA TYR B 638 0.41 17.42 17.48
C TYR B 638 -0.49 17.83 18.63
N GLY B 639 -1.68 17.28 18.70
CA GLY B 639 -2.59 17.65 19.77
C GLY B 639 -2.07 17.08 21.05
N PHE B 640 -1.78 15.79 21.06
CA PHE B 640 -1.18 15.10 22.23
C PHE B 640 0.22 15.68 22.51
N LEU B 641 1.04 15.94 21.49
CA LEU B 641 2.33 16.63 21.73
C LEU B 641 2.05 17.89 22.53
N ALA B 642 1.22 18.75 21.98
CA ALA B 642 0.91 20.07 22.57
C ALA B 642 0.41 19.87 23.98
N LEU B 643 -0.42 18.87 24.20
CA LEU B 643 -1.03 18.64 25.52
C LEU B 643 0.04 18.04 26.43
N GLY B 644 0.75 17.03 25.94
CA GLY B 644 1.91 16.43 26.60
C GLY B 644 2.82 17.54 27.09
N PHE B 645 3.22 18.38 26.17
CA PHE B 645 4.06 19.56 26.43
C PHE B 645 3.37 20.48 27.41
N THR B 646 2.05 20.54 27.36
CA THR B 646 1.25 21.41 28.24
C THR B 646 1.41 20.89 29.65
N LEU B 647 1.25 19.58 29.80
CA LEU B 647 1.27 18.89 31.10
C LEU B 647 2.68 18.94 31.68
N LEU B 648 3.68 18.85 30.82
CA LEU B 648 5.10 18.93 31.16
C LEU B 648 5.41 20.32 31.74
N VAL B 649 5.07 21.35 31.00
CA VAL B 649 5.28 22.75 31.43
C VAL B 649 4.49 23.01 32.72
N LEU B 650 3.28 22.49 32.79
CA LEU B 650 2.43 22.54 33.98
C LEU B 650 3.13 21.83 35.12
N ARG B 651 3.76 20.69 34.85
CA ARG B 651 4.45 19.90 35.88
C ARG B 651 5.49 20.78 36.57
N TYR B 652 6.12 21.66 35.81
CA TYR B 652 7.25 22.48 36.27
C TYR B 652 6.80 23.83 36.75
N ILE B 653 5.77 24.43 36.14
CA ILE B 653 5.38 25.82 36.49
C ILE B 653 4.36 25.77 37.61
N ARG B 654 3.85 24.58 37.89
CA ARG B 654 3.03 24.25 39.09
C ARG B 654 3.65 23.02 39.71
N PRO B 655 4.87 23.16 40.29
CA PRO B 655 5.68 22.01 40.62
C PRO B 655 5.13 21.19 41.80
N GLN B 656 4.26 21.80 42.60
CA GLN B 656 3.64 21.12 43.76
C GLN B 656 2.35 20.45 43.32
N TYR B 657 1.80 20.84 42.16
CA TYR B 657 0.46 20.36 41.71
C TYR B 657 0.59 18.95 41.15
N ALA B 658 -0.10 18.02 41.79
CA ALA B 658 -0.25 16.61 41.39
C ALA B 658 -1.46 16.50 40.47
N LEU B 659 -1.31 15.87 39.32
CA LEU B 659 -2.42 15.67 38.38
C LEU B 659 -3.34 14.60 38.97
N SER B 660 -4.64 14.76 38.78
CA SER B 660 -5.66 13.76 39.22
C SER B 660 -5.53 12.54 38.33
N PRO B 661 -5.10 11.37 38.88
CA PRO B 661 -5.01 10.14 38.10
C PRO B 661 -6.31 9.75 37.40
N GLY B 662 -7.44 10.04 38.06
CA GLY B 662 -8.79 9.79 37.54
C GLY B 662 -9.09 10.76 36.41
N LEU B 663 -8.95 12.04 36.68
CA LEU B 663 -9.19 13.11 35.69
C LEU B 663 -8.33 12.83 34.46
N MET B 664 -7.07 12.45 34.67
CA MET B 664 -6.11 12.27 33.57
C MET B 664 -6.36 10.94 32.89
N LYS B 665 -6.87 9.94 33.60
CA LYS B 665 -7.25 8.68 32.92
C LYS B 665 -8.44 9.02 32.00
N LEU B 666 -9.30 9.93 32.42
CA LEU B 666 -10.49 10.31 31.64
C LEU B 666 -10.05 11.20 30.46
N ALA B 667 -9.33 12.27 30.75
CA ALA B 667 -8.66 13.15 29.77
C ALA B 667 -7.95 12.31 28.71
N PHE B 668 -7.08 11.40 29.13
CA PHE B 668 -6.16 10.71 28.22
C PHE B 668 -6.93 9.67 27.44
N TRP B 669 -7.75 8.86 28.11
CA TRP B 669 -8.44 7.73 27.46
C TRP B 669 -9.63 8.25 26.65
N GLY B 670 -10.34 9.25 27.19
CA GLY B 670 -11.37 10.01 26.47
C GLY B 670 -10.83 10.55 25.18
N LEU B 671 -9.64 11.13 25.19
CA LEU B 671 -9.08 11.70 23.93
C LEU B 671 -8.71 10.55 23.01
N ASN B 672 -7.97 9.60 23.51
CA ASN B 672 -7.49 8.47 22.69
C ASN B 672 -8.68 7.69 22.17
N LEU B 673 -9.65 7.41 23.03
CA LEU B 673 -10.71 6.47 22.64
C LEU B 673 -11.81 7.28 21.96
N GLY B 674 -12.00 8.53 22.36
CA GLY B 674 -12.86 9.46 21.63
C GLY B 674 -12.38 9.58 20.20
N LEU B 675 -11.08 9.76 20.03
CA LEU B 675 -10.48 9.95 18.70
C LEU B 675 -10.66 8.67 17.92
N ALA B 676 -10.38 7.52 18.51
CA ALA B 676 -10.56 6.22 17.84
C ALA B 676 -12.04 6.04 17.49
N LEU B 677 -12.95 6.48 18.35
CA LEU B 677 -14.39 6.25 18.10
C LEU B 677 -14.84 7.14 16.94
N MET B 678 -14.54 8.43 17.01
CA MET B 678 -14.77 9.37 15.88
C MET B 678 -14.31 8.73 14.56
N ILE B 679 -13.07 8.24 14.51
CA ILE B 679 -12.47 7.75 13.26
C ILE B 679 -13.25 6.51 12.84
N PHE B 680 -13.33 5.54 13.73
CA PHE B 680 -13.59 4.13 13.36
C PHE B 680 -15.09 3.88 13.22
N THR B 681 -15.91 4.59 13.97
CA THR B 681 -17.36 4.36 14.06
C THR B 681 -18.12 5.35 13.20
N SER B 682 -17.47 6.42 12.75
CA SER B 682 -18.15 7.47 11.95
C SER B 682 -17.31 7.77 10.72
N LEU B 683 -16.21 8.47 10.88
CA LEU B 683 -15.53 9.12 9.75
C LEU B 683 -15.07 8.05 8.76
N LEU B 684 -14.46 6.99 9.26
CA LEU B 684 -13.80 6.00 8.37
C LEU B 684 -14.87 5.21 7.61
N PRO B 685 -15.89 4.63 8.28
CA PRO B 685 -16.99 3.96 7.57
C PRO B 685 -17.56 4.86 6.45
N ILE B 686 -17.78 6.13 6.75
CA ILE B 686 -18.31 7.14 5.80
C ILE B 686 -17.32 7.30 4.66
N GLY B 687 -16.09 7.62 4.98
CA GLY B 687 -15.07 7.76 3.94
C GLY B 687 -15.05 6.54 3.05
N LEU B 688 -15.28 5.34 3.59
CA LEU B 688 -15.20 4.10 2.77
C LEU B 688 -16.45 3.96 1.90
N ILE B 689 -17.61 4.21 2.47
CA ILE B 689 -18.89 4.28 1.72
C ILE B 689 -18.78 5.32 0.62
N GLN B 690 -18.14 6.45 0.91
CA GLN B 690 -17.94 7.49 -0.11
C GLN B 690 -16.88 7.06 -1.11
N PHE B 691 -15.88 6.38 -0.63
CA PHE B 691 -14.80 5.91 -1.50
C PHE B 691 -15.47 5.01 -2.52
N HIS B 692 -16.34 4.15 -2.03
CA HIS B 692 -17.11 3.23 -2.87
C HIS B 692 -17.85 4.03 -3.93
N ALA B 693 -18.54 5.07 -3.48
CA ALA B 693 -19.36 5.94 -4.34
C ALA B 693 -18.44 6.65 -5.31
N SER B 694 -17.34 7.17 -4.83
CA SER B 694 -16.41 7.97 -5.66
C SER B 694 -15.91 7.10 -6.80
N VAL B 695 -15.58 5.85 -6.47
CA VAL B 695 -14.99 4.87 -7.43
C VAL B 695 -16.13 4.43 -8.34
N SER B 696 -17.29 4.12 -7.76
CA SER B 696 -18.41 3.56 -8.55
C SER B 696 -18.92 4.65 -9.51
N GLU B 697 -19.27 5.81 -8.99
CA GLU B 697 -20.01 6.83 -9.76
C GLU B 697 -19.11 7.99 -10.17
N GLY B 698 -18.20 8.40 -9.29
CA GLY B 698 -17.46 9.65 -9.47
C GLY B 698 -17.48 10.50 -8.21
N MET B 699 -16.57 11.45 -8.15
CA MET B 699 -16.36 12.31 -6.99
C MET B 699 -17.66 13.08 -6.73
N TRP B 700 -18.23 13.69 -7.78
CA TRP B 700 -19.50 14.46 -7.71
C TRP B 700 -20.49 13.62 -6.91
N TYR B 701 -20.54 12.33 -7.17
CA TYR B 701 -21.60 11.47 -6.58
C TYR B 701 -21.31 11.27 -5.09
N ALA B 702 -20.05 11.06 -4.74
CA ALA B 702 -19.57 10.76 -3.38
C ALA B 702 -19.84 11.97 -2.49
N ARG B 703 -19.86 13.15 -3.10
CA ARG B 703 -20.00 14.43 -2.36
C ARG B 703 -21.42 14.96 -2.47
N SER B 704 -22.28 14.26 -3.18
CA SER B 704 -23.58 14.79 -3.65
C SER B 704 -24.53 14.69 -2.48
N GLU B 705 -25.50 15.58 -2.42
CA GLU B 705 -26.45 15.58 -1.29
C GLU B 705 -27.21 14.26 -1.33
N ALA B 706 -27.70 13.81 -2.48
CA ALA B 706 -28.53 12.59 -2.49
C ALA B 706 -27.76 11.49 -1.77
N PHE B 707 -26.47 11.36 -2.09
CA PHE B 707 -25.62 10.29 -1.56
C PHE B 707 -25.32 10.52 -0.09
N MET B 708 -24.88 11.73 0.23
CA MET B 708 -24.49 12.12 1.61
C MET B 708 -25.69 12.06 2.53
N GLN B 709 -26.91 12.18 1.98
CA GLN B 709 -28.14 12.19 2.79
C GLN B 709 -28.75 10.80 2.82
N GLN B 710 -28.03 9.79 2.39
CA GLN B 710 -28.57 8.43 2.55
C GLN B 710 -28.52 8.01 4.01
N ASP B 711 -29.33 7.02 4.36
CA ASP B 711 -29.65 6.70 5.77
C ASP B 711 -28.40 6.19 6.46
N ILE B 712 -27.61 5.34 5.80
CA ILE B 712 -26.43 4.76 6.48
C ILE B 712 -25.54 5.92 6.91
N LEU B 713 -25.33 6.86 5.99
CA LEU B 713 -24.43 8.00 6.21
C LEU B 713 -25.04 8.89 7.28
N LYS B 714 -26.34 9.06 7.29
CA LYS B 714 -27.00 9.91 8.31
C LYS B 714 -26.69 9.27 9.68
N THR B 715 -26.81 7.96 9.75
CA THR B 715 -26.64 7.20 10.99
C THR B 715 -25.18 7.24 11.40
N LEU B 716 -24.25 7.12 10.44
CA LEU B 716 -22.80 7.14 10.73
C LEU B 716 -22.40 8.55 11.15
N ARG B 717 -23.00 9.56 10.55
CA ARG B 717 -22.74 10.95 10.94
C ARG B 717 -23.30 11.20 12.34
N TRP B 718 -24.44 10.61 12.62
CA TRP B 718 -25.08 10.77 13.96
CA TRP B 718 -25.07 10.77 13.96
C TRP B 718 -24.22 10.02 14.99
N GLY B 719 -23.75 8.83 14.62
CA GLY B 719 -22.98 7.93 15.48
C GLY B 719 -21.63 8.51 15.85
N ARG B 720 -21.21 9.53 15.13
CA ARG B 720 -19.98 10.28 15.46
C ARG B 720 -20.11 10.78 16.90
N THR B 721 -21.33 11.15 17.29
CA THR B 721 -21.68 11.79 18.57
C THR B 721 -21.10 11.00 19.73
N PHE B 722 -21.08 9.67 19.64
CA PHE B 722 -20.51 8.77 20.68
C PHE B 722 -19.05 9.18 20.93
N GLY B 723 -18.22 9.05 19.89
CA GLY B 723 -16.79 9.38 19.96
C GLY B 723 -16.59 10.84 20.28
N ASP B 724 -17.40 11.69 19.70
CA ASP B 724 -17.32 13.15 19.89
C ASP B 724 -17.52 13.44 21.36
N VAL B 725 -18.42 12.71 22.00
CA VAL B 725 -18.78 12.94 23.42
C VAL B 725 -17.68 12.31 24.27
N VAL B 726 -17.29 11.08 23.95
CA VAL B 726 -16.18 10.43 24.68
C VAL B 726 -14.99 11.37 24.60
N PHE B 727 -14.78 11.96 23.44
CA PHE B 727 -13.66 12.87 23.16
C PHE B 727 -13.84 14.18 23.95
N LEU B 728 -15.01 14.77 23.90
CA LEU B 728 -15.31 16.07 24.58
C LEU B 728 -15.08 15.86 26.10
N LEU B 729 -15.49 14.70 26.63
CA LEU B 729 -15.21 14.24 28.00
C LEU B 729 -13.71 14.31 28.25
N GLY B 730 -12.93 13.56 27.49
CA GLY B 730 -11.46 13.61 27.56
C GLY B 730 -10.96 15.04 27.52
N ALA B 731 -11.35 15.78 26.49
CA ALA B 731 -10.88 17.15 26.28
C ALA B 731 -11.27 17.97 27.50
N LEU B 732 -12.46 17.72 28.05
CA LEU B 732 -12.98 18.51 29.18
C LEU B 732 -12.10 18.24 30.39
N ALA B 733 -11.81 16.97 30.61
CA ALA B 733 -10.98 16.45 31.71
C ALA B 733 -9.62 17.07 31.60
N MET B 734 -9.04 16.98 30.41
CA MET B 734 -7.75 17.63 30.09
C MET B 734 -7.84 19.14 30.38
N VAL B 735 -8.90 19.80 29.95
CA VAL B 735 -9.01 21.27 30.10
C VAL B 735 -9.11 21.58 31.58
N VAL B 736 -9.98 20.87 32.28
CA VAL B 736 -10.22 21.09 33.74
C VAL B 736 -8.89 20.86 34.43
N GLN B 737 -8.31 19.68 34.17
CA GLN B 737 -7.04 19.27 34.78
C GLN B 737 -6.05 20.42 34.71
N VAL B 738 -5.79 20.92 33.52
CA VAL B 738 -4.79 22.00 33.30
C VAL B 738 -5.28 23.24 34.04
N ILE B 739 -6.58 23.56 33.99
CA ILE B 739 -7.16 24.75 34.67
C ILE B 739 -6.88 24.63 36.17
N LEU B 740 -7.22 23.49 36.77
CA LEU B 740 -7.00 23.25 38.21
C LEU B 740 -5.51 23.47 38.50
N GLY B 741 -4.64 22.75 37.79
CA GLY B 741 -3.18 22.94 37.87
C GLY B 741 -2.81 24.40 37.91
N LEU B 742 -3.31 25.17 36.97
CA LEU B 742 -2.95 26.59 36.79
C LEU B 742 -3.51 27.38 37.96
N LEU B 743 -4.70 27.02 38.45
CA LEU B 743 -5.38 27.70 39.58
C LEU B 743 -4.73 27.34 40.91
N SER B 744 -3.92 26.28 40.95
CA SER B 744 -3.17 25.84 42.16
C SER B 744 -1.89 26.67 42.33
N GLY B 745 -1.48 26.90 43.58
CA GLY B 745 -0.33 27.74 43.99
C GLY B 745 -0.23 29.04 43.21
N LYS B 746 -0.93 30.10 43.65
CA LYS B 746 -0.98 31.44 43.00
C LYS B 746 -1.66 31.32 41.63
N PRO B 747 -3.01 31.49 41.55
CA PRO B 747 -3.76 31.25 40.31
C PRO B 747 -3.50 32.26 39.16
N ALA B 748 -2.69 31.82 38.18
CA ALA B 748 -2.18 32.64 37.05
C ALA B 748 -2.54 31.96 35.73
N ALA B 749 -3.81 32.09 35.34
CA ALA B 749 -4.41 31.56 34.08
C ALA B 749 -5.12 32.66 33.27
N ALA B 750 -4.36 33.63 32.75
CA ALA B 750 -4.88 34.79 31.95
C ALA B 750 -5.38 34.31 30.59
CHA HEM C . 9.87 -18.24 -14.17
CHB HEM C . 14.23 -17.17 -15.76
CHC HEM C . 16.15 -18.58 -11.64
CHD HEM C . 11.85 -19.79 -10.12
C1A HEM C . 10.90 -17.83 -14.96
C2A HEM C . 10.77 -17.40 -16.27
C3A HEM C . 12.02 -17.13 -16.73
C4A HEM C . 12.90 -17.36 -15.68
CMA HEM C . 12.46 -16.65 -18.09
CAA HEM C . 9.52 -17.40 -17.07
CBA HEM C . 8.90 -16.03 -17.25
CGA HEM C . 7.72 -16.30 -18.19
O1A HEM C . 6.69 -16.93 -17.75
O2A HEM C . 7.77 -16.02 -19.40
C1B HEM C . 15.11 -17.46 -14.76
C2B HEM C . 16.47 -17.18 -14.87
C3B HEM C . 17.04 -17.54 -13.65
C4B HEM C . 15.95 -18.06 -12.86
CMB HEM C . 17.11 -16.52 -16.02
CAB HEM C . 18.42 -17.58 -13.19
CBB HEM C . 19.44 -17.31 -13.98
C1C HEM C . 15.17 -19.11 -10.85
C2C HEM C . 15.35 -19.67 -9.60
C3C HEM C . 14.12 -20.00 -9.15
C4C HEM C . 13.21 -19.66 -10.18
CMC HEM C . 16.65 -19.82 -8.88
CAC HEM C . 13.72 -20.68 -7.92
CBC HEM C . 14.58 -21.51 -7.35
C1D HEM C . 10.98 -19.43 -11.13
C2D HEM C . 9.54 -19.54 -10.96
C3D HEM C . 8.98 -19.13 -12.12
C4D HEM C . 10.09 -18.72 -12.92
CMD HEM C . 8.78 -20.01 -9.78
CAD HEM C . 7.51 -19.07 -12.44
CBD HEM C . 7.26 -17.63 -12.11
CGD HEM C . 5.87 -17.11 -12.26
O1D HEM C . 4.99 -17.68 -12.91
O2D HEM C . 5.62 -15.98 -11.79
NA HEM C . 12.22 -17.82 -14.64
NB HEM C . 14.84 -18.00 -13.58
NC HEM C . 13.88 -19.11 -11.16
ND HEM C . 11.26 -18.91 -12.28
FE HEM C . 12.94 -18.50 -12.90
CHA HEM D . 2.50 -15.15 -6.70
CHB HEM D . 5.86 -17.33 -4.16
CHC HEM D . 4.87 -14.55 -0.44
CHD HEM D . 1.48 -12.49 -3.01
C1A HEM D . 3.53 -15.96 -6.31
C2A HEM D . 4.26 -16.77 -7.20
C3A HEM D . 5.20 -17.42 -6.52
C4A HEM D . 5.07 -16.95 -5.19
CMA HEM D . 6.22 -18.40 -7.06
CAA HEM D . 3.92 -16.93 -8.66
CBA HEM D . 2.70 -17.85 -8.60
CGA HEM D . 2.16 -17.96 -10.01
O1A HEM D . 0.93 -18.03 -10.29
O2A HEM D . 2.98 -18.01 -10.94
C1B HEM D . 5.86 -16.75 -2.90
C2B HEM D . 6.74 -17.17 -1.86
C3B HEM D . 6.45 -16.41 -0.76
C4B HEM D . 5.41 -15.48 -1.24
CMB HEM D . 7.72 -18.30 -2.00
CAB HEM D . 7.07 -16.30 0.59
CBB HEM D . 8.39 -16.56 0.71
C1C HEM D . 3.84 -13.68 -0.79
C2C HEM D . 3.38 -12.59 -0.05
C3C HEM D . 2.40 -11.99 -0.84
C4C HEM D . 2.33 -12.76 -2.01
CMC HEM D . 3.95 -12.22 1.30
CAC HEM D . 1.48 -10.84 -0.61
CBC HEM D . 1.22 -10.39 0.56
C1D HEM D . 1.48 -13.04 -4.23
C2D HEM D . 0.49 -12.69 -5.21
C3D HEM D . 0.79 -13.45 -6.25
C4D HEM D . 1.95 -14.23 -5.89
CMD HEM D . -0.64 -11.68 -5.12
CAD HEM D . 0.03 -13.52 -7.52
CBD HEM D . 0.74 -12.76 -8.62
CGD HEM D . 0.00 -13.21 -9.89
O1D HEM D . -1.05 -13.89 -9.77
O2D HEM D . 0.42 -12.92 -11.05
NA HEM D . 4.09 -16.06 -5.09
NB HEM D . 5.12 -15.75 -2.48
NC HEM D . 3.18 -13.74 -1.95
ND HEM D . 2.30 -13.95 -4.65
FE HEM D . 3.69 -14.76 -3.65
FE FE E . 0.60 -16.72 -2.29
CA CA F . 2.86 -18.01 -13.24
O10 10M G . -12.28 2.88 -14.48
C22 10M G . -13.34 2.28 -13.70
C21 10M G . -14.67 2.97 -13.89
O9 10M G . -14.84 3.28 -15.29
C14 10M G . -15.69 2.00 -13.27
O3 10M G . -17.03 2.37 -13.56
C15 10M G . -17.50 1.90 -14.84
C20 10M G . -18.83 2.57 -15.21
O8 10M G . -18.76 3.98 -14.93
C19 10M G . -20.02 1.92 -14.48
O7 10M G . -20.91 1.34 -15.45
C18 10M G . -19.62 0.85 -13.43
O6 10M G . -19.18 1.49 -12.22
C16 10M G . -18.55 -0.13 -13.94
C17 10M G . -19.18 -1.36 -14.60
O5 10M G . -18.18 -2.27 -15.05
O4 10M G . -17.64 0.47 -14.88
C12 10M G . -15.42 1.94 -11.75
C13 10M G . -16.34 1.04 -10.94
O2 10M G . -15.65 0.48 -9.81
O1 10M G . -14.07 1.53 -11.48
C11 10M G . -13.07 2.24 -12.19
S 10M G . -11.56 1.40 -11.98
C10 10M G . -11.28 1.45 -10.25
C9 10M G . -9.79 1.59 -10.01
C8 10M G . -9.45 2.53 -8.87
C7 10M G . -8.49 1.96 -7.84
C6 10M G . -8.47 2.56 -6.45
C5 10M G . -7.12 3.08 -6.02
C4 10M G . -6.77 2.82 -4.54
C3 10M G . -6.12 1.48 -4.28
C2 10M G . -5.73 1.33 -2.81
C1 10M G . -4.51 0.46 -2.58
C1 UQ1 H . 21.00 -17.24 -22.64
O1 UQ1 H . 21.46 -18.21 -23.24
C2 UQ1 H . 19.90 -16.52 -23.25
O2 UQ1 H . 19.60 -16.82 -24.55
CM2 UQ1 H . 19.55 -15.72 -25.44
C3 UQ1 H . 19.23 -15.54 -22.48
O3 UQ1 H . 18.31 -14.65 -22.95
CM3 UQ1 H . 18.81 -13.32 -23.12
C4 UQ1 H . 19.52 -15.44 -21.12
O4 UQ1 H . 18.71 -14.90 -20.37
C5 UQ1 H . 20.82 -15.90 -20.62
CM5 UQ1 H . 21.32 -15.32 -19.33
C6 UQ1 H . 21.55 -16.80 -21.38
C7 UQ1 H . 22.89 -17.30 -20.91
C8 UQ1 H . 22.96 -17.65 -19.44
C9 UQ1 H . 22.33 -18.64 -18.83
C10 UQ1 H . 21.87 -18.53 -17.40
C11 UQ1 H . 22.09 -19.97 -19.46
O6 LOP I . 3.48 -35.97 23.47
C6 LOP I . 4.24 -30.15 23.96
C7 LOP I . 2.93 -29.53 23.57
C8 LOP I . 2.28 -30.24 22.40
C9 LOP I . 0.92 -29.74 22.01
C10 LOP I . 0.93 -28.74 20.88
C11 LOP I . 1.08 -29.39 19.51
C12 LOP I . -0.20 -29.61 18.78
C13 LOP I . -0.44 -28.61 17.69
C14 LOP I . -1.40 -28.68 16.82
C15 LOP I . -1.77 -27.62 15.84
C16 LOP I . -0.81 -27.52 14.71
C17 LOP I . 0.47 -26.78 15.05
C18 LOP I . 1.09 -25.98 13.93
C19 LOP I . 0.87 -26.52 12.52
C20 LOP I . 2.04 -26.38 11.60
C21 LOP I . 2.67 -25.02 11.57
C22 LOP I . 1.72 -23.84 11.57
C24 LOP I . 3.29 -34.84 23.07
C25 LOP I . 3.69 -34.34 21.71
C26 LOP I . 2.54 -33.89 20.85
C27 LOP I . 2.81 -34.03 19.36
C28 LOP I . 2.28 -32.90 18.49
C29 LOP I . 1.78 -33.36 17.14
C30 LOP I . 1.41 -32.24 16.19
C31 LOP I . 0.97 -32.74 14.82
C32 LOP I . 0.10 -31.78 14.04
C33 LOP I . -0.12 -32.16 12.59
C34 LOP I . -0.35 -30.99 11.66
C35 LOP I . -0.74 -31.38 10.26
C4 LOP J . 28.85 -9.19 6.84
C5 LOP J . 27.76 -10.06 6.27
O5 LOP J . 28.43 -8.60 8.10
O6 LOP J . 26.56 -9.25 6.11
C6 LOP J . 28.35 -7.26 8.19
O7 LOP J . 29.32 -6.55 8.03
C7 LOP J . 26.97 -6.77 8.55
C8 LOP J . 26.60 -5.45 7.92
C9 LOP J . 25.13 -5.39 7.49
C10 LOP J . 24.59 -3.98 7.35
C11 LOP J . 23.30 -3.86 6.55
C12 LOP J . 22.59 -2.52 6.73
C13 LOP J . 22.31 -1.74 5.48
C14 LOP J . 20.91 -1.90 4.97
C15 LOP J . 20.19 -1.02 4.31
C16 LOP J . 20.64 0.36 3.93
C17 LOP J . 19.53 1.25 3.43
C18 LOP J . 18.86 2.09 4.50
C19 LOP J . 17.48 2.58 4.12
C20 LOP J . 16.66 3.13 5.27
C21 LOP J . 15.18 3.22 4.97
C22 LOP J . 14.50 4.48 5.44
C23 LOP J . 14.31 5.54 4.37
C24 LOP J . 25.40 -9.80 6.48
O8 LOP J . 24.92 -9.63 7.58
C25 LOP J . 24.81 -10.66 5.39
C26 LOP J . 23.71 -9.98 4.61
C27 LOP J . 23.49 -10.65 3.25
C28 LOP J . 22.05 -10.92 2.86
C29 LOP J . 21.33 -9.76 2.24
C30 LOP J . 21.14 -9.86 0.74
C31 LOP J . 21.01 -8.52 0.07
C32 LOP J . 21.17 -8.51 -1.44
C33 LOP J . 20.28 -7.52 -2.15
C34 LOP J . 20.87 -6.87 -3.37
C35 LOP J . 19.96 -5.78 -3.88
C3 LOP K . 1.60 0.28 26.72
C4 LOP K . 0.44 -0.14 25.84
C5 LOP K . -0.16 1.02 25.07
O5 LOP K . 0.88 -1.15 24.89
O6 LOP K . 0.68 2.18 25.21
C6 LOP K . 0.80 -2.44 25.28
O7 LOP K . 1.37 -2.83 26.26
C7 LOP K . -0.09 -3.27 24.41
C8 LOP K . 0.44 -3.48 23.04
C9 LOP K . -0.51 -4.28 22.16
C10 LOP K . -1.27 -3.46 21.12
C11 LOP K . -1.20 -4.01 19.71
C12 LOP K . -2.34 -4.94 19.33
C13 LOP K . -2.32 -6.29 20.01
C14 LOP K . -1.83 -7.39 19.13
C15 LOP K . -0.58 -7.61 18.82
C16 LOP K . -0.10 -7.86 17.41
C17 LOP K . -0.64 -6.83 16.45
C18 LOP K . -0.14 -6.96 15.02
C19 LOP K . -0.21 -8.35 14.48
C20 LOP K . -0.12 -8.44 12.98
C21 LOP K . -0.31 -9.84 12.47
C22 LOP K . 0.50 -10.15 11.24
C23 LOP K . 0.39 -11.59 10.79
C24 LOP K . 0.08 3.31 25.55
O8 LOP K . 0.18 3.81 26.64
C25 LOP K . -0.72 3.86 24.39
C26 LOP K . -1.65 4.96 24.73
C27 LOP K . -2.01 5.80 23.53
C28 LOP K . -2.65 5.06 22.37
C29 LOP K . -4.06 4.60 22.64
C30 LOP K . -4.86 4.32 21.39
C31 LOP K . -6.31 3.98 21.65
C32 LOP K . -7.17 3.97 20.42
C33 LOP K . -7.18 2.66 19.67
C34 LOP K . -7.25 2.78 18.16
C35 LOP K . -7.95 1.62 17.48
C3 LOP L . -16.09 -29.69 -2.16
C4 LOP L . -16.68 -28.37 -1.72
O5 LOP L . -16.30 -28.11 -0.34
C6 LOP L . -15.15 -27.43 -0.13
O7 LOP L . -14.88 -26.44 -0.74
C7 LOP L . -14.29 -28.02 0.96
C8 LOP L . -13.29 -27.06 1.57
C9 LOP L . -12.21 -27.78 2.35
C10 LOP L . -11.75 -27.07 3.60
C11 LOP L . -11.08 -27.91 4.65
C12 LOP L . -10.32 -27.09 5.69
C13 LOP L . -9.83 -27.87 6.88
C14 LOP L . -8.35 -28.12 6.88
C15 LOP L . -7.78 -29.29 6.95
C24 LOP L . -19.24 -26.02 2.19
C25 LOP L . -17.83 -26.41 2.53
C26 LOP L . -17.30 -25.69 3.76
C27 LOP L . -16.21 -26.43 4.50
C28 LOP L . -15.76 -25.76 5.80
C29 LOP L . -14.47 -26.31 6.37
C30 LOP L . -14.07 -25.72 7.70
C31 LOP L . -12.68 -26.10 8.16
C32 LOP L . -12.48 -26.06 9.66
C33 LOP L . -11.02 -26.09 10.10
C34 LOP L . -10.81 -25.82 11.57
O5 LOP M . 17.00 -33.70 -29.94
C6 LOP M . 16.60 -33.89 -28.81
C7 LOP M . 15.71 -35.04 -28.38
C8 LOP M . 15.85 -35.41 -26.92
C9 LOP M . 14.57 -35.18 -26.14
C10 LOP M . 14.66 -35.33 -24.62
C11 LOP M . 14.11 -36.61 -24.05
C12 LOP M . 13.17 -36.46 -22.86
C13 LOP M . 13.59 -35.50 -21.77
C14 LOP M . 13.96 -36.19 -20.50
C15 LOP M . 13.38 -36.08 -19.35
C16 LOP M . 14.04 -36.32 -18.03
C17 LOP M . 15.06 -35.28 -17.70
C18 LOP M . 15.81 -35.49 -16.39
C19 LOP M . 15.70 -34.35 -15.40
C20 LOP M . 16.51 -34.56 -14.15
C21 LOP M . 17.20 -33.31 -13.62
C22 LOP M . 18.57 -33.02 -14.19
C23 LOP M . 19.63 -32.67 -13.15
C6 LOP N . -6.63 -39.90 -7.54
C7 LOP N . -5.73 -39.15 -6.57
C8 LOP N . -5.50 -39.86 -5.24
C9 LOP N . -4.30 -39.38 -4.47
C10 LOP N . -3.75 -40.40 -3.51
C11 LOP N . -2.56 -40.38 -2.94
C12 LOP N . -2.14 -41.20 -1.76
C13 LOP N . -0.75 -41.80 -1.86
C14 LOP N . -0.04 -41.94 -0.53
C15 LOP N . 1.04 -43.01 -0.49
C16 LOP N . 1.89 -43.00 0.78
C17 LOP N . 3.15 -43.86 0.72
C18 LOP N . 4.32 -43.42 1.61
C19 LOP N . 4.48 -44.22 2.89
C24 LOP N . -10.43 -36.54 -7.04
C25 LOP N . -11.39 -36.96 -5.96
C26 LOP N . -10.90 -36.61 -4.56
C27 LOP N . -9.80 -37.48 -4.02
C28 LOP N . -9.10 -36.93 -2.81
C29 LOP N . -7.95 -37.77 -2.29
C30 LOP N . -6.82 -36.98 -1.63
C31 LOP N . -6.71 -37.16 -0.13
C32 LOP N . -5.51 -36.48 0.49
C33 LOP N . -4.23 -37.29 0.45
C34 LOP N . -4.12 -38.32 1.56
C24 LOP O . 13.31 1.94 14.39
C25 LOP O . 12.96 0.55 13.90
C26 LOP O . 12.07 -0.25 14.83
C27 LOP O . 12.38 -1.74 14.79
C28 LOP O . 11.27 -2.67 15.24
C29 LOP O . 11.39 -4.09 14.71
C30 LOP O . 10.66 -5.15 15.52
C31 LOP O . 10.12 -6.30 14.71
C32 LOP O . 9.34 -7.37 15.48
O10 10M P . -8.98 1.15 -15.43
C22 10M P . -8.81 2.26 -14.49
C21 10M P . -9.18 3.64 -15.01
O9 10M P . -8.46 4.50 -14.12
C14 10M P . -8.62 3.91 -16.38
O3 10M P . -9.35 3.18 -17.39
C15 10M P . -9.69 3.93 -18.56
C20 10M P . -10.13 2.92 -19.63
O8 10M P . -9.16 1.85 -19.64
C19 10M P . -10.27 3.51 -21.04
O7 10M P . -11.67 3.69 -21.37
C18 10M P . -9.50 4.83 -21.21
O6 10M P . -9.22 5.05 -22.61
C16 10M P . -8.21 4.74 -20.38
C17 10M P . -7.18 5.84 -20.66
O5 10M P . -5.96 5.25 -21.14
O4 10M P . -8.57 4.75 -18.99
C12 10M P . -7.14 3.53 -16.31
C13 10M P . -6.23 4.43 -17.16
O2 10M P . -5.03 4.82 -16.46
O1 10M P . -6.75 3.56 -14.92
C11 10M P . -7.35 2.52 -14.09
S 10M P . -7.25 2.94 -12.35
C10 10M P . -6.13 1.69 -11.89
C9 10M P . -5.93 1.41 -10.40
C8 10M P . -4.48 1.01 -10.19
C7 10M P . -4.14 -0.02 -9.13
C6 10M P . -3.51 0.70 -7.93
C5 10M P . -3.06 -0.29 -6.87
C4 10M P . -1.57 -0.20 -6.61
C3 10M P . -1.23 1.02 -5.80
C2 10M P . -1.55 0.83 -4.33
C1 10M P . -1.58 2.17 -3.64
CHA HEM Q . -12.62 18.97 10.60
CHB HEM Q . -15.52 17.51 14.09
CHC HEM Q . -11.89 17.48 17.17
CHD HEM Q . -9.06 19.08 13.76
C1A HEM Q . -13.72 18.58 11.30
C2A HEM Q . -15.01 18.52 10.77
C3A HEM Q . -15.84 18.14 11.78
C4A HEM Q . -15.04 17.93 12.90
CMA HEM Q . -17.32 17.94 11.77
CAA HEM Q . -15.42 18.95 9.41
CBA HEM Q . -15.69 17.80 8.45
CGA HEM Q . -16.19 18.51 7.19
O1A HEM Q . -15.39 19.19 6.48
O2A HEM Q . -17.41 18.54 6.91
C1B HEM Q . -14.76 17.38 15.22
C2B HEM Q . -15.29 16.88 16.40
C3B HEM Q . -14.24 16.81 17.30
C4B HEM Q . -13.09 17.31 16.57
CMB HEM Q . -16.68 16.42 16.59
CAB HEM Q . -14.17 16.48 18.72
CBB HEM Q . -15.24 16.23 19.43
C1C HEM Q . -10.78 17.97 16.55
C2C HEM Q . -9.54 18.17 17.15
C3C HEM Q . -8.72 18.62 16.17
C4C HEM Q . -9.51 18.70 14.99
CMC HEM Q . -9.20 17.89 18.57
CAC HEM Q . -7.33 19.02 16.24
CBC HEM Q . -6.87 19.52 17.37
C1D HEM Q . -9.84 19.14 12.62
C2D HEM Q . -9.27 19.47 11.33
C3D HEM Q . -10.28 19.48 10.44
C4D HEM Q . -11.42 19.09 11.21
CMD HEM Q . -7.85 19.78 11.00
CAD HEM Q . -10.19 19.78 8.97
CBD HEM Q . -10.08 18.37 8.45
CGD HEM Q . -9.94 18.18 6.98
O1D HEM Q . -10.21 19.05 6.14
O2D HEM Q . -9.64 17.03 6.58
NA HEM Q . -13.79 18.24 12.61
NB HEM Q . -13.47 17.66 15.35
NC HEM Q . -10.72 18.30 15.27
ND HEM Q . -11.10 18.88 12.48
FE HEM Q . -12.21 18.32 13.84
CHA HEM R . -4.14 15.59 4.57
CHB HEM R . -2.26 16.40 8.85
CHC HEM R . 1.00 13.03 8.07
CHD HEM R . -0.88 12.35 3.78
C1A HEM R . -3.91 16.07 5.82
C2A HEM R . -4.79 16.91 6.51
C3A HEM R . -4.29 17.19 7.72
C4A HEM R . -3.08 16.45 7.78
CMA HEM R . -4.89 18.07 8.80
CAA HEM R . -6.04 17.49 5.90
CBA HEM R . -5.48 18.58 4.99
CGA HEM R . -6.64 19.14 4.20
O1A HEM R . -6.56 19.51 2.99
O2A HEM R . -7.73 19.26 4.76
C1B HEM R . -1.17 15.54 8.99
C2B HEM R . -0.36 15.53 10.15
C3B HEM R . 0.62 14.58 9.94
C4B HEM R . 0.27 14.01 8.62
CMB HEM R . -0.55 16.45 11.32
CAB HEM R . 1.69 14.03 10.82
CBB HEM R . 1.48 14.01 12.14
C1C HEM R . 0.79 12.50 6.81
C2C HEM R . 1.39 11.35 6.27
C3C HEM R . 0.81 11.16 5.03
C4C HEM R . -0.12 12.20 4.87
CMC HEM R . 2.43 10.56 7.02
CAC HEM R . 1.06 10.19 3.91
CBC HEM R . 2.15 9.54 3.83
C1D HEM R . -1.93 13.17 3.65
C2D HEM R . -2.65 13.26 2.41
C3D HEM R . -3.57 14.18 2.64
C4D HEM R . -3.40 14.62 4.01
CMD HEM R . -2.44 12.50 1.12
CAD HEM R . -4.54 14.70 1.65
CBD HEM R . -5.92 14.13 1.90
CGD HEM R . -6.83 15.01 1.02
O1D HEM R . -6.28 15.82 0.22
O2D HEM R . -8.09 14.94 1.07
NA HEM R . -2.88 15.76 6.66
NB HEM R . -0.77 14.63 8.14
NC HEM R . -0.12 12.95 5.93
ND HEM R . -2.38 13.98 4.55
FE HEM R . -1.66 14.25 6.28
FE FE S . 0.84 16.36 4.15
CA CA T . -9.87 19.85 4.14
C1 UQ1 U . -23.57 17.45 17.32
O1 UQ1 U . -23.23 18.51 17.82
C2 UQ1 U . -24.94 17.23 17.03
O2 UQ1 U . -25.80 18.25 16.77
CM2 UQ1 U . -26.82 17.95 15.81
C3 UQ1 U . -25.32 15.90 17.11
O3 UQ1 U . -26.44 15.51 17.77
CM3 UQ1 U . -26.29 15.45 19.19
C4 UQ1 U . -24.48 14.95 16.48
O4 UQ1 U . -24.93 13.90 16.05
C5 UQ1 U . -23.05 15.25 16.43
CM5 UQ1 U . -22.16 14.31 15.70
C6 UQ1 U . -22.63 16.38 17.11
C7 UQ1 U . -21.24 16.47 17.69
C8 UQ1 U . -21.12 15.89 19.08
C9 UQ1 U . -21.45 16.46 20.23
C10 UQ1 U . -20.44 16.77 21.30
C11 UQ1 U . -22.87 16.77 20.59
N1 LOP V . -24.27 0.15 -1.98
C1 LOP V . -22.89 -0.04 -2.45
C2 LOP V . -22.21 -1.24 -1.84
O1 LOP V . -20.90 -0.90 -1.29
P1 LOP V . -20.80 -0.10 0.10
O2 LOP V . -19.38 -0.57 0.70
O3 LOP V . -21.88 -0.57 1.03
O4 LOP V . -20.68 1.37 -0.23
C3 LOP V . -19.00 -0.12 2.03
C4 LOP V . -17.76 -0.85 2.50
C5 LOP V . -17.22 -0.32 3.81
O5 LOP V . -18.08 -2.27 2.64
O6 LOP V . -18.30 0.28 4.56
C6 LOP V . -17.09 -3.18 2.69
O7 LOP V . -16.44 -3.48 1.71
C7 LOP V . -16.83 -3.77 4.06
C8 LOP V . -15.43 -3.57 4.54
C9 LOP V . -15.26 -3.83 6.04
C10 LOP V . -13.92 -4.44 6.43
C11 LOP V . -13.21 -3.78 7.60
C12 LOP V . -12.38 -4.72 8.47
C13 LOP V . -10.97 -4.94 8.00
C14 LOP V . -9.95 -4.06 8.68
C15 LOP V . -9.18 -4.39 9.69
C16 LOP V . -9.30 -3.91 11.09
C17 LOP V . -7.98 -3.66 11.80
C18 LOP V . -6.95 -2.83 11.04
C19 LOP V . -7.46 -1.49 10.52
C20 LOP V . -6.70 -0.29 11.01
C21 LOP V . -7.00 0.11 12.45
C22 LOP V . -6.05 -0.39 13.51
C23 LOP V . -6.30 0.18 14.89
C24 LOP V . -18.44 -0.08 5.84
O8 LOP V . -19.34 -0.78 6.22
C25 LOP V . -17.37 0.54 6.69
C26 LOP V . -16.44 -0.44 7.33
C27 LOP V . -15.94 0.01 8.71
C28 LOP V . -14.44 0.09 8.83
C29 LOP V . -13.95 0.51 10.20
C30 LOP V . -13.97 -0.60 11.24
C31 LOP V . -13.84 -0.13 12.67
C32 LOP V . -14.81 -0.78 13.64
C4 LOP W . 6.31 6.55 -19.88
C5 LOP W . 5.13 5.62 -19.66
O5 LOP W . 6.43 7.49 -18.78
O6 LOP W . 5.41 4.77 -18.53
C6 LOP W . 7.46 7.35 -17.92
O7 LOP W . 8.62 7.45 -18.27
C7 LOP W . 6.98 7.10 -16.52
C8 LOP W . 8.04 6.64 -15.56
C9 LOP W . 7.47 6.35 -14.16
C10 LOP W . 8.32 5.44 -13.27
C11 LOP W . 9.83 5.53 -13.45
C12 LOP W . 10.65 5.60 -12.17
C13 LOP W . 10.43 4.45 -11.22
C14 LOP W . 11.52 4.33 -10.21
C15 LOP W . 11.56 4.89 -9.02
C24 LOP W . 6.12 3.67 -18.76
O8 LOP W . 5.81 2.85 -19.58
C25 LOP W . 7.34 3.59 -17.86
C26 LOP W . 7.11 2.87 -16.57
C27 LOP W . 8.36 2.78 -15.69
C28 LOP W . 9.43 1.84 -16.21
C29 LOP W . 10.80 2.02 -15.59
C30 LOP W . 10.91 1.60 -14.14
C31 LOP W . 12.14 0.77 -13.81
C32 LOP W . 12.97 1.26 -12.64
C33 LOP W . 13.17 0.24 -11.55
C34 LOP W . 11.94 -0.13 -10.76
C35 LOP W . 11.24 1.03 -10.07
C3 LOP X . 30.30 25.89 18.54
C4 LOP X . 29.37 25.21 17.55
C5 LOP X . 29.41 23.70 17.62
O5 LOP X . 28.00 25.66 17.80
O6 LOP X . 28.63 23.17 16.52
C6 LOP X . 27.59 26.79 17.20
O7 LOP X . 27.67 27.87 17.74
C7 LOP X . 27.05 26.57 15.82
C8 LOP X . 25.67 26.00 15.79
C9 LOP X . 24.60 27.04 16.12
C10 LOP X . 23.80 27.51 14.93
C11 LOP X . 22.83 26.49 14.39
C12 LOP X . 21.71 27.10 13.56
C13 LOP X . 21.11 26.16 12.58
C14 LOP X . 19.83 26.62 11.93
C15 LOP X . 19.42 27.86 11.77
C16 LOP X . 18.03 28.26 11.35
C17 LOP X . 17.60 27.65 10.04
C18 LOP X . 16.53 26.58 10.16
C19 LOP X . 15.93 26.12 8.84
C20 LOP X . 16.92 25.44 7.90
C21 LOP X . 16.36 25.18 6.52
C22 LOP X . 15.99 23.74 6.23
C23 LOP X . 15.08 23.11 7.26
C24 LOP X . 27.42 22.68 16.79
O8 LOP X . 26.79 22.92 17.78
C25 LOP X . 26.93 21.81 15.67
C26 LOP X . 26.58 22.59 14.43
C27 LOP X . 25.46 21.97 13.62
C28 LOP X . 25.07 22.76 12.41
C29 LOP X . 23.70 22.43 11.87
C30 LOP X . 23.13 23.43 10.90
C31 LOP X . 21.63 23.33 10.71
C32 LOP X . 21.19 22.76 9.39
C33 LOP X . 19.69 22.61 9.29
C34 LOP X . 19.15 21.38 9.97
C35 LOP X . 17.69 21.43 10.29
O6 LOP Y . -26.71 35.71 17.93
C6 LOP Y . -23.61 41.37 14.25
C7 LOP Y . -22.68 42.10 13.30
C8 LOP Y . -21.41 42.60 13.92
C9 LOP Y . -20.54 41.51 14.54
C10 LOP Y . -19.14 41.93 14.87
C11 LOP Y . -18.20 40.78 15.10
C12 LOP Y . -16.90 40.86 15.22
C13 LOP Y . -16.03 42.03 14.85
C14 LOP Y . -15.28 42.63 16.01
C15 LOP Y . -13.92 43.21 15.62
C16 LOP Y . -13.03 43.55 16.79
C17 LOP Y . -12.33 42.36 17.40
C18 LOP Y . -10.95 42.08 16.84
C19 LOP Y . -9.88 43.09 17.19
C20 LOP Y . -8.54 42.49 17.55
C24 LOP Y . -25.67 36.31 17.86
C25 LOP Y . -25.08 36.87 16.59
C26 LOP Y . -24.05 37.95 16.79
C27 LOP Y . -22.63 37.43 16.87
C28 LOP Y . -21.57 38.51 16.66
C29 LOP Y . -20.12 38.05 16.49
C30 LOP Y . -19.81 36.66 17.03
C31 LOP Y . -18.38 36.46 17.49
C32 LOP Y . -17.31 36.95 16.55
C33 LOP Y . -15.97 36.26 16.75
C34 LOP Y . -14.93 37.04 17.53
C35 LOP Y . -13.98 36.14 18.31
O6 LOP Z . 11.09 29.27 -5.68
C24 LOP Z . 10.53 28.09 -5.40
O8 LOP Z . 10.79 27.45 -4.41
C25 LOP Z . 9.56 27.67 -6.47
C26 LOP Z . 8.71 28.81 -7.03
C27 LOP Z . 9.26 29.40 -8.31
C28 LOP Z . 8.47 30.59 -8.84
C29 LOP Z . 8.92 31.10 -10.19
C30 LOP Z . 8.07 30.64 -11.38
C31 LOP Z . 7.32 31.74 -12.09
C32 LOP Z . 6.27 31.26 -13.04
C33 LOP Z . 5.18 31.92 -13.38
C34 LOP Z . 3.76 31.45 -13.25
C35 LOP Z . 2.85 32.45 -12.60
O6 LOP AA . 2.38 37.64 -4.90
C6 LOP AA . 1.50 40.76 0.43
C7 LOP AA . 2.35 41.12 1.64
C8 LOP AA . 2.66 39.95 2.56
C9 LOP AA . 4.05 39.96 3.17
C10 LOP AA . 4.07 39.67 4.66
C11 LOP AA . 5.43 39.51 5.26
C12 LOP AA . 5.42 39.72 6.74
C13 LOP AA . 6.40 40.20 7.46
C14 LOP AA . 6.22 41.14 8.62
C15 LOP AA . 6.19 40.48 9.95
C16 LOP AA . 7.54 40.00 10.45
C17 LOP AA . 7.96 40.58 11.79
C18 LOP AA . 9.19 39.94 12.39
C19 LOP AA . 9.69 40.59 13.66
C20 LOP AA . 9.03 40.14 14.96
C21 LOP AA . 9.83 40.53 16.18
C24 LOP AA . 3.00 37.11 -3.99
C25 LOP AA . 4.50 37.02 -3.87
C26 LOP AA . 5.12 38.26 -3.27
C27 LOP AA . 6.31 37.96 -2.33
C28 LOP AA . 6.03 38.23 -0.86
C29 LOP AA . 7.20 38.00 0.05
C30 LOP AA . 6.86 37.29 1.34
C31 LOP AA . 8.03 37.08 2.28
C32 LOP AA . 7.91 35.84 3.15
C33 LOP AA . 8.86 35.78 4.33
C34 LOP AA . 10.00 34.79 4.18
C35 LOP AA . 9.68 33.39 4.64
#